data_5EVG
# 
_entry.id   5EVG 
# 
_audit_conform.dict_name       mmcif_pdbx.dic 
_audit_conform.dict_version    5.397 
_audit_conform.dict_location   http://mmcif.pdb.org/dictionaries/ascii/mmcif_pdbx.dic 
# 
loop_
_database_2.database_id 
_database_2.database_code 
_database_2.pdbx_database_accession 
_database_2.pdbx_DOI 
PDB   5EVG         pdb_00005evg 10.2210/pdb5evg/pdb 
WWPDB D_1000215118 ?            ?                   
# 
loop_
_pdbx_audit_revision_history.ordinal 
_pdbx_audit_revision_history.data_content_type 
_pdbx_audit_revision_history.major_revision 
_pdbx_audit_revision_history.minor_revision 
_pdbx_audit_revision_history.revision_date 
1 'Structure model' 1 0 2016-10-26 
2 'Structure model' 1 1 2017-09-06 
3 'Structure model' 1 2 2017-10-18 
4 'Structure model' 1 3 2017-12-20 
5 'Structure model' 1 4 2020-01-08 
6 'Structure model' 1 5 2023-09-27 
7 'Structure model' 1 6 2024-10-30 
# 
_pdbx_audit_revision_details.ordinal             1 
_pdbx_audit_revision_details.revision_ordinal    1 
_pdbx_audit_revision_details.data_content_type   'Structure model' 
_pdbx_audit_revision_details.provider            repository 
_pdbx_audit_revision_details.type                'Initial release' 
_pdbx_audit_revision_details.description         ? 
_pdbx_audit_revision_details.details             ? 
# 
loop_
_pdbx_audit_revision_group.ordinal 
_pdbx_audit_revision_group.revision_ordinal 
_pdbx_audit_revision_group.data_content_type 
_pdbx_audit_revision_group.group 
1 2 'Structure model' 'Author supporting evidence' 
2 2 'Structure model' 'Derived calculations'       
3 3 'Structure model' 'Database references'        
4 4 'Structure model' 'Database references'        
5 5 'Structure model' 'Author supporting evidence' 
6 6 'Structure model' 'Data collection'            
7 6 'Structure model' 'Database references'        
8 6 'Structure model' 'Refinement description'     
9 7 'Structure model' 'Structure summary'          
# 
loop_
_pdbx_audit_revision_category.ordinal 
_pdbx_audit_revision_category.revision_ordinal 
_pdbx_audit_revision_category.data_content_type 
_pdbx_audit_revision_category.category 
1  2 'Structure model' pdbx_audit_support            
2  2 'Structure model' pdbx_struct_oper_list         
3  3 'Structure model' citation                      
4  4 'Structure model' citation                      
5  5 'Structure model' pdbx_audit_support            
6  6 'Structure model' chem_comp_atom                
7  6 'Structure model' chem_comp_bond                
8  6 'Structure model' database_2                    
9  6 'Structure model' pdbx_initial_refinement_model 
10 7 'Structure model' pdbx_entry_details            
11 7 'Structure model' pdbx_modification_feature     
# 
loop_
_pdbx_audit_revision_item.ordinal 
_pdbx_audit_revision_item.revision_ordinal 
_pdbx_audit_revision_item.data_content_type 
_pdbx_audit_revision_item.item 
1  2 'Structure model' '_pdbx_audit_support.funding_organization'  
2  2 'Structure model' '_pdbx_struct_oper_list.symmetry_operation' 
3  3 'Structure model' '_citation.country'                         
4  3 'Structure model' '_citation.journal_abbrev'                  
5  3 'Structure model' '_citation.journal_id_ASTM'                 
6  3 'Structure model' '_citation.journal_id_CSD'                  
7  3 'Structure model' '_citation.journal_id_ISSN'                 
8  3 'Structure model' '_citation.journal_volume'                  
9  3 'Structure model' '_citation.page_first'                      
10 3 'Structure model' '_citation.page_last'                       
11 3 'Structure model' '_citation.pdbx_database_id_DOI'            
12 3 'Structure model' '_citation.title'                           
13 3 'Structure model' '_citation.year'                            
14 4 'Structure model' '_citation.country'                         
15 4 'Structure model' '_citation.journal_abbrev'                  
16 4 'Structure model' '_citation.journal_id_ASTM'                 
17 4 'Structure model' '_citation.journal_id_CSD'                  
18 4 'Structure model' '_citation.journal_id_ISSN'                 
19 4 'Structure model' '_citation.pdbx_database_id_DOI'            
20 4 'Structure model' '_citation.pdbx_database_id_PubMed'         
21 4 'Structure model' '_citation.title'                           
22 5 'Structure model' '_pdbx_audit_support.funding_organization'  
23 6 'Structure model' '_database_2.pdbx_DOI'                      
24 6 'Structure model' '_database_2.pdbx_database_accession'       
# 
_pdbx_database_status.status_code                     REL 
_pdbx_database_status.status_code_sf                  REL 
_pdbx_database_status.status_code_mr                  ? 
_pdbx_database_status.entry_id                        5EVG 
_pdbx_database_status.recvd_initial_deposition_date   2015-11-19 
_pdbx_database_status.SG_entry                        N 
_pdbx_database_status.deposit_site                    RCSB 
_pdbx_database_status.process_site                    RCSB 
_pdbx_database_status.status_code_cs                  ? 
_pdbx_database_status.methods_development_category    ? 
_pdbx_database_status.pdb_format_compatible           Y 
_pdbx_database_status.status_code_nmr_data            ? 
# 
_pdbx_database_related.db_name        PDB 
_pdbx_database_related.details        . 
_pdbx_database_related.db_id          5EVF 
_pdbx_database_related.content_type   unspecified 
# 
loop_
_audit_author.name 
_audit_author.pdbx_ordinal 
'Kolappan, S.'  1 
'Lo, K.Y.'      2 
'Shen, C.L.J.'  3 
'Guttman, J.A.' 4 
'Craig, L.'     5 
# 
loop_
_citation.abstract 
_citation.abstract_id_CAS 
_citation.book_id_ISBN 
_citation.book_publisher 
_citation.book_publisher_city 
_citation.book_title 
_citation.coordinate_linkage 
_citation.country 
_citation.database_id_Medline 
_citation.details 
_citation.id 
_citation.journal_abbrev 
_citation.journal_id_ASTM 
_citation.journal_id_CSD 
_citation.journal_id_ISSN 
_citation.journal_full 
_citation.journal_issue 
_citation.journal_volume 
_citation.language 
_citation.page_first 
_citation.page_last 
_citation.title 
_citation.year 
_citation.database_id_CSD 
_citation.pdbx_database_id_DOI 
_citation.pdbx_database_id_PubMed 
_citation.unpublished_flag 
? ? ? ? ? ? ? ?  ? ? primary 'Acta Crystallogr D Struct Biol' ? ?   2059-7983 ? ? 73 ? 814  821  
'Structure of the conserved Francisella virulence protein FvfA.'              2017 ? 10.1107/S205979831701333X 28994410 ? 
? ? ? ? ? ? ? US ? ? 1       'Infect. Immun.'                 ? 999 1098-5522 ? ? 83 ? 3015 3025 
'Identifying Francisella tularensis genes required for growth in host cells.' 2015 ? 10.1128/IAI.00004-15      25987704 ? 
# 
loop_
_citation_author.citation_id 
_citation_author.name 
_citation_author.ordinal 
_citation_author.identifier_ORCID 
primary 'Kolappan, S.'  1  ? 
primary 'Lo, K.Y.'      2  ? 
primary 'Shen, C.L.J.'  3  ? 
primary 'Guttman, J.A.' 4  ? 
primary 'Craig, L.'     5  ? 
1       'Brunton, J.'   6  ? 
1       'Steele, S.'    7  ? 
1       'Miller, C.'    8  ? 
1       'Lovullo, E.'   9  ? 
1       'Taft-Benz, S.' 10 ? 
1       'Kawula, T.'    11 ? 
# 
loop_
_entity.id 
_entity.type 
_entity.src_method 
_entity.pdbx_description 
_entity.formula_weight 
_entity.pdbx_number_of_molecules 
_entity.pdbx_ec 
_entity.pdbx_mutation 
_entity.pdbx_fragment 
_entity.details 
1 polymer man 'Francisella virulence factor' 11902.308 1  ? ? 'UNP residues 32-132' ? 
2 water   nat water                          18.015    57 ? ? ?                     ? 
# 
_entity_poly.entity_id                      1 
_entity_poly.type                           'polypeptide(L)' 
_entity_poly.nstd_linkage                   no 
_entity_poly.nstd_monomer                   no 
_entity_poly.pdbx_seq_one_letter_code       
;GSHMETKGVYLPKYSAELPPTDPSQVRVYNLQYQSDTQGNIGQVRTSTHVSNEKDFQKLCDKNLKEAIKLAAQHGAHEIK
YICLYPEGQINELSSVQLRGYAFRD
;
_entity_poly.pdbx_seq_one_letter_code_can   
;GSHMETKGVYLPKYSAELPPTDPSQVRVYNLQYQSDTQGNIGQVRTSTHVSNEKDFQKLCDKNLKEAIKLAAQHGAHEIK
YICLYPEGQINELSSVQLRGYAFRD
;
_entity_poly.pdbx_strand_id                 A 
_entity_poly.pdbx_target_identifier         ? 
# 
_pdbx_entity_nonpoly.entity_id   2 
_pdbx_entity_nonpoly.name        water 
_pdbx_entity_nonpoly.comp_id     HOH 
# 
loop_
_entity_poly_seq.entity_id 
_entity_poly_seq.num 
_entity_poly_seq.mon_id 
_entity_poly_seq.hetero 
1 1   GLY n 
1 2   SER n 
1 3   HIS n 
1 4   MET n 
1 5   GLU n 
1 6   THR n 
1 7   LYS n 
1 8   GLY n 
1 9   VAL n 
1 10  TYR n 
1 11  LEU n 
1 12  PRO n 
1 13  LYS n 
1 14  TYR n 
1 15  SER n 
1 16  ALA n 
1 17  GLU n 
1 18  LEU n 
1 19  PRO n 
1 20  PRO n 
1 21  THR n 
1 22  ASP n 
1 23  PRO n 
1 24  SER n 
1 25  GLN n 
1 26  VAL n 
1 27  ARG n 
1 28  VAL n 
1 29  TYR n 
1 30  ASN n 
1 31  LEU n 
1 32  GLN n 
1 33  TYR n 
1 34  GLN n 
1 35  SER n 
1 36  ASP n 
1 37  THR n 
1 38  GLN n 
1 39  GLY n 
1 40  ASN n 
1 41  ILE n 
1 42  GLY n 
1 43  GLN n 
1 44  VAL n 
1 45  ARG n 
1 46  THR n 
1 47  SER n 
1 48  THR n 
1 49  HIS n 
1 50  VAL n 
1 51  SER n 
1 52  ASN n 
1 53  GLU n 
1 54  LYS n 
1 55  ASP n 
1 56  PHE n 
1 57  GLN n 
1 58  LYS n 
1 59  LEU n 
1 60  CYS n 
1 61  ASP n 
1 62  LYS n 
1 63  ASN n 
1 64  LEU n 
1 65  LYS n 
1 66  GLU n 
1 67  ALA n 
1 68  ILE n 
1 69  LYS n 
1 70  LEU n 
1 71  ALA n 
1 72  ALA n 
1 73  GLN n 
1 74  HIS n 
1 75  GLY n 
1 76  ALA n 
1 77  HIS n 
1 78  GLU n 
1 79  ILE n 
1 80  LYS n 
1 81  TYR n 
1 82  ILE n 
1 83  CYS n 
1 84  LEU n 
1 85  TYR n 
1 86  PRO n 
1 87  GLU n 
1 88  GLY n 
1 89  GLN n 
1 90  ILE n 
1 91  ASN n 
1 92  GLU n 
1 93  LEU n 
1 94  SER n 
1 95  SER n 
1 96  VAL n 
1 97  GLN n 
1 98  LEU n 
1 99  ARG n 
1 100 GLY n 
1 101 TYR n 
1 102 ALA n 
1 103 PHE n 
1 104 ARG n 
1 105 ASP n 
# 
_entity_src_gen.entity_id                          1 
_entity_src_gen.pdbx_src_id                        1 
_entity_src_gen.pdbx_alt_source_flag               sample 
_entity_src_gen.pdbx_seq_type                      'Biological sequence' 
_entity_src_gen.pdbx_beg_seq_num                   1 
_entity_src_gen.pdbx_end_seq_num                   105 
_entity_src_gen.gene_src_common_name               ? 
_entity_src_gen.gene_src_genus                     ? 
_entity_src_gen.pdbx_gene_src_gene                 ACX55_1794 
_entity_src_gen.gene_src_species                   ? 
_entity_src_gen.gene_src_strain                    ? 
_entity_src_gen.gene_src_tissue                    ? 
_entity_src_gen.gene_src_tissue_fraction           ? 
_entity_src_gen.gene_src_details                   ? 
_entity_src_gen.pdbx_gene_src_fragment             ? 
_entity_src_gen.pdbx_gene_src_scientific_name      'Francisella novicida' 
_entity_src_gen.pdbx_gene_src_ncbi_taxonomy_id     264 
_entity_src_gen.pdbx_gene_src_variant              ? 
_entity_src_gen.pdbx_gene_src_cell_line            ? 
_entity_src_gen.pdbx_gene_src_atcc                 ? 
_entity_src_gen.pdbx_gene_src_organ                ? 
_entity_src_gen.pdbx_gene_src_organelle            ? 
_entity_src_gen.pdbx_gene_src_cell                 ? 
_entity_src_gen.pdbx_gene_src_cellular_location    ? 
_entity_src_gen.host_org_common_name               ? 
_entity_src_gen.pdbx_host_org_scientific_name      'Escherichia coli' 
_entity_src_gen.pdbx_host_org_ncbi_taxonomy_id     562 
_entity_src_gen.host_org_genus                     ? 
_entity_src_gen.pdbx_host_org_gene                 ? 
_entity_src_gen.pdbx_host_org_organ                ? 
_entity_src_gen.host_org_species                   ? 
_entity_src_gen.pdbx_host_org_tissue               ? 
_entity_src_gen.pdbx_host_org_tissue_fraction      ? 
_entity_src_gen.pdbx_host_org_strain               ? 
_entity_src_gen.pdbx_host_org_variant              ? 
_entity_src_gen.pdbx_host_org_cell_line            ? 
_entity_src_gen.pdbx_host_org_atcc                 ? 
_entity_src_gen.pdbx_host_org_culture_collection   ? 
_entity_src_gen.pdbx_host_org_cell                 ? 
_entity_src_gen.pdbx_host_org_organelle            ? 
_entity_src_gen.pdbx_host_org_cellular_location    ? 
_entity_src_gen.pdbx_host_org_vector_type          ? 
_entity_src_gen.pdbx_host_org_vector               ? 
_entity_src_gen.host_org_details                   ? 
_entity_src_gen.expression_system_id               ? 
_entity_src_gen.plasmid_name                       ? 
_entity_src_gen.plasmid_details                    ? 
_entity_src_gen.pdbx_description                   ? 
# 
loop_
_chem_comp.id 
_chem_comp.type 
_chem_comp.mon_nstd_flag 
_chem_comp.name 
_chem_comp.pdbx_synonyms 
_chem_comp.formula 
_chem_comp.formula_weight 
ALA 'L-peptide linking' y ALANINE         ? 'C3 H7 N O2'     89.093  
ARG 'L-peptide linking' y ARGININE        ? 'C6 H15 N4 O2 1' 175.209 
ASN 'L-peptide linking' y ASPARAGINE      ? 'C4 H8 N2 O3'    132.118 
ASP 'L-peptide linking' y 'ASPARTIC ACID' ? 'C4 H7 N O4'     133.103 
CYS 'L-peptide linking' y CYSTEINE        ? 'C3 H7 N O2 S'   121.158 
GLN 'L-peptide linking' y GLUTAMINE       ? 'C5 H10 N2 O3'   146.144 
GLU 'L-peptide linking' y 'GLUTAMIC ACID' ? 'C5 H9 N O4'     147.129 
GLY 'peptide linking'   y GLYCINE         ? 'C2 H5 N O2'     75.067  
HIS 'L-peptide linking' y HISTIDINE       ? 'C6 H10 N3 O2 1' 156.162 
HOH non-polymer         . WATER           ? 'H2 O'           18.015  
ILE 'L-peptide linking' y ISOLEUCINE      ? 'C6 H13 N O2'    131.173 
LEU 'L-peptide linking' y LEUCINE         ? 'C6 H13 N O2'    131.173 
LYS 'L-peptide linking' y LYSINE          ? 'C6 H15 N2 O2 1' 147.195 
MET 'L-peptide linking' y METHIONINE      ? 'C5 H11 N O2 S'  149.211 
PHE 'L-peptide linking' y PHENYLALANINE   ? 'C9 H11 N O2'    165.189 
PRO 'L-peptide linking' y PROLINE         ? 'C5 H9 N O2'     115.130 
SER 'L-peptide linking' y SERINE          ? 'C3 H7 N O3'     105.093 
THR 'L-peptide linking' y THREONINE       ? 'C4 H9 N O3'     119.119 
TYR 'L-peptide linking' y TYROSINE        ? 'C9 H11 N O3'    181.189 
VAL 'L-peptide linking' y VALINE          ? 'C5 H11 N O2'    117.146 
# 
loop_
_pdbx_poly_seq_scheme.asym_id 
_pdbx_poly_seq_scheme.entity_id 
_pdbx_poly_seq_scheme.seq_id 
_pdbx_poly_seq_scheme.mon_id 
_pdbx_poly_seq_scheme.ndb_seq_num 
_pdbx_poly_seq_scheme.pdb_seq_num 
_pdbx_poly_seq_scheme.auth_seq_num 
_pdbx_poly_seq_scheme.pdb_mon_id 
_pdbx_poly_seq_scheme.auth_mon_id 
_pdbx_poly_seq_scheme.pdb_strand_id 
_pdbx_poly_seq_scheme.pdb_ins_code 
_pdbx_poly_seq_scheme.hetero 
A 1 1   GLY 1   28  ?   ?   ?   A . n 
A 1 2   SER 2   29  ?   ?   ?   A . n 
A 1 3   HIS 3   30  ?   ?   ?   A . n 
A 1 4   MET 4   31  ?   ?   ?   A . n 
A 1 5   GLU 5   32  32  GLU GLU A . n 
A 1 6   THR 6   33  33  THR THR A . n 
A 1 7   LYS 7   34  34  LYS LYS A . n 
A 1 8   GLY 8   35  35  GLY GLY A . n 
A 1 9   VAL 9   36  36  VAL VAL A . n 
A 1 10  TYR 10  37  37  TYR TYR A . n 
A 1 11  LEU 11  38  38  LEU LEU A . n 
A 1 12  PRO 12  39  39  PRO PRO A . n 
A 1 13  LYS 13  40  40  LYS LYS A . n 
A 1 14  TYR 14  41  41  TYR TYR A . n 
A 1 15  SER 15  42  42  SER SER A . n 
A 1 16  ALA 16  43  43  ALA ALA A . n 
A 1 17  GLU 17  44  44  GLU GLU A . n 
A 1 18  LEU 18  45  45  LEU LEU A . n 
A 1 19  PRO 19  46  46  PRO PRO A . n 
A 1 20  PRO 20  47  47  PRO PRO A . n 
A 1 21  THR 21  48  48  THR THR A . n 
A 1 22  ASP 22  49  49  ASP ASP A . n 
A 1 23  PRO 23  50  50  PRO PRO A . n 
A 1 24  SER 24  51  51  SER SER A . n 
A 1 25  GLN 25  52  52  GLN GLN A . n 
A 1 26  VAL 26  53  53  VAL VAL A . n 
A 1 27  ARG 27  54  54  ARG ARG A . n 
A 1 28  VAL 28  55  55  VAL VAL A . n 
A 1 29  TYR 29  56  56  TYR TYR A . n 
A 1 30  ASN 30  57  57  ASN ASN A . n 
A 1 31  LEU 31  58  58  LEU LEU A . n 
A 1 32  GLN 32  59  59  GLN GLN A . n 
A 1 33  TYR 33  60  60  TYR TYR A . n 
A 1 34  GLN 34  61  61  GLN GLN A . n 
A 1 35  SER 35  62  62  SER SER A . n 
A 1 36  ASP 36  63  63  ASP ASP A . n 
A 1 37  THR 37  64  64  THR THR A . n 
A 1 38  GLN 38  65  65  GLN GLN A . n 
A 1 39  GLY 39  66  66  GLY GLY A . n 
A 1 40  ASN 40  67  67  ASN ASN A . n 
A 1 41  ILE 41  68  68  ILE ILE A . n 
A 1 42  GLY 42  69  69  GLY GLY A . n 
A 1 43  GLN 43  70  70  GLN GLN A . n 
A 1 44  VAL 44  71  71  VAL VAL A . n 
A 1 45  ARG 45  72  72  ARG ARG A . n 
A 1 46  THR 46  73  73  THR THR A . n 
A 1 47  SER 47  74  74  SER SER A . n 
A 1 48  THR 48  75  75  THR THR A . n 
A 1 49  HIS 49  76  76  HIS HIS A . n 
A 1 50  VAL 50  77  77  VAL VAL A . n 
A 1 51  SER 51  78  78  SER SER A . n 
A 1 52  ASN 52  79  79  ASN ASN A . n 
A 1 53  GLU 53  80  80  GLU GLU A . n 
A 1 54  LYS 54  81  81  LYS LYS A . n 
A 1 55  ASP 55  82  82  ASP ASP A . n 
A 1 56  PHE 56  83  83  PHE PHE A . n 
A 1 57  GLN 57  84  84  GLN GLN A . n 
A 1 58  LYS 58  85  85  LYS LYS A . n 
A 1 59  LEU 59  86  86  LEU LEU A . n 
A 1 60  CYS 60  87  87  CYS CYS A . n 
A 1 61  ASP 61  88  88  ASP ASP A . n 
A 1 62  LYS 62  89  89  LYS LYS A . n 
A 1 63  ASN 63  90  90  ASN ASN A . n 
A 1 64  LEU 64  91  91  LEU LEU A . n 
A 1 65  LYS 65  92  92  LYS LYS A . n 
A 1 66  GLU 66  93  93  GLU GLU A . n 
A 1 67  ALA 67  94  94  ALA ALA A . n 
A 1 68  ILE 68  95  95  ILE ILE A . n 
A 1 69  LYS 69  96  96  LYS LYS A . n 
A 1 70  LEU 70  97  97  LEU LEU A . n 
A 1 71  ALA 71  98  98  ALA ALA A . n 
A 1 72  ALA 72  99  99  ALA ALA A . n 
A 1 73  GLN 73  100 100 GLN GLN A . n 
A 1 74  HIS 74  101 101 HIS HIS A . n 
A 1 75  GLY 75  102 102 GLY GLY A . n 
A 1 76  ALA 76  103 103 ALA ALA A . n 
A 1 77  HIS 77  104 104 HIS HIS A . n 
A 1 78  GLU 78  105 105 GLU GLU A . n 
A 1 79  ILE 79  106 106 ILE ILE A . n 
A 1 80  LYS 80  107 107 LYS LYS A . n 
A 1 81  TYR 81  108 108 TYR TYR A . n 
A 1 82  ILE 82  109 109 ILE ILE A . n 
A 1 83  CYS 83  110 110 CYS CYS A . n 
A 1 84  LEU 84  111 111 LEU LEU A . n 
A 1 85  TYR 85  112 112 TYR TYR A . n 
A 1 86  PRO 86  113 113 PRO PRO A . n 
A 1 87  GLU 87  114 114 GLU GLU A . n 
A 1 88  GLY 88  115 115 GLY GLY A . n 
A 1 89  GLN 89  116 116 GLN GLN A . n 
A 1 90  ILE 90  117 117 ILE ILE A . n 
A 1 91  ASN 91  118 118 ASN ASN A . n 
A 1 92  GLU 92  119 119 GLU GLU A . n 
A 1 93  LEU 93  120 120 LEU LEU A . n 
A 1 94  SER 94  121 121 SER SER A . n 
A 1 95  SER 95  122 122 SER SER A . n 
A 1 96  VAL 96  123 123 VAL VAL A . n 
A 1 97  GLN 97  124 124 GLN GLN A . n 
A 1 98  LEU 98  125 125 LEU LEU A . n 
A 1 99  ARG 99  126 126 ARG ARG A . n 
A 1 100 GLY 100 127 127 GLY GLY A . n 
A 1 101 TYR 101 128 128 TYR TYR A . n 
A 1 102 ALA 102 129 129 ALA ALA A . n 
A 1 103 PHE 103 130 130 PHE PHE A . n 
A 1 104 ARG 104 131 131 ARG ARG A . n 
A 1 105 ASP 105 132 132 ASP ASP A . n 
# 
loop_
_pdbx_nonpoly_scheme.asym_id 
_pdbx_nonpoly_scheme.entity_id 
_pdbx_nonpoly_scheme.mon_id 
_pdbx_nonpoly_scheme.ndb_seq_num 
_pdbx_nonpoly_scheme.pdb_seq_num 
_pdbx_nonpoly_scheme.auth_seq_num 
_pdbx_nonpoly_scheme.pdb_mon_id 
_pdbx_nonpoly_scheme.auth_mon_id 
_pdbx_nonpoly_scheme.pdb_strand_id 
_pdbx_nonpoly_scheme.pdb_ins_code 
B 2 HOH 1  201 37 HOH HOH A . 
B 2 HOH 2  202 11 HOH HOH A . 
B 2 HOH 3  203 33 HOH HOH A . 
B 2 HOH 4  204 41 HOH HOH A . 
B 2 HOH 5  205 9  HOH HOH A . 
B 2 HOH 6  206 56 HOH HOH A . 
B 2 HOH 7  207 54 HOH HOH A . 
B 2 HOH 8  208 17 HOH HOH A . 
B 2 HOH 9  209 6  HOH HOH A . 
B 2 HOH 10 210 30 HOH HOH A . 
B 2 HOH 11 211 2  HOH HOH A . 
B 2 HOH 12 212 22 HOH HOH A . 
B 2 HOH 13 213 16 HOH HOH A . 
B 2 HOH 14 214 15 HOH HOH A . 
B 2 HOH 15 215 25 HOH HOH A . 
B 2 HOH 16 216 20 HOH HOH A . 
B 2 HOH 17 217 12 HOH HOH A . 
B 2 HOH 18 218 31 HOH HOH A . 
B 2 HOH 19 219 29 HOH HOH A . 
B 2 HOH 20 220 45 HOH HOH A . 
B 2 HOH 21 221 27 HOH HOH A . 
B 2 HOH 22 222 35 HOH HOH A . 
B 2 HOH 23 223 14 HOH HOH A . 
B 2 HOH 24 224 1  HOH HOH A . 
B 2 HOH 25 225 3  HOH HOH A . 
B 2 HOH 26 226 4  HOH HOH A . 
B 2 HOH 27 227 13 HOH HOH A . 
B 2 HOH 28 228 26 HOH HOH A . 
B 2 HOH 29 229 18 HOH HOH A . 
B 2 HOH 30 230 10 HOH HOH A . 
B 2 HOH 31 231 5  HOH HOH A . 
B 2 HOH 32 232 7  HOH HOH A . 
B 2 HOH 33 233 24 HOH HOH A . 
B 2 HOH 34 234 42 HOH HOH A . 
B 2 HOH 35 235 23 HOH HOH A . 
B 2 HOH 36 236 46 HOH HOH A . 
B 2 HOH 37 237 36 HOH HOH A . 
B 2 HOH 38 238 32 HOH HOH A . 
B 2 HOH 39 239 47 HOH HOH A . 
B 2 HOH 40 240 55 HOH HOH A . 
B 2 HOH 41 241 39 HOH HOH A . 
B 2 HOH 42 242 49 HOH HOH A . 
B 2 HOH 43 243 28 HOH HOH A . 
B 2 HOH 44 244 19 HOH HOH A . 
B 2 HOH 45 245 48 HOH HOH A . 
B 2 HOH 46 246 50 HOH HOH A . 
B 2 HOH 47 247 40 HOH HOH A . 
B 2 HOH 48 248 8  HOH HOH A . 
B 2 HOH 49 249 38 HOH HOH A . 
B 2 HOH 50 250 53 HOH HOH A . 
B 2 HOH 51 251 52 HOH HOH A . 
B 2 HOH 52 252 34 HOH HOH A . 
B 2 HOH 53 253 43 HOH HOH A . 
B 2 HOH 54 254 57 HOH HOH A . 
B 2 HOH 55 255 44 HOH HOH A . 
B 2 HOH 56 256 21 HOH HOH A . 
B 2 HOH 57 257 51 HOH HOH A . 
# 
loop_
_software.citation_id 
_software.classification 
_software.compiler_name 
_software.compiler_version 
_software.contact_author 
_software.contact_author_email 
_software.date 
_software.description 
_software.dependencies 
_software.hardware 
_software.language 
_software.location 
_software.mods 
_software.name 
_software.os 
_software.os_version 
_software.type 
_software.version 
_software.pdbx_ordinal 
? refinement       ? ? ? ? ? ? ? ? ? ? ? PHENIX  ? ? ? '(dev_2299: ???)'  1 
? 'data reduction' ? ? ? ? ? ? ? ? ? ? ? XDS     ? ? ? 'January 10, 2014' 2 
? 'data scaling'   ? ? ? ? ? ? ? ? ? ? ? Aimless ? ? ? 1.6.18             3 
? phasing          ? ? ? ? ? ? ? ? ? ? ? PHASER  ? ? ? 2.5.1              4 
# 
_cell.entry_id           5EVG 
_cell.length_a           28.702 
_cell.length_b           51.772 
_cell.length_c           74.754 
_cell.angle_alpha        90.00 
_cell.angle_beta         90.00 
_cell.angle_gamma        90.00 
_cell.Z_PDB              4 
_cell.pdbx_unique_axis   ? 
# 
_symmetry.entry_id                         5EVG 
_symmetry.space_group_name_H-M             'P 21 21 21' 
_symmetry.pdbx_full_space_group_name_H-M   ? 
_symmetry.cell_setting                     ? 
_symmetry.Int_Tables_number                19 
# 
_exptl.absorpt_coefficient_mu     ? 
_exptl.absorpt_correction_T_max   ? 
_exptl.absorpt_correction_T_min   ? 
_exptl.absorpt_correction_type    ? 
_exptl.absorpt_process_details    ? 
_exptl.entry_id                   5EVG 
_exptl.crystals_number            1 
_exptl.details                    ? 
_exptl.method                     'X-RAY DIFFRACTION' 
_exptl.method_details             ? 
# 
_exptl_crystal.colour                      ? 
_exptl_crystal.density_diffrn              ? 
_exptl_crystal.density_Matthews            2.33 
_exptl_crystal.density_method              ? 
_exptl_crystal.density_percent_sol         47.28 
_exptl_crystal.description                 ? 
_exptl_crystal.F_000                       ? 
_exptl_crystal.id                          1 
_exptl_crystal.preparation                 ? 
_exptl_crystal.size_max                    ? 
_exptl_crystal.size_mid                    ? 
_exptl_crystal.size_min                    ? 
_exptl_crystal.size_rad                    ? 
_exptl_crystal.colour_lustre               ? 
_exptl_crystal.colour_modifier             ? 
_exptl_crystal.colour_primary              ? 
_exptl_crystal.density_meas                ? 
_exptl_crystal.density_meas_esd            ? 
_exptl_crystal.density_meas_gt             ? 
_exptl_crystal.density_meas_lt             ? 
_exptl_crystal.density_meas_temp           ? 
_exptl_crystal.density_meas_temp_esd       ? 
_exptl_crystal.density_meas_temp_gt        ? 
_exptl_crystal.density_meas_temp_lt        ? 
_exptl_crystal.pdbx_crystal_image_url      ? 
_exptl_crystal.pdbx_crystal_image_format   ? 
_exptl_crystal.pdbx_mosaicity              ? 
_exptl_crystal.pdbx_mosaicity_esd          ? 
# 
_exptl_crystal_grow.apparatus       ? 
_exptl_crystal_grow.atmosphere      ? 
_exptl_crystal_grow.crystal_id      1 
_exptl_crystal_grow.details         ? 
_exptl_crystal_grow.method          'VAPOR DIFFUSION, HANGING DROP' 
_exptl_crystal_grow.method_ref      ? 
_exptl_crystal_grow.pH              3.5 
_exptl_crystal_grow.pressure        ? 
_exptl_crystal_grow.pressure_esd    ? 
_exptl_crystal_grow.seeding         ? 
_exptl_crystal_grow.seeding_ref     ? 
_exptl_crystal_grow.temp            293 
_exptl_crystal_grow.temp_details    ? 
_exptl_crystal_grow.temp_esd        ? 
_exptl_crystal_grow.time            ? 
_exptl_crystal_grow.pdbx_details    'Citric acid, PEG 3350' 
_exptl_crystal_grow.pdbx_pH_range   ? 
# 
_diffrn.ambient_environment    ? 
_diffrn.ambient_temp           100 
_diffrn.ambient_temp_details   ? 
_diffrn.ambient_temp_esd       ? 
_diffrn.crystal_id             1 
_diffrn.crystal_support        ? 
_diffrn.crystal_treatment      ? 
_diffrn.details                ? 
_diffrn.id                     1 
_diffrn.ambient_pressure       ? 
_diffrn.ambient_pressure_esd   ? 
_diffrn.ambient_pressure_gt    ? 
_diffrn.ambient_pressure_lt    ? 
_diffrn.ambient_temp_gt        ? 
_diffrn.ambient_temp_lt        ? 
# 
_diffrn_detector.details                      ? 
_diffrn_detector.detector                     CCD 
_diffrn_detector.diffrn_id                    1 
_diffrn_detector.type                         'ADSC QUANTUM 315r' 
_diffrn_detector.area_resol_mean              ? 
_diffrn_detector.dtime                        ? 
_diffrn_detector.pdbx_frames_total            ? 
_diffrn_detector.pdbx_collection_time_total   ? 
_diffrn_detector.pdbx_collection_date         2014-12-13 
# 
_diffrn_radiation.collimation                      ? 
_diffrn_radiation.diffrn_id                        1 
_diffrn_radiation.filter_edge                      ? 
_diffrn_radiation.inhomogeneity                    ? 
_diffrn_radiation.monochromator                    ? 
_diffrn_radiation.polarisn_norm                    ? 
_diffrn_radiation.polarisn_ratio                   ? 
_diffrn_radiation.probe                            ? 
_diffrn_radiation.type                             ? 
_diffrn_radiation.xray_symbol                      ? 
_diffrn_radiation.wavelength_id                    1 
_diffrn_radiation.pdbx_monochromatic_or_laue_m_l   M 
_diffrn_radiation.pdbx_wavelength_list             ? 
_diffrn_radiation.pdbx_wavelength                  ? 
_diffrn_radiation.pdbx_diffrn_protocol             'SINGLE WAVELENGTH' 
_diffrn_radiation.pdbx_analyzer                    ? 
_diffrn_radiation.pdbx_scattering_type             x-ray 
# 
_diffrn_radiation_wavelength.id           1 
_diffrn_radiation_wavelength.wavelength   0.9753 
_diffrn_radiation_wavelength.wt           1.0 
# 
_diffrn_source.current                     ? 
_diffrn_source.details                     ? 
_diffrn_source.diffrn_id                   1 
_diffrn_source.power                       ? 
_diffrn_source.size                        ? 
_diffrn_source.source                      SYNCHROTRON 
_diffrn_source.target                      ? 
_diffrn_source.type                        'SSRL BEAMLINE BL7-1' 
_diffrn_source.voltage                     ? 
_diffrn_source.take-off_angle              ? 
_diffrn_source.pdbx_wavelength_list        0.9753 
_diffrn_source.pdbx_wavelength             ? 
_diffrn_source.pdbx_synchrotron_beamline   BL7-1 
_diffrn_source.pdbx_synchrotron_site       SSRL 
# 
_reflns.B_iso_Wilson_estimate            ? 
_reflns.entry_id                         5EVG 
_reflns.data_reduction_details           ? 
_reflns.data_reduction_method            ? 
_reflns.d_resolution_high                1.82 
_reflns.d_resolution_low                 37.4 
_reflns.details                          ? 
_reflns.limit_h_max                      ? 
_reflns.limit_h_min                      ? 
_reflns.limit_k_max                      ? 
_reflns.limit_k_min                      ? 
_reflns.limit_l_max                      ? 
_reflns.limit_l_min                      ? 
_reflns.number_all                       ? 
_reflns.number_obs                       10549 
_reflns.observed_criterion               ? 
_reflns.observed_criterion_F_max         ? 
_reflns.observed_criterion_F_min         ? 
_reflns.observed_criterion_I_max         ? 
_reflns.observed_criterion_I_min         ? 
_reflns.observed_criterion_sigma_F       ? 
_reflns.observed_criterion_sigma_I       ? 
_reflns.percent_possible_obs             99.98 
_reflns.R_free_details                   ? 
_reflns.Rmerge_F_all                     ? 
_reflns.Rmerge_F_obs                     ? 
_reflns.Friedel_coverage                 ? 
_reflns.number_gt                        ? 
_reflns.threshold_expression             ? 
_reflns.pdbx_redundancy                  7.0 
_reflns.pdbx_Rmerge_I_obs                0.064 
_reflns.pdbx_Rmerge_I_all                ? 
_reflns.pdbx_Rsym_value                  ? 
_reflns.pdbx_netI_over_av_sigmaI         ? 
_reflns.pdbx_netI_over_sigmaI            18.4 
_reflns.pdbx_res_netI_over_av_sigmaI_2   ? 
_reflns.pdbx_res_netI_over_sigmaI_2      ? 
_reflns.pdbx_chi_squared                 ? 
_reflns.pdbx_scaling_rejects             ? 
_reflns.pdbx_d_res_high_opt              ? 
_reflns.pdbx_d_res_low_opt               ? 
_reflns.pdbx_d_res_opt_method            ? 
_reflns.phase_calculation_details        ? 
_reflns.pdbx_Rrim_I_all                  ? 
_reflns.pdbx_Rpim_I_all                  ? 
_reflns.pdbx_d_opt                       ? 
_reflns.pdbx_number_measured_all         ? 
_reflns.pdbx_diffrn_id                   1 
_reflns.pdbx_ordinal                     1 
_reflns.pdbx_CC_half                     ? 
_reflns.pdbx_R_split                     ? 
# 
_reflns_shell.d_res_high                  1.82 
_reflns_shell.d_res_low                   1.86 
_reflns_shell.meanI_over_sigI_all         ? 
_reflns_shell.meanI_over_sigI_obs         2.2 
_reflns_shell.number_measured_all         ? 
_reflns_shell.number_measured_obs         ? 
_reflns_shell.number_possible             ? 
_reflns_shell.number_unique_all           ? 
_reflns_shell.number_unique_obs           ? 
_reflns_shell.percent_possible_all        100.0 
_reflns_shell.percent_possible_obs        ? 
_reflns_shell.Rmerge_F_all                ? 
_reflns_shell.Rmerge_F_obs                ? 
_reflns_shell.Rmerge_I_all                ? 
_reflns_shell.Rmerge_I_obs                0.937 
_reflns_shell.meanI_over_sigI_gt          ? 
_reflns_shell.meanI_over_uI_all           ? 
_reflns_shell.meanI_over_uI_gt            ? 
_reflns_shell.number_measured_gt          ? 
_reflns_shell.number_unique_gt            ? 
_reflns_shell.percent_possible_gt         ? 
_reflns_shell.Rmerge_F_gt                 ? 
_reflns_shell.Rmerge_I_gt                 ? 
_reflns_shell.pdbx_redundancy             7.2 
_reflns_shell.pdbx_Rsym_value             ? 
_reflns_shell.pdbx_chi_squared            ? 
_reflns_shell.pdbx_netI_over_sigmaI_all   ? 
_reflns_shell.pdbx_netI_over_sigmaI_obs   ? 
_reflns_shell.pdbx_Rrim_I_all             ? 
_reflns_shell.pdbx_Rpim_I_all             ? 
_reflns_shell.pdbx_rejects                ? 
_reflns_shell.pdbx_ordinal                1 
_reflns_shell.pdbx_diffrn_id              1 
_reflns_shell.pdbx_CC_half                ? 
_reflns_shell.pdbx_R_split                ? 
# 
_refine.pdbx_refine_id                           'X-RAY DIFFRACTION' 
_refine.entry_id                                 5EVG 
_refine.pdbx_diffrn_id                           1 
_refine.pdbx_TLS_residual_ADP_flag               ? 
_refine.ls_number_reflns_obs                     10501 
_refine.ls_number_reflns_all                     ? 
_refine.pdbx_ls_sigma_I                          ? 
_refine.pdbx_ls_sigma_F                          1.34 
_refine.pdbx_data_cutoff_high_absF               ? 
_refine.pdbx_data_cutoff_low_absF                ? 
_refine.pdbx_data_cutoff_high_rms_absF           ? 
_refine.ls_d_res_low                             37.377 
_refine.ls_d_res_high                            1.820 
_refine.ls_percent_reflns_obs                    99.93 
_refine.ls_R_factor_obs                          0.2107 
_refine.ls_R_factor_all                          ? 
_refine.ls_R_factor_R_work                       0.2086 
_refine.ls_R_factor_R_free                       0.2531 
_refine.ls_R_factor_R_free_error                 ? 
_refine.ls_R_factor_R_free_error_details         ? 
_refine.ls_percent_reflns_R_free                 4.79 
_refine.ls_number_reflns_R_free                  503 
_refine.ls_number_parameters                     ? 
_refine.ls_number_restraints                     ? 
_refine.occupancy_min                            ? 
_refine.occupancy_max                            ? 
_refine.correlation_coeff_Fo_to_Fc               ? 
_refine.correlation_coeff_Fo_to_Fc_free          ? 
_refine.B_iso_mean                               ? 
_refine.aniso_B[1][1]                            ? 
_refine.aniso_B[2][2]                            ? 
_refine.aniso_B[3][3]                            ? 
_refine.aniso_B[1][2]                            ? 
_refine.aniso_B[1][3]                            ? 
_refine.aniso_B[2][3]                            ? 
_refine.solvent_model_details                    'FLAT BULK SOLVENT MODEL' 
_refine.solvent_model_param_ksol                 ? 
_refine.solvent_model_param_bsol                 ? 
_refine.pdbx_solvent_vdw_probe_radii             1.11 
_refine.pdbx_solvent_ion_probe_radii             ? 
_refine.pdbx_solvent_shrinkage_radii             0.90 
_refine.pdbx_ls_cross_valid_method               THROUGHOUT 
_refine.details                                  ? 
_refine.pdbx_starting_model                      'PDB entry 5EVF' 
_refine.pdbx_method_to_determine_struct          'MOLECULAR REPLACEMENT' 
_refine.pdbx_isotropic_thermal_model             ? 
_refine.pdbx_stereochemistry_target_values       ML 
_refine.pdbx_stereochem_target_val_spec_case     ? 
_refine.pdbx_R_Free_selection_details            RANDOM 
_refine.pdbx_overall_ESU_R                       ? 
_refine.pdbx_overall_ESU_R_Free                  ? 
_refine.overall_SU_ML                            0.18 
_refine.pdbx_overall_phase_error                 32.24 
_refine.overall_SU_B                             ? 
_refine.overall_SU_R_Cruickshank_DPI             ? 
_refine.pdbx_overall_SU_R_free_Cruickshank_DPI   ? 
_refine.pdbx_overall_SU_R_Blow_DPI               ? 
_refine.pdbx_overall_SU_R_free_Blow_DPI          ? 
# 
_refine_hist.pdbx_refine_id                   'X-RAY DIFFRACTION' 
_refine_hist.cycle_id                         LAST 
_refine_hist.pdbx_number_atoms_protein        808 
_refine_hist.pdbx_number_atoms_nucleic_acid   0 
_refine_hist.pdbx_number_atoms_ligand         0 
_refine_hist.number_atoms_solvent             57 
_refine_hist.number_atoms_total               865 
_refine_hist.d_res_high                       1.820 
_refine_hist.d_res_low                        37.377 
# 
loop_
_refine_ls_restr.type 
_refine_ls_restr.dev_ideal 
_refine_ls_restr.dev_ideal_target 
_refine_ls_restr.weight 
_refine_ls_restr.number 
_refine_ls_restr.pdbx_refine_id 
_refine_ls_restr.pdbx_restraint_function 
f_bond_d           0.006  ? ? 902  'X-RAY DIFFRACTION' ? 
f_angle_d          0.714  ? ? 1227 'X-RAY DIFFRACTION' ? 
f_dihedral_angle_d 13.254 ? ? 558  'X-RAY DIFFRACTION' ? 
f_chiral_restr     0.049  ? ? 127  'X-RAY DIFFRACTION' ? 
f_plane_restr      0.004  ? ? 165  'X-RAY DIFFRACTION' ? 
# 
loop_
_refine_ls_shell.pdbx_refine_id 
_refine_ls_shell.pdbx_total_number_of_bins_used 
_refine_ls_shell.d_res_high 
_refine_ls_shell.d_res_low 
_refine_ls_shell.number_reflns_R_work 
_refine_ls_shell.R_factor_R_work 
_refine_ls_shell.percent_reflns_obs 
_refine_ls_shell.R_factor_R_free 
_refine_ls_shell.R_factor_R_free_error 
_refine_ls_shell.percent_reflns_R_free 
_refine_ls_shell.number_reflns_R_free 
_refine_ls_shell.number_reflns_all 
_refine_ls_shell.R_factor_all 
_refine_ls_shell.R_factor_obs 
_refine_ls_shell.number_reflns_obs 
'X-RAY DIFFRACTION' . 1.8201 2.0032  2443 0.2592 100.00 0.3071 . . 111 . . . . 
'X-RAY DIFFRACTION' . 2.0032 2.2931  2452 0.2137 100.00 0.2713 . . 130 . . . . 
'X-RAY DIFFRACTION' . 2.2931 2.8889  2478 0.2270 100.00 0.3130 . . 138 . . . . 
'X-RAY DIFFRACTION' . 2.8889 37.3849 2625 0.1930 100.00 0.2176 . . 124 . . . . 
# 
_struct.entry_id                     5EVG 
_struct.title                        'Crystal structure of a Francisella virulence factor FvfA in the orthorhombic form' 
_struct.pdbx_model_details           ? 
_struct.pdbx_formula_weight          ? 
_struct.pdbx_formula_weight_method   ? 
_struct.pdbx_model_type_details      ? 
_struct.pdbx_CASP_flag               ? 
# 
_struct_keywords.entry_id        5EVG 
_struct_keywords.text            'Francisella tularensis, virulence factor, UNKNOWN FUNCTION' 
_struct_keywords.pdbx_keywords   'UNKNOWN FUNCTION' 
# 
loop_
_struct_asym.id 
_struct_asym.pdbx_blank_PDB_chainid_flag 
_struct_asym.pdbx_modified 
_struct_asym.entity_id 
_struct_asym.details 
A N N 1 ? 
B N N 2 ? 
# 
_struct_ref.id                         1 
_struct_ref.db_name                    UNP 
_struct_ref.db_code                    A0A0K1NSD0_FRANO 
_struct_ref.pdbx_db_accession          A0A0K1NSD0 
_struct_ref.pdbx_db_isoform            ? 
_struct_ref.entity_id                  1 
_struct_ref.pdbx_seq_one_letter_code   
;ETKGVYLPKYSAELPPTDPSQVRVYNLQYQSDTQGNIGQVRTSTHVSNEKDFQKLCDKNLKEAIKLAAQHGAHEIKYICL
YPEGQINELSSVQLRGYAFRD
;
_struct_ref.pdbx_align_begin           32 
# 
_struct_ref_seq.align_id                      1 
_struct_ref_seq.ref_id                        1 
_struct_ref_seq.pdbx_PDB_id_code              5EVG 
_struct_ref_seq.pdbx_strand_id                A 
_struct_ref_seq.seq_align_beg                 5 
_struct_ref_seq.pdbx_seq_align_beg_ins_code   ? 
_struct_ref_seq.seq_align_end                 105 
_struct_ref_seq.pdbx_seq_align_end_ins_code   ? 
_struct_ref_seq.pdbx_db_accession             A0A0K1NSD0 
_struct_ref_seq.db_align_beg                  32 
_struct_ref_seq.pdbx_db_align_beg_ins_code    ? 
_struct_ref_seq.db_align_end                  132 
_struct_ref_seq.pdbx_db_align_end_ins_code    ? 
_struct_ref_seq.pdbx_auth_seq_align_beg       32 
_struct_ref_seq.pdbx_auth_seq_align_end       132 
# 
loop_
_struct_ref_seq_dif.align_id 
_struct_ref_seq_dif.pdbx_pdb_id_code 
_struct_ref_seq_dif.mon_id 
_struct_ref_seq_dif.pdbx_pdb_strand_id 
_struct_ref_seq_dif.seq_num 
_struct_ref_seq_dif.pdbx_pdb_ins_code 
_struct_ref_seq_dif.pdbx_seq_db_name 
_struct_ref_seq_dif.pdbx_seq_db_accession_code 
_struct_ref_seq_dif.db_mon_id 
_struct_ref_seq_dif.pdbx_seq_db_seq_num 
_struct_ref_seq_dif.details 
_struct_ref_seq_dif.pdbx_auth_seq_num 
_struct_ref_seq_dif.pdbx_ordinal 
1 5EVG GLY A 1 ? UNP A0A0K1NSD0 ? ? 'expression tag' 28 1 
1 5EVG SER A 2 ? UNP A0A0K1NSD0 ? ? 'expression tag' 29 2 
1 5EVG HIS A 3 ? UNP A0A0K1NSD0 ? ? 'expression tag' 30 3 
1 5EVG MET A 4 ? UNP A0A0K1NSD0 ? ? 'expression tag' 31 4 
# 
_pdbx_struct_assembly.id                   1 
_pdbx_struct_assembly.details              author_defined_assembly 
_pdbx_struct_assembly.method_details       ? 
_pdbx_struct_assembly.oligomeric_details   monomeric 
_pdbx_struct_assembly.oligomeric_count     1 
# 
_pdbx_struct_assembly_gen.assembly_id       1 
_pdbx_struct_assembly_gen.oper_expression   1 
_pdbx_struct_assembly_gen.asym_id_list      A,B 
# 
_pdbx_struct_oper_list.id                   1 
_pdbx_struct_oper_list.type                 'identity operation' 
_pdbx_struct_oper_list.name                 1_555 
_pdbx_struct_oper_list.symmetry_operation   x,y,z 
_pdbx_struct_oper_list.matrix[1][1]         1.0000000000 
_pdbx_struct_oper_list.matrix[1][2]         0.0000000000 
_pdbx_struct_oper_list.matrix[1][3]         0.0000000000 
_pdbx_struct_oper_list.vector[1]            0.0000000000 
_pdbx_struct_oper_list.matrix[2][1]         0.0000000000 
_pdbx_struct_oper_list.matrix[2][2]         1.0000000000 
_pdbx_struct_oper_list.matrix[2][3]         0.0000000000 
_pdbx_struct_oper_list.vector[2]            0.0000000000 
_pdbx_struct_oper_list.matrix[3][1]         0.0000000000 
_pdbx_struct_oper_list.matrix[3][2]         0.0000000000 
_pdbx_struct_oper_list.matrix[3][3]         1.0000000000 
_pdbx_struct_oper_list.vector[3]            0.0000000000 
# 
loop_
_struct_conf.conf_type_id 
_struct_conf.id 
_struct_conf.pdbx_PDB_helix_id 
_struct_conf.beg_label_comp_id 
_struct_conf.beg_label_asym_id 
_struct_conf.beg_label_seq_id 
_struct_conf.pdbx_beg_PDB_ins_code 
_struct_conf.end_label_comp_id 
_struct_conf.end_label_asym_id 
_struct_conf.end_label_seq_id 
_struct_conf.pdbx_end_PDB_ins_code 
_struct_conf.beg_auth_comp_id 
_struct_conf.beg_auth_asym_id 
_struct_conf.beg_auth_seq_id 
_struct_conf.end_auth_comp_id 
_struct_conf.end_auth_asym_id 
_struct_conf.end_auth_seq_id 
_struct_conf.pdbx_PDB_helix_class 
_struct_conf.details 
_struct_conf.pdbx_PDB_helix_length 
HELX_P HELX_P1 AA1 ASP A 22 ? VAL A 26 ? ASP A 49 VAL A 53  5 ? 5  
HELX_P HELX_P2 AA2 TYR A 33 ? GLN A 38 ? TYR A 60 GLN A 65  5 ? 6  
HELX_P HELX_P3 AA3 ASN A 52 ? LYS A 54 ? ASN A 79 LYS A 81  5 ? 3  
HELX_P HELX_P4 AA4 ASP A 55 ? HIS A 74 ? ASP A 82 HIS A 101 1 ? 20 
# 
_struct_conf_type.id          HELX_P 
_struct_conf_type.criteria    ? 
_struct_conf_type.reference   ? 
# 
_struct_conn.id                            disulf1 
_struct_conn.conn_type_id                  disulf 
_struct_conn.pdbx_leaving_atom_flag        ? 
_struct_conn.pdbx_PDB_id                   ? 
_struct_conn.ptnr1_label_asym_id           A 
_struct_conn.ptnr1_label_comp_id           CYS 
_struct_conn.ptnr1_label_seq_id            60 
_struct_conn.ptnr1_label_atom_id           SG 
_struct_conn.pdbx_ptnr1_label_alt_id       ? 
_struct_conn.pdbx_ptnr1_PDB_ins_code       ? 
_struct_conn.pdbx_ptnr1_standard_comp_id   ? 
_struct_conn.ptnr1_symmetry                1_555 
_struct_conn.ptnr2_label_asym_id           A 
_struct_conn.ptnr2_label_comp_id           CYS 
_struct_conn.ptnr2_label_seq_id            83 
_struct_conn.ptnr2_label_atom_id           SG 
_struct_conn.pdbx_ptnr2_label_alt_id       ? 
_struct_conn.pdbx_ptnr2_PDB_ins_code       ? 
_struct_conn.ptnr1_auth_asym_id            A 
_struct_conn.ptnr1_auth_comp_id            CYS 
_struct_conn.ptnr1_auth_seq_id             87 
_struct_conn.ptnr2_auth_asym_id            A 
_struct_conn.ptnr2_auth_comp_id            CYS 
_struct_conn.ptnr2_auth_seq_id             110 
_struct_conn.ptnr2_symmetry                1_555 
_struct_conn.pdbx_ptnr3_label_atom_id      ? 
_struct_conn.pdbx_ptnr3_label_seq_id       ? 
_struct_conn.pdbx_ptnr3_label_comp_id      ? 
_struct_conn.pdbx_ptnr3_label_asym_id      ? 
_struct_conn.pdbx_ptnr3_label_alt_id       ? 
_struct_conn.pdbx_ptnr3_PDB_ins_code       ? 
_struct_conn.details                       ? 
_struct_conn.pdbx_dist_value               2.038 
_struct_conn.pdbx_value_order              ? 
_struct_conn.pdbx_role                     ? 
# 
_struct_conn_type.id          disulf 
_struct_conn_type.criteria    ? 
_struct_conn_type.reference   ? 
# 
_pdbx_modification_feature.ordinal                            1 
_pdbx_modification_feature.label_comp_id                      CYS 
_pdbx_modification_feature.label_asym_id                      A 
_pdbx_modification_feature.label_seq_id                       60 
_pdbx_modification_feature.label_alt_id                       ? 
_pdbx_modification_feature.modified_residue_label_comp_id     CYS 
_pdbx_modification_feature.modified_residue_label_asym_id     A 
_pdbx_modification_feature.modified_residue_label_seq_id      83 
_pdbx_modification_feature.modified_residue_label_alt_id      ? 
_pdbx_modification_feature.auth_comp_id                       CYS 
_pdbx_modification_feature.auth_asym_id                       A 
_pdbx_modification_feature.auth_seq_id                        87 
_pdbx_modification_feature.PDB_ins_code                       ? 
_pdbx_modification_feature.symmetry                           1_555 
_pdbx_modification_feature.modified_residue_auth_comp_id      CYS 
_pdbx_modification_feature.modified_residue_auth_asym_id      A 
_pdbx_modification_feature.modified_residue_auth_seq_id       110 
_pdbx_modification_feature.modified_residue_PDB_ins_code      ? 
_pdbx_modification_feature.modified_residue_symmetry          1_555 
_pdbx_modification_feature.comp_id_linking_atom               SG 
_pdbx_modification_feature.modified_residue_id_linking_atom   SG 
_pdbx_modification_feature.modified_residue_id                . 
_pdbx_modification_feature.ref_pcm_id                         . 
_pdbx_modification_feature.ref_comp_id                        . 
_pdbx_modification_feature.type                               None 
_pdbx_modification_feature.category                           'Disulfide bridge' 
# 
_struct_sheet.id               AA1 
_struct_sheet.type             ? 
_struct_sheet.number_strands   5 
_struct_sheet.details          ? 
# 
loop_
_struct_sheet_order.sheet_id 
_struct_sheet_order.range_id_1 
_struct_sheet_order.range_id_2 
_struct_sheet_order.offset 
_struct_sheet_order.sense 
AA1 1 2 ? anti-parallel 
AA1 2 3 ? anti-parallel 
AA1 3 4 ? anti-parallel 
AA1 4 5 ? parallel      
# 
loop_
_struct_sheet_range.sheet_id 
_struct_sheet_range.id 
_struct_sheet_range.beg_label_comp_id 
_struct_sheet_range.beg_label_asym_id 
_struct_sheet_range.beg_label_seq_id 
_struct_sheet_range.pdbx_beg_PDB_ins_code 
_struct_sheet_range.end_label_comp_id 
_struct_sheet_range.end_label_asym_id 
_struct_sheet_range.end_label_seq_id 
_struct_sheet_range.pdbx_end_PDB_ins_code 
_struct_sheet_range.beg_auth_comp_id 
_struct_sheet_range.beg_auth_asym_id 
_struct_sheet_range.beg_auth_seq_id 
_struct_sheet_range.end_auth_comp_id 
_struct_sheet_range.end_auth_asym_id 
_struct_sheet_range.end_auth_seq_id 
AA1 1 LYS A 7  ? PRO A 12  ? LYS A 34  PRO A 39  
AA1 2 GLY A 42 ? HIS A 49  ? GLY A 69  HIS A 76  
AA1 3 SER A 95 ? PHE A 103 ? SER A 122 PHE A 130 
AA1 4 GLU A 78 ? LEU A 84  ? GLU A 105 LEU A 111 
AA1 5 ARG A 27 ? ASN A 30  ? ARG A 54  ASN A 57  
# 
loop_
_pdbx_struct_sheet_hbond.sheet_id 
_pdbx_struct_sheet_hbond.range_id_1 
_pdbx_struct_sheet_hbond.range_id_2 
_pdbx_struct_sheet_hbond.range_1_label_atom_id 
_pdbx_struct_sheet_hbond.range_1_label_comp_id 
_pdbx_struct_sheet_hbond.range_1_label_asym_id 
_pdbx_struct_sheet_hbond.range_1_label_seq_id 
_pdbx_struct_sheet_hbond.range_1_PDB_ins_code 
_pdbx_struct_sheet_hbond.range_1_auth_atom_id 
_pdbx_struct_sheet_hbond.range_1_auth_comp_id 
_pdbx_struct_sheet_hbond.range_1_auth_asym_id 
_pdbx_struct_sheet_hbond.range_1_auth_seq_id 
_pdbx_struct_sheet_hbond.range_2_label_atom_id 
_pdbx_struct_sheet_hbond.range_2_label_comp_id 
_pdbx_struct_sheet_hbond.range_2_label_asym_id 
_pdbx_struct_sheet_hbond.range_2_label_seq_id 
_pdbx_struct_sheet_hbond.range_2_PDB_ins_code 
_pdbx_struct_sheet_hbond.range_2_auth_atom_id 
_pdbx_struct_sheet_hbond.range_2_auth_comp_id 
_pdbx_struct_sheet_hbond.range_2_auth_asym_id 
_pdbx_struct_sheet_hbond.range_2_auth_seq_id 
AA1 1 2 N LEU A 11 ? N LEU A 38  O GLN A 43  ? O GLN A 70  
AA1 2 3 N GLY A 42 ? N GLY A 69  O ALA A 102 ? O ALA A 129 
AA1 3 4 O GLN A 97 ? O GLN A 124 N LEU A 84  ? N LEU A 111 
AA1 4 5 O ILE A 79 ? O ILE A 106 N ARG A 27  ? N ARG A 54  
# 
_pdbx_entry_details.entry_id                   5EVG 
_pdbx_entry_details.compound_details           ? 
_pdbx_entry_details.source_details             ? 
_pdbx_entry_details.nonpolymer_details         ? 
_pdbx_entry_details.sequence_details           ? 
_pdbx_entry_details.has_ligand_of_interest     ? 
_pdbx_entry_details.has_protein_modification   Y 
# 
_pdbx_validate_close_contact.id               1 
_pdbx_validate_close_contact.PDB_model_num    1 
_pdbx_validate_close_contact.auth_atom_id_1   O 
_pdbx_validate_close_contact.auth_asym_id_1   A 
_pdbx_validate_close_contact.auth_comp_id_1   HOH 
_pdbx_validate_close_contact.auth_seq_id_1    234 
_pdbx_validate_close_contact.PDB_ins_code_1   ? 
_pdbx_validate_close_contact.label_alt_id_1   ? 
_pdbx_validate_close_contact.auth_atom_id_2   O 
_pdbx_validate_close_contact.auth_asym_id_2   A 
_pdbx_validate_close_contact.auth_comp_id_2   HOH 
_pdbx_validate_close_contact.auth_seq_id_2    247 
_pdbx_validate_close_contact.PDB_ins_code_2   ? 
_pdbx_validate_close_contact.label_alt_id_2   ? 
_pdbx_validate_close_contact.dist             2.03 
# 
_pdbx_refine_tls.pdbx_refine_id   'X-RAY DIFFRACTION' 
_pdbx_refine_tls.id               1 
_pdbx_refine_tls.details          ? 
_pdbx_refine_tls.method           refined 
_pdbx_refine_tls.origin_x         0.1623 
_pdbx_refine_tls.origin_y         -0.2755 
_pdbx_refine_tls.origin_z         -0.2274 
_pdbx_refine_tls.T[1][1]          0.1574 
_pdbx_refine_tls.T[2][2]          0.2438 
_pdbx_refine_tls.T[3][3]          0.1538 
_pdbx_refine_tls.T[1][2]          0.0283 
_pdbx_refine_tls.T[1][3]          -0.0378 
_pdbx_refine_tls.T[2][3]          0.0119 
_pdbx_refine_tls.L[1][1]          2.2983 
_pdbx_refine_tls.L[2][2]          2.6755 
_pdbx_refine_tls.L[3][3]          3.6378 
_pdbx_refine_tls.L[1][2]          -0.7466 
_pdbx_refine_tls.L[1][3]          -1.0655 
_pdbx_refine_tls.L[2][3]          0.6845 
_pdbx_refine_tls.S[1][1]          -0.1145 
_pdbx_refine_tls.S[1][2]          -0.2179 
_pdbx_refine_tls.S[1][3]          -0.0864 
_pdbx_refine_tls.S[2][1]          0.1610 
_pdbx_refine_tls.S[2][2]          -0.0826 
_pdbx_refine_tls.S[2][3]          -0.4726 
_pdbx_refine_tls.S[3][1]          0.0791 
_pdbx_refine_tls.S[3][2]          -0.0281 
_pdbx_refine_tls.S[3][3]          0.3662 
# 
_pdbx_refine_tls_group.pdbx_refine_id      'X-RAY DIFFRACTION' 
_pdbx_refine_tls_group.id                  1 
_pdbx_refine_tls_group.refine_tls_id       1 
_pdbx_refine_tls_group.beg_auth_asym_id    ? 
_pdbx_refine_tls_group.beg_auth_seq_id     ? 
_pdbx_refine_tls_group.beg_label_asym_id   ? 
_pdbx_refine_tls_group.beg_label_seq_id    ? 
_pdbx_refine_tls_group.end_auth_asym_id    ? 
_pdbx_refine_tls_group.end_auth_seq_id     ? 
_pdbx_refine_tls_group.end_label_asym_id   ? 
_pdbx_refine_tls_group.end_label_seq_id    ? 
_pdbx_refine_tls_group.selection           ? 
_pdbx_refine_tls_group.selection_details   all 
# 
loop_
_pdbx_unobs_or_zero_occ_residues.id 
_pdbx_unobs_or_zero_occ_residues.PDB_model_num 
_pdbx_unobs_or_zero_occ_residues.polymer_flag 
_pdbx_unobs_or_zero_occ_residues.occupancy_flag 
_pdbx_unobs_or_zero_occ_residues.auth_asym_id 
_pdbx_unobs_or_zero_occ_residues.auth_comp_id 
_pdbx_unobs_or_zero_occ_residues.auth_seq_id 
_pdbx_unobs_or_zero_occ_residues.PDB_ins_code 
_pdbx_unobs_or_zero_occ_residues.label_asym_id 
_pdbx_unobs_or_zero_occ_residues.label_comp_id 
_pdbx_unobs_or_zero_occ_residues.label_seq_id 
1 1 Y 1 A GLY 28 ? A GLY 1 
2 1 Y 1 A SER 29 ? A SER 2 
3 1 Y 1 A HIS 30 ? A HIS 3 
4 1 Y 1 A MET 31 ? A MET 4 
# 
loop_
_chem_comp_atom.comp_id 
_chem_comp_atom.atom_id 
_chem_comp_atom.type_symbol 
_chem_comp_atom.pdbx_aromatic_flag 
_chem_comp_atom.pdbx_stereo_config 
_chem_comp_atom.pdbx_ordinal 
ALA N    N N N 1   
ALA CA   C N S 2   
ALA C    C N N 3   
ALA O    O N N 4   
ALA CB   C N N 5   
ALA OXT  O N N 6   
ALA H    H N N 7   
ALA H2   H N N 8   
ALA HA   H N N 9   
ALA HB1  H N N 10  
ALA HB2  H N N 11  
ALA HB3  H N N 12  
ALA HXT  H N N 13  
ARG N    N N N 14  
ARG CA   C N S 15  
ARG C    C N N 16  
ARG O    O N N 17  
ARG CB   C N N 18  
ARG CG   C N N 19  
ARG CD   C N N 20  
ARG NE   N N N 21  
ARG CZ   C N N 22  
ARG NH1  N N N 23  
ARG NH2  N N N 24  
ARG OXT  O N N 25  
ARG H    H N N 26  
ARG H2   H N N 27  
ARG HA   H N N 28  
ARG HB2  H N N 29  
ARG HB3  H N N 30  
ARG HG2  H N N 31  
ARG HG3  H N N 32  
ARG HD2  H N N 33  
ARG HD3  H N N 34  
ARG HE   H N N 35  
ARG HH11 H N N 36  
ARG HH12 H N N 37  
ARG HH21 H N N 38  
ARG HH22 H N N 39  
ARG HXT  H N N 40  
ASN N    N N N 41  
ASN CA   C N S 42  
ASN C    C N N 43  
ASN O    O N N 44  
ASN CB   C N N 45  
ASN CG   C N N 46  
ASN OD1  O N N 47  
ASN ND2  N N N 48  
ASN OXT  O N N 49  
ASN H    H N N 50  
ASN H2   H N N 51  
ASN HA   H N N 52  
ASN HB2  H N N 53  
ASN HB3  H N N 54  
ASN HD21 H N N 55  
ASN HD22 H N N 56  
ASN HXT  H N N 57  
ASP N    N N N 58  
ASP CA   C N S 59  
ASP C    C N N 60  
ASP O    O N N 61  
ASP CB   C N N 62  
ASP CG   C N N 63  
ASP OD1  O N N 64  
ASP OD2  O N N 65  
ASP OXT  O N N 66  
ASP H    H N N 67  
ASP H2   H N N 68  
ASP HA   H N N 69  
ASP HB2  H N N 70  
ASP HB3  H N N 71  
ASP HD2  H N N 72  
ASP HXT  H N N 73  
CYS N    N N N 74  
CYS CA   C N R 75  
CYS C    C N N 76  
CYS O    O N N 77  
CYS CB   C N N 78  
CYS SG   S N N 79  
CYS OXT  O N N 80  
CYS H    H N N 81  
CYS H2   H N N 82  
CYS HA   H N N 83  
CYS HB2  H N N 84  
CYS HB3  H N N 85  
CYS HG   H N N 86  
CYS HXT  H N N 87  
GLN N    N N N 88  
GLN CA   C N S 89  
GLN C    C N N 90  
GLN O    O N N 91  
GLN CB   C N N 92  
GLN CG   C N N 93  
GLN CD   C N N 94  
GLN OE1  O N N 95  
GLN NE2  N N N 96  
GLN OXT  O N N 97  
GLN H    H N N 98  
GLN H2   H N N 99  
GLN HA   H N N 100 
GLN HB2  H N N 101 
GLN HB3  H N N 102 
GLN HG2  H N N 103 
GLN HG3  H N N 104 
GLN HE21 H N N 105 
GLN HE22 H N N 106 
GLN HXT  H N N 107 
GLU N    N N N 108 
GLU CA   C N S 109 
GLU C    C N N 110 
GLU O    O N N 111 
GLU CB   C N N 112 
GLU CG   C N N 113 
GLU CD   C N N 114 
GLU OE1  O N N 115 
GLU OE2  O N N 116 
GLU OXT  O N N 117 
GLU H    H N N 118 
GLU H2   H N N 119 
GLU HA   H N N 120 
GLU HB2  H N N 121 
GLU HB3  H N N 122 
GLU HG2  H N N 123 
GLU HG3  H N N 124 
GLU HE2  H N N 125 
GLU HXT  H N N 126 
GLY N    N N N 127 
GLY CA   C N N 128 
GLY C    C N N 129 
GLY O    O N N 130 
GLY OXT  O N N 131 
GLY H    H N N 132 
GLY H2   H N N 133 
GLY HA2  H N N 134 
GLY HA3  H N N 135 
GLY HXT  H N N 136 
HIS N    N N N 137 
HIS CA   C N S 138 
HIS C    C N N 139 
HIS O    O N N 140 
HIS CB   C N N 141 
HIS CG   C Y N 142 
HIS ND1  N Y N 143 
HIS CD2  C Y N 144 
HIS CE1  C Y N 145 
HIS NE2  N Y N 146 
HIS OXT  O N N 147 
HIS H    H N N 148 
HIS H2   H N N 149 
HIS HA   H N N 150 
HIS HB2  H N N 151 
HIS HB3  H N N 152 
HIS HD1  H N N 153 
HIS HD2  H N N 154 
HIS HE1  H N N 155 
HIS HE2  H N N 156 
HIS HXT  H N N 157 
HOH O    O N N 158 
HOH H1   H N N 159 
HOH H2   H N N 160 
ILE N    N N N 161 
ILE CA   C N S 162 
ILE C    C N N 163 
ILE O    O N N 164 
ILE CB   C N S 165 
ILE CG1  C N N 166 
ILE CG2  C N N 167 
ILE CD1  C N N 168 
ILE OXT  O N N 169 
ILE H    H N N 170 
ILE H2   H N N 171 
ILE HA   H N N 172 
ILE HB   H N N 173 
ILE HG12 H N N 174 
ILE HG13 H N N 175 
ILE HG21 H N N 176 
ILE HG22 H N N 177 
ILE HG23 H N N 178 
ILE HD11 H N N 179 
ILE HD12 H N N 180 
ILE HD13 H N N 181 
ILE HXT  H N N 182 
LEU N    N N N 183 
LEU CA   C N S 184 
LEU C    C N N 185 
LEU O    O N N 186 
LEU CB   C N N 187 
LEU CG   C N N 188 
LEU CD1  C N N 189 
LEU CD2  C N N 190 
LEU OXT  O N N 191 
LEU H    H N N 192 
LEU H2   H N N 193 
LEU HA   H N N 194 
LEU HB2  H N N 195 
LEU HB3  H N N 196 
LEU HG   H N N 197 
LEU HD11 H N N 198 
LEU HD12 H N N 199 
LEU HD13 H N N 200 
LEU HD21 H N N 201 
LEU HD22 H N N 202 
LEU HD23 H N N 203 
LEU HXT  H N N 204 
LYS N    N N N 205 
LYS CA   C N S 206 
LYS C    C N N 207 
LYS O    O N N 208 
LYS CB   C N N 209 
LYS CG   C N N 210 
LYS CD   C N N 211 
LYS CE   C N N 212 
LYS NZ   N N N 213 
LYS OXT  O N N 214 
LYS H    H N N 215 
LYS H2   H N N 216 
LYS HA   H N N 217 
LYS HB2  H N N 218 
LYS HB3  H N N 219 
LYS HG2  H N N 220 
LYS HG3  H N N 221 
LYS HD2  H N N 222 
LYS HD3  H N N 223 
LYS HE2  H N N 224 
LYS HE3  H N N 225 
LYS HZ1  H N N 226 
LYS HZ2  H N N 227 
LYS HZ3  H N N 228 
LYS HXT  H N N 229 
MET N    N N N 230 
MET CA   C N S 231 
MET C    C N N 232 
MET O    O N N 233 
MET CB   C N N 234 
MET CG   C N N 235 
MET SD   S N N 236 
MET CE   C N N 237 
MET OXT  O N N 238 
MET H    H N N 239 
MET H2   H N N 240 
MET HA   H N N 241 
MET HB2  H N N 242 
MET HB3  H N N 243 
MET HG2  H N N 244 
MET HG3  H N N 245 
MET HE1  H N N 246 
MET HE2  H N N 247 
MET HE3  H N N 248 
MET HXT  H N N 249 
PHE N    N N N 250 
PHE CA   C N S 251 
PHE C    C N N 252 
PHE O    O N N 253 
PHE CB   C N N 254 
PHE CG   C Y N 255 
PHE CD1  C Y N 256 
PHE CD2  C Y N 257 
PHE CE1  C Y N 258 
PHE CE2  C Y N 259 
PHE CZ   C Y N 260 
PHE OXT  O N N 261 
PHE H    H N N 262 
PHE H2   H N N 263 
PHE HA   H N N 264 
PHE HB2  H N N 265 
PHE HB3  H N N 266 
PHE HD1  H N N 267 
PHE HD2  H N N 268 
PHE HE1  H N N 269 
PHE HE2  H N N 270 
PHE HZ   H N N 271 
PHE HXT  H N N 272 
PRO N    N N N 273 
PRO CA   C N S 274 
PRO C    C N N 275 
PRO O    O N N 276 
PRO CB   C N N 277 
PRO CG   C N N 278 
PRO CD   C N N 279 
PRO OXT  O N N 280 
PRO H    H N N 281 
PRO HA   H N N 282 
PRO HB2  H N N 283 
PRO HB3  H N N 284 
PRO HG2  H N N 285 
PRO HG3  H N N 286 
PRO HD2  H N N 287 
PRO HD3  H N N 288 
PRO HXT  H N N 289 
SER N    N N N 290 
SER CA   C N S 291 
SER C    C N N 292 
SER O    O N N 293 
SER CB   C N N 294 
SER OG   O N N 295 
SER OXT  O N N 296 
SER H    H N N 297 
SER H2   H N N 298 
SER HA   H N N 299 
SER HB2  H N N 300 
SER HB3  H N N 301 
SER HG   H N N 302 
SER HXT  H N N 303 
THR N    N N N 304 
THR CA   C N S 305 
THR C    C N N 306 
THR O    O N N 307 
THR CB   C N R 308 
THR OG1  O N N 309 
THR CG2  C N N 310 
THR OXT  O N N 311 
THR H    H N N 312 
THR H2   H N N 313 
THR HA   H N N 314 
THR HB   H N N 315 
THR HG1  H N N 316 
THR HG21 H N N 317 
THR HG22 H N N 318 
THR HG23 H N N 319 
THR HXT  H N N 320 
TYR N    N N N 321 
TYR CA   C N S 322 
TYR C    C N N 323 
TYR O    O N N 324 
TYR CB   C N N 325 
TYR CG   C Y N 326 
TYR CD1  C Y N 327 
TYR CD2  C Y N 328 
TYR CE1  C Y N 329 
TYR CE2  C Y N 330 
TYR CZ   C Y N 331 
TYR OH   O N N 332 
TYR OXT  O N N 333 
TYR H    H N N 334 
TYR H2   H N N 335 
TYR HA   H N N 336 
TYR HB2  H N N 337 
TYR HB3  H N N 338 
TYR HD1  H N N 339 
TYR HD2  H N N 340 
TYR HE1  H N N 341 
TYR HE2  H N N 342 
TYR HH   H N N 343 
TYR HXT  H N N 344 
VAL N    N N N 345 
VAL CA   C N S 346 
VAL C    C N N 347 
VAL O    O N N 348 
VAL CB   C N N 349 
VAL CG1  C N N 350 
VAL CG2  C N N 351 
VAL OXT  O N N 352 
VAL H    H N N 353 
VAL H2   H N N 354 
VAL HA   H N N 355 
VAL HB   H N N 356 
VAL HG11 H N N 357 
VAL HG12 H N N 358 
VAL HG13 H N N 359 
VAL HG21 H N N 360 
VAL HG22 H N N 361 
VAL HG23 H N N 362 
VAL HXT  H N N 363 
# 
loop_
_chem_comp_bond.comp_id 
_chem_comp_bond.atom_id_1 
_chem_comp_bond.atom_id_2 
_chem_comp_bond.value_order 
_chem_comp_bond.pdbx_aromatic_flag 
_chem_comp_bond.pdbx_stereo_config 
_chem_comp_bond.pdbx_ordinal 
ALA N   CA   sing N N 1   
ALA N   H    sing N N 2   
ALA N   H2   sing N N 3   
ALA CA  C    sing N N 4   
ALA CA  CB   sing N N 5   
ALA CA  HA   sing N N 6   
ALA C   O    doub N N 7   
ALA C   OXT  sing N N 8   
ALA CB  HB1  sing N N 9   
ALA CB  HB2  sing N N 10  
ALA CB  HB3  sing N N 11  
ALA OXT HXT  sing N N 12  
ARG N   CA   sing N N 13  
ARG N   H    sing N N 14  
ARG N   H2   sing N N 15  
ARG CA  C    sing N N 16  
ARG CA  CB   sing N N 17  
ARG CA  HA   sing N N 18  
ARG C   O    doub N N 19  
ARG C   OXT  sing N N 20  
ARG CB  CG   sing N N 21  
ARG CB  HB2  sing N N 22  
ARG CB  HB3  sing N N 23  
ARG CG  CD   sing N N 24  
ARG CG  HG2  sing N N 25  
ARG CG  HG3  sing N N 26  
ARG CD  NE   sing N N 27  
ARG CD  HD2  sing N N 28  
ARG CD  HD3  sing N N 29  
ARG NE  CZ   sing N N 30  
ARG NE  HE   sing N N 31  
ARG CZ  NH1  sing N N 32  
ARG CZ  NH2  doub N N 33  
ARG NH1 HH11 sing N N 34  
ARG NH1 HH12 sing N N 35  
ARG NH2 HH21 sing N N 36  
ARG NH2 HH22 sing N N 37  
ARG OXT HXT  sing N N 38  
ASN N   CA   sing N N 39  
ASN N   H    sing N N 40  
ASN N   H2   sing N N 41  
ASN CA  C    sing N N 42  
ASN CA  CB   sing N N 43  
ASN CA  HA   sing N N 44  
ASN C   O    doub N N 45  
ASN C   OXT  sing N N 46  
ASN CB  CG   sing N N 47  
ASN CB  HB2  sing N N 48  
ASN CB  HB3  sing N N 49  
ASN CG  OD1  doub N N 50  
ASN CG  ND2  sing N N 51  
ASN ND2 HD21 sing N N 52  
ASN ND2 HD22 sing N N 53  
ASN OXT HXT  sing N N 54  
ASP N   CA   sing N N 55  
ASP N   H    sing N N 56  
ASP N   H2   sing N N 57  
ASP CA  C    sing N N 58  
ASP CA  CB   sing N N 59  
ASP CA  HA   sing N N 60  
ASP C   O    doub N N 61  
ASP C   OXT  sing N N 62  
ASP CB  CG   sing N N 63  
ASP CB  HB2  sing N N 64  
ASP CB  HB3  sing N N 65  
ASP CG  OD1  doub N N 66  
ASP CG  OD2  sing N N 67  
ASP OD2 HD2  sing N N 68  
ASP OXT HXT  sing N N 69  
CYS N   CA   sing N N 70  
CYS N   H    sing N N 71  
CYS N   H2   sing N N 72  
CYS CA  C    sing N N 73  
CYS CA  CB   sing N N 74  
CYS CA  HA   sing N N 75  
CYS C   O    doub N N 76  
CYS C   OXT  sing N N 77  
CYS CB  SG   sing N N 78  
CYS CB  HB2  sing N N 79  
CYS CB  HB3  sing N N 80  
CYS SG  HG   sing N N 81  
CYS OXT HXT  sing N N 82  
GLN N   CA   sing N N 83  
GLN N   H    sing N N 84  
GLN N   H2   sing N N 85  
GLN CA  C    sing N N 86  
GLN CA  CB   sing N N 87  
GLN CA  HA   sing N N 88  
GLN C   O    doub N N 89  
GLN C   OXT  sing N N 90  
GLN CB  CG   sing N N 91  
GLN CB  HB2  sing N N 92  
GLN CB  HB3  sing N N 93  
GLN CG  CD   sing N N 94  
GLN CG  HG2  sing N N 95  
GLN CG  HG3  sing N N 96  
GLN CD  OE1  doub N N 97  
GLN CD  NE2  sing N N 98  
GLN NE2 HE21 sing N N 99  
GLN NE2 HE22 sing N N 100 
GLN OXT HXT  sing N N 101 
GLU N   CA   sing N N 102 
GLU N   H    sing N N 103 
GLU N   H2   sing N N 104 
GLU CA  C    sing N N 105 
GLU CA  CB   sing N N 106 
GLU CA  HA   sing N N 107 
GLU C   O    doub N N 108 
GLU C   OXT  sing N N 109 
GLU CB  CG   sing N N 110 
GLU CB  HB2  sing N N 111 
GLU CB  HB3  sing N N 112 
GLU CG  CD   sing N N 113 
GLU CG  HG2  sing N N 114 
GLU CG  HG3  sing N N 115 
GLU CD  OE1  doub N N 116 
GLU CD  OE2  sing N N 117 
GLU OE2 HE2  sing N N 118 
GLU OXT HXT  sing N N 119 
GLY N   CA   sing N N 120 
GLY N   H    sing N N 121 
GLY N   H2   sing N N 122 
GLY CA  C    sing N N 123 
GLY CA  HA2  sing N N 124 
GLY CA  HA3  sing N N 125 
GLY C   O    doub N N 126 
GLY C   OXT  sing N N 127 
GLY OXT HXT  sing N N 128 
HIS N   CA   sing N N 129 
HIS N   H    sing N N 130 
HIS N   H2   sing N N 131 
HIS CA  C    sing N N 132 
HIS CA  CB   sing N N 133 
HIS CA  HA   sing N N 134 
HIS C   O    doub N N 135 
HIS C   OXT  sing N N 136 
HIS CB  CG   sing N N 137 
HIS CB  HB2  sing N N 138 
HIS CB  HB3  sing N N 139 
HIS CG  ND1  sing Y N 140 
HIS CG  CD2  doub Y N 141 
HIS ND1 CE1  doub Y N 142 
HIS ND1 HD1  sing N N 143 
HIS CD2 NE2  sing Y N 144 
HIS CD2 HD2  sing N N 145 
HIS CE1 NE2  sing Y N 146 
HIS CE1 HE1  sing N N 147 
HIS NE2 HE2  sing N N 148 
HIS OXT HXT  sing N N 149 
HOH O   H1   sing N N 150 
HOH O   H2   sing N N 151 
ILE N   CA   sing N N 152 
ILE N   H    sing N N 153 
ILE N   H2   sing N N 154 
ILE CA  C    sing N N 155 
ILE CA  CB   sing N N 156 
ILE CA  HA   sing N N 157 
ILE C   O    doub N N 158 
ILE C   OXT  sing N N 159 
ILE CB  CG1  sing N N 160 
ILE CB  CG2  sing N N 161 
ILE CB  HB   sing N N 162 
ILE CG1 CD1  sing N N 163 
ILE CG1 HG12 sing N N 164 
ILE CG1 HG13 sing N N 165 
ILE CG2 HG21 sing N N 166 
ILE CG2 HG22 sing N N 167 
ILE CG2 HG23 sing N N 168 
ILE CD1 HD11 sing N N 169 
ILE CD1 HD12 sing N N 170 
ILE CD1 HD13 sing N N 171 
ILE OXT HXT  sing N N 172 
LEU N   CA   sing N N 173 
LEU N   H    sing N N 174 
LEU N   H2   sing N N 175 
LEU CA  C    sing N N 176 
LEU CA  CB   sing N N 177 
LEU CA  HA   sing N N 178 
LEU C   O    doub N N 179 
LEU C   OXT  sing N N 180 
LEU CB  CG   sing N N 181 
LEU CB  HB2  sing N N 182 
LEU CB  HB3  sing N N 183 
LEU CG  CD1  sing N N 184 
LEU CG  CD2  sing N N 185 
LEU CG  HG   sing N N 186 
LEU CD1 HD11 sing N N 187 
LEU CD1 HD12 sing N N 188 
LEU CD1 HD13 sing N N 189 
LEU CD2 HD21 sing N N 190 
LEU CD2 HD22 sing N N 191 
LEU CD2 HD23 sing N N 192 
LEU OXT HXT  sing N N 193 
LYS N   CA   sing N N 194 
LYS N   H    sing N N 195 
LYS N   H2   sing N N 196 
LYS CA  C    sing N N 197 
LYS CA  CB   sing N N 198 
LYS CA  HA   sing N N 199 
LYS C   O    doub N N 200 
LYS C   OXT  sing N N 201 
LYS CB  CG   sing N N 202 
LYS CB  HB2  sing N N 203 
LYS CB  HB3  sing N N 204 
LYS CG  CD   sing N N 205 
LYS CG  HG2  sing N N 206 
LYS CG  HG3  sing N N 207 
LYS CD  CE   sing N N 208 
LYS CD  HD2  sing N N 209 
LYS CD  HD3  sing N N 210 
LYS CE  NZ   sing N N 211 
LYS CE  HE2  sing N N 212 
LYS CE  HE3  sing N N 213 
LYS NZ  HZ1  sing N N 214 
LYS NZ  HZ2  sing N N 215 
LYS NZ  HZ3  sing N N 216 
LYS OXT HXT  sing N N 217 
MET N   CA   sing N N 218 
MET N   H    sing N N 219 
MET N   H2   sing N N 220 
MET CA  C    sing N N 221 
MET CA  CB   sing N N 222 
MET CA  HA   sing N N 223 
MET C   O    doub N N 224 
MET C   OXT  sing N N 225 
MET CB  CG   sing N N 226 
MET CB  HB2  sing N N 227 
MET CB  HB3  sing N N 228 
MET CG  SD   sing N N 229 
MET CG  HG2  sing N N 230 
MET CG  HG3  sing N N 231 
MET SD  CE   sing N N 232 
MET CE  HE1  sing N N 233 
MET CE  HE2  sing N N 234 
MET CE  HE3  sing N N 235 
MET OXT HXT  sing N N 236 
PHE N   CA   sing N N 237 
PHE N   H    sing N N 238 
PHE N   H2   sing N N 239 
PHE CA  C    sing N N 240 
PHE CA  CB   sing N N 241 
PHE CA  HA   sing N N 242 
PHE C   O    doub N N 243 
PHE C   OXT  sing N N 244 
PHE CB  CG   sing N N 245 
PHE CB  HB2  sing N N 246 
PHE CB  HB3  sing N N 247 
PHE CG  CD1  doub Y N 248 
PHE CG  CD2  sing Y N 249 
PHE CD1 CE1  sing Y N 250 
PHE CD1 HD1  sing N N 251 
PHE CD2 CE2  doub Y N 252 
PHE CD2 HD2  sing N N 253 
PHE CE1 CZ   doub Y N 254 
PHE CE1 HE1  sing N N 255 
PHE CE2 CZ   sing Y N 256 
PHE CE2 HE2  sing N N 257 
PHE CZ  HZ   sing N N 258 
PHE OXT HXT  sing N N 259 
PRO N   CA   sing N N 260 
PRO N   CD   sing N N 261 
PRO N   H    sing N N 262 
PRO CA  C    sing N N 263 
PRO CA  CB   sing N N 264 
PRO CA  HA   sing N N 265 
PRO C   O    doub N N 266 
PRO C   OXT  sing N N 267 
PRO CB  CG   sing N N 268 
PRO CB  HB2  sing N N 269 
PRO CB  HB3  sing N N 270 
PRO CG  CD   sing N N 271 
PRO CG  HG2  sing N N 272 
PRO CG  HG3  sing N N 273 
PRO CD  HD2  sing N N 274 
PRO CD  HD3  sing N N 275 
PRO OXT HXT  sing N N 276 
SER N   CA   sing N N 277 
SER N   H    sing N N 278 
SER N   H2   sing N N 279 
SER CA  C    sing N N 280 
SER CA  CB   sing N N 281 
SER CA  HA   sing N N 282 
SER C   O    doub N N 283 
SER C   OXT  sing N N 284 
SER CB  OG   sing N N 285 
SER CB  HB2  sing N N 286 
SER CB  HB3  sing N N 287 
SER OG  HG   sing N N 288 
SER OXT HXT  sing N N 289 
THR N   CA   sing N N 290 
THR N   H    sing N N 291 
THR N   H2   sing N N 292 
THR CA  C    sing N N 293 
THR CA  CB   sing N N 294 
THR CA  HA   sing N N 295 
THR C   O    doub N N 296 
THR C   OXT  sing N N 297 
THR CB  OG1  sing N N 298 
THR CB  CG2  sing N N 299 
THR CB  HB   sing N N 300 
THR OG1 HG1  sing N N 301 
THR CG2 HG21 sing N N 302 
THR CG2 HG22 sing N N 303 
THR CG2 HG23 sing N N 304 
THR OXT HXT  sing N N 305 
TYR N   CA   sing N N 306 
TYR N   H    sing N N 307 
TYR N   H2   sing N N 308 
TYR CA  C    sing N N 309 
TYR CA  CB   sing N N 310 
TYR CA  HA   sing N N 311 
TYR C   O    doub N N 312 
TYR C   OXT  sing N N 313 
TYR CB  CG   sing N N 314 
TYR CB  HB2  sing N N 315 
TYR CB  HB3  sing N N 316 
TYR CG  CD1  doub Y N 317 
TYR CG  CD2  sing Y N 318 
TYR CD1 CE1  sing Y N 319 
TYR CD1 HD1  sing N N 320 
TYR CD2 CE2  doub Y N 321 
TYR CD2 HD2  sing N N 322 
TYR CE1 CZ   doub Y N 323 
TYR CE1 HE1  sing N N 324 
TYR CE2 CZ   sing Y N 325 
TYR CE2 HE2  sing N N 326 
TYR CZ  OH   sing N N 327 
TYR OH  HH   sing N N 328 
TYR OXT HXT  sing N N 329 
VAL N   CA   sing N N 330 
VAL N   H    sing N N 331 
VAL N   H2   sing N N 332 
VAL CA  C    sing N N 333 
VAL CA  CB   sing N N 334 
VAL CA  HA   sing N N 335 
VAL C   O    doub N N 336 
VAL C   OXT  sing N N 337 
VAL CB  CG1  sing N N 338 
VAL CB  CG2  sing N N 339 
VAL CB  HB   sing N N 340 
VAL CG1 HG11 sing N N 341 
VAL CG1 HG12 sing N N 342 
VAL CG1 HG13 sing N N 343 
VAL CG2 HG21 sing N N 344 
VAL CG2 HG22 sing N N 345 
VAL CG2 HG23 sing N N 346 
VAL OXT HXT  sing N N 347 
# 
loop_
_pdbx_audit_support.funding_organization 
_pdbx_audit_support.country 
_pdbx_audit_support.grant_number 
_pdbx_audit_support.ordinal 
'Natural Sciences and Engineering Research Council (NSERC, Canada)' Canada ? 1 
'Canadian Institutes of Health Research (CIHR)'                     Canada ? 2 
'Simon Fraser University Funds'                                     Canada ? 3 
# 
_pdbx_initial_refinement_model.id               1 
_pdbx_initial_refinement_model.entity_id_list   ? 
_pdbx_initial_refinement_model.type             'experimental model' 
_pdbx_initial_refinement_model.source_name      PDB 
_pdbx_initial_refinement_model.accession_code   5EVF 
_pdbx_initial_refinement_model.details          'PDB entry 5EVF' 
# 
_atom_sites.entry_id                    5EVG 
_atom_sites.fract_transf_matrix[1][1]   -0.02375500 
_atom_sites.fract_transf_matrix[1][2]   0.02435475 
_atom_sites.fract_transf_matrix[1][3]   -0.00751273 
_atom_sites.fract_transf_matrix[2][1]   0.00464952 
_atom_sites.fract_transf_matrix[2][2]   0.00951730 
_atom_sites.fract_transf_matrix[2][3]   0.01615154 
_atom_sites.fract_transf_matrix[3][1]   0.00924065 
_atom_sites.fract_transf_matrix[3][2]   0.00693245 
_atom_sites.fract_transf_matrix[3][3]   -0.00674504 
_atom_sites.fract_transf_vector[1]      0.429973 
_atom_sites.fract_transf_vector[2]      -0.066194 
_atom_sites.fract_transf_vector[3]      -0.053326 
# 
loop_
_atom_type.symbol 
C 
N 
O 
S 
# 
loop_
_atom_site.group_PDB 
_atom_site.id 
_atom_site.type_symbol 
_atom_site.label_atom_id 
_atom_site.label_alt_id 
_atom_site.label_comp_id 
_atom_site.label_asym_id 
_atom_site.label_entity_id 
_atom_site.label_seq_id 
_atom_site.pdbx_PDB_ins_code 
_atom_site.Cartn_x 
_atom_site.Cartn_y 
_atom_site.Cartn_z 
_atom_site.occupancy 
_atom_site.B_iso_or_equiv 
_atom_site.pdbx_formal_charge 
_atom_site.auth_seq_id 
_atom_site.auth_comp_id 
_atom_site.auth_asym_id 
_atom_site.auth_atom_id 
_atom_site.pdbx_PDB_model_num 
ATOM   1   N N   . GLU A 1 5   ? -9.663  -5.100  10.346  1.00 55.21  ? 32  GLU A N   1 
ATOM   2   C CA  . GLU A 1 5   ? -9.118  -3.753  10.445  1.00 54.75  ? 32  GLU A CA  1 
ATOM   3   C C   . GLU A 1 5   ? -7.729  -3.686  9.818   1.00 50.76  ? 32  GLU A C   1 
ATOM   4   O O   . GLU A 1 5   ? -6.920  -4.614  9.950   1.00 43.88  ? 32  GLU A O   1 
ATOM   5   C CB  . GLU A 1 5   ? -9.060  -3.291  11.897  1.00 64.05  ? 32  GLU A CB  1 
ATOM   6   C CG  . GLU A 1 5   ? -8.653  -1.838  12.057  1.00 68.99  ? 32  GLU A CG  1 
ATOM   7   C CD  . GLU A 1 5   ? -8.774  -1.357  13.485  1.00 80.16  ? 32  GLU A CD  1 
ATOM   8   O OE1 . GLU A 1 5   ? -8.733  -2.200  14.403  1.00 84.99  ? 32  GLU A OE1 1 
ATOM   9   O OE2 . GLU A 1 5   ? -8.909  -0.133  13.691  1.00 84.29  ? 32  GLU A OE2 1 
ATOM   10  N N   . THR A 1 6   ? -7.453  -2.568  9.155   1.00 46.94  ? 33  THR A N   1 
ATOM   11  C CA  . THR A 1 6   ? -6.279  -2.424  8.304   1.00 41.65  ? 33  THR A CA  1 
ATOM   12  C C   . THR A 1 6   ? -5.307  -1.437  8.933   1.00 38.56  ? 33  THR A C   1 
ATOM   13  O O   . THR A 1 6   ? -5.635  -0.256  9.107   1.00 48.61  ? 33  THR A O   1 
ATOM   14  C CB  . THR A 1 6   ? -6.686  -1.974  6.904   1.00 42.43  ? 33  THR A CB  1 
ATOM   15  O OG1 . THR A 1 6   ? -7.703  -2.852  6.406   1.00 42.78  ? 33  THR A OG1 1 
ATOM   16  C CG2 . THR A 1 6   ? -5.498  -2.011  5.970   1.00 26.44  ? 33  THR A CG2 1 
ATOM   17  N N   A LYS A 1 7   ? -4.120  -1.922  9.273   0.50 35.96  ? 34  LYS A N   1 
ATOM   18  N N   B LYS A 1 7   ? -4.131  -1.934  9.302   0.50 36.08  ? 34  LYS A N   1 
ATOM   19  C CA  A LYS A 1 7   ? -3.042  -1.091  9.781   0.50 39.11  ? 34  LYS A CA  1 
ATOM   20  C CA  B LYS A 1 7   ? -3.041  -1.096  9.766   0.50 39.13  ? 34  LYS A CA  1 
ATOM   21  C C   A LYS A 1 7   ? -2.232  -0.540  8.613   0.50 36.85  ? 34  LYS A C   1 
ATOM   22  C C   B LYS A 1 7   ? -2.353  -0.445  8.571   0.50 36.37  ? 34  LYS A C   1 
ATOM   23  O O   A LYS A 1 7   ? -2.212  -1.110  7.521   0.50 32.25  ? 34  LYS A O   1 
ATOM   24  O O   B LYS A 1 7   ? -2.528  -0.855  7.421   0.50 32.82  ? 34  LYS A O   1 
ATOM   25  C CB  A LYS A 1 7   ? -2.139  -1.891  10.719  0.50 43.24  ? 34  LYS A CB  1 
ATOM   26  C CB  B LYS A 1 7   ? -2.033  -1.919  10.570  0.50 42.58  ? 34  LYS A CB  1 
ATOM   27  C CG  A LYS A 1 7   ? -2.884  -2.887  11.610  0.50 46.65  ? 34  LYS A CG  1 
ATOM   28  C CG  B LYS A 1 7   ? -2.662  -2.767  11.675  0.50 47.15  ? 34  LYS A CG  1 
ATOM   29  C CD  A LYS A 1 7   ? -3.949  -2.209  12.461  0.50 47.37  ? 34  LYS A CD  1 
ATOM   30  C CD  B LYS A 1 7   ? -1.615  -3.544  12.468  0.50 49.07  ? 34  LYS A CD  1 
ATOM   31  C CE  A LYS A 1 7   ? -4.792  -3.235  13.198  0.50 50.85  ? 34  LYS A CE  1 
ATOM   32  C CE  B LYS A 1 7   ? -0.844  -4.514  11.589  0.50 46.35  ? 34  LYS A CE  1 
ATOM   33  N NZ  A LYS A 1 7   ? -5.963  -2.605  13.865  0.50 49.99  ? 34  LYS A NZ  1 
ATOM   34  N NZ  B LYS A 1 7   ? 0.186   -5.259  12.361  0.50 48.75  ? 34  LYS A NZ  1 
ATOM   35  N N   . GLY A 1 8   ? -1.559  0.581   8.854   1.00 37.82  ? 35  GLY A N   1 
ATOM   36  C CA  . GLY A 1 8   ? -0.812  1.226   7.795   1.00 37.65  ? 35  GLY A CA  1 
ATOM   37  C C   . GLY A 1 8   ? 0.142   2.297   8.270   1.00 43.90  ? 35  GLY A C   1 
ATOM   38  O O   . GLY A 1 8   ? -0.183  3.078   9.170   1.00 48.10  ? 35  GLY A O   1 
ATOM   39  N N   . VAL A 1 9   ? 1.328   2.338   7.668   1.00 39.96  ? 36  VAL A N   1 
ATOM   40  C CA  . VAL A 1 9   ? 2.309   3.378   7.939   1.00 39.84  ? 36  VAL A CA  1 
ATOM   41  C C   . VAL A 1 9   ? 2.721   3.994   6.612   1.00 33.61  ? 36  VAL A C   1 
ATOM   42  O O   . VAL A 1 9   ? 2.768   3.311   5.584   1.00 33.76  ? 36  VAL A O   1 
ATOM   43  C CB  . VAL A 1 9   ? 3.541   2.839   8.692   1.00 42.05  ? 36  VAL A CB  1 
ATOM   44  C CG1 . VAL A 1 9   ? 3.132   2.265   10.033  1.00 49.69  ? 36  VAL A CG1 1 
ATOM   45  C CG2 . VAL A 1 9   ? 4.235   1.782   7.867   1.00 39.97  ? 36  VAL A CG2 1 
ATOM   46  N N   . TYR A 1 10  ? 2.986   5.289   6.627   1.00 39.48  ? 37  TYR A N   1 
ATOM   47  C CA  . TYR A 1 10  ? 3.578   5.971   5.487   1.00 41.21  ? 37  TYR A CA  1 
ATOM   48  C C   . TYR A 1 10  ? 4.950   6.455   5.921   1.00 39.56  ? 37  TYR A C   1 
ATOM   49  O O   . TYR A 1 10  ? 5.075   7.081   6.977   1.00 46.13  ? 37  TYR A O   1 
ATOM   50  C CB  . TYR A 1 10  ? 2.704   7.134   5.014   1.00 39.77  ? 37  TYR A CB  1 
ATOM   51  C CG  . TYR A 1 10  ? 3.207   7.804   3.753   1.00 39.74  ? 37  TYR A CG  1 
ATOM   52  C CD1 . TYR A 1 10  ? 4.131   8.835   3.818   1.00 45.13  ? 37  TYR A CD1 1 
ATOM   53  C CD2 . TYR A 1 10  ? 2.754   7.408   2.498   1.00 36.70  ? 37  TYR A CD2 1 
ATOM   54  C CE1 . TYR A 1 10  ? 4.600   9.453   2.671   1.00 45.83  ? 37  TYR A CE1 1 
ATOM   55  C CE2 . TYR A 1 10  ? 3.216   8.025   1.342   1.00 37.78  ? 37  TYR A CE2 1 
ATOM   56  C CZ  . TYR A 1 10  ? 4.133   9.049   1.436   1.00 39.91  ? 37  TYR A CZ  1 
ATOM   57  O OH  . TYR A 1 10  ? 4.598   9.673   0.295   1.00 47.51  ? 37  TYR A OH  1 
ATOM   58  N N   . LEU A 1 11  ? 5.975   6.130   5.129   1.00 38.29  ? 38  LEU A N   1 
ATOM   59  C CA  . LEU A 1 11  ? 7.361   6.454   5.460   1.00 44.74  ? 38  LEU A CA  1 
ATOM   60  C C   . LEU A 1 11  ? 7.884   7.481   4.464   1.00 47.43  ? 38  LEU A C   1 
ATOM   61  O O   . LEU A 1 11  ? 8.321   7.103   3.363   1.00 44.60  ? 38  LEU A O   1 
ATOM   62  C CB  . LEU A 1 11  ? 8.234   5.194   5.426   1.00 45.94  ? 38  LEU A CB  1 
ATOM   63  C CG  . LEU A 1 11  ? 7.905   3.999   6.318   1.00 51.64  ? 38  LEU A CG  1 
ATOM   64  C CD1 . LEU A 1 11  ? 8.799   2.831   5.965   1.00 55.89  ? 38  LEU A CD1 1 
ATOM   65  C CD2 . LEU A 1 11  ? 8.057   4.352   7.777   1.00 53.23  ? 38  LEU A CD2 1 
ATOM   66  N N   . PRO A 1 12  ? 7.880   8.778   4.788   1.00 49.93  ? 39  PRO A N   1 
ATOM   67  C CA  . PRO A 1 12  ? 8.303   9.778   3.801   1.00 49.24  ? 39  PRO A CA  1 
ATOM   68  C C   . PRO A 1 12  ? 9.787   9.648   3.507   1.00 51.03  ? 39  PRO A C   1 
ATOM   69  O O   . PRO A 1 12  ? 10.590  9.356   4.397   1.00 56.21  ? 39  PRO A O   1 
ATOM   70  C CB  . PRO A 1 12  ? 7.984   11.120  4.479   1.00 50.12  ? 39  PRO A CB  1 
ATOM   71  C CG  . PRO A 1 12  ? 7.173   10.775  5.703   1.00 55.62  ? 39  PRO A CG  1 
ATOM   72  C CD  . PRO A 1 12  ? 7.597   9.396   6.092   1.00 51.82  ? 39  PRO A CD  1 
ATOM   73  N N   . LYS A 1 13  ? 10.147  9.846   2.241   1.00 49.90  ? 40  LYS A N   1 
ATOM   74  C CA  . LYS A 1 13  ? 11.549  9.846   1.854   1.00 47.70  ? 40  LYS A CA  1 
ATOM   75  C C   . LYS A 1 13  ? 12.160  11.240  1.899   1.00 52.77  ? 40  LYS A C   1 
ATOM   76  O O   . LYS A 1 13  ? 13.384  11.362  1.978   1.00 58.13  ? 40  LYS A O   1 
ATOM   77  C CB  . LYS A 1 13  ? 11.716  9.246   0.450   1.00 45.87  ? 40  LYS A CB  1 
ATOM   78  C CG  . LYS A 1 13  ? 13.168  8.947   0.071   1.00 50.62  ? 40  LYS A CG  1 
ATOM   79  C CD  . LYS A 1 13  ? 13.313  8.330   -1.321  1.00 48.83  ? 40  LYS A CD  1 
ATOM   80  C CE  . LYS A 1 13  ? 14.790  8.040   -1.630  1.00 47.70  ? 40  LYS A CE  1 
ATOM   81  N NZ  . LYS A 1 13  ? 15.021  7.414   -2.969  1.00 43.56  ? 40  LYS A NZ  1 
ATOM   82  N N   A TYR A 1 14  ? 11.339  12.287  1.861   0.50 52.63  ? 41  TYR A N   1 
ATOM   83  N N   B TYR A 1 14  ? 11.338  12.287  1.861   0.50 52.63  ? 41  TYR A N   1 
ATOM   84  C CA  A TYR A 1 14  ? 11.805  13.665  1.888   0.50 55.03  ? 41  TYR A CA  1 
ATOM   85  C CA  B TYR A 1 14  ? 11.806  13.665  1.890   0.50 55.04  ? 41  TYR A CA  1 
ATOM   86  C C   A TYR A 1 14  ? 11.011  14.442  2.926   0.50 56.69  ? 41  TYR A C   1 
ATOM   87  C C   B TYR A 1 14  ? 11.012  14.441  2.928   0.50 56.69  ? 41  TYR A C   1 
ATOM   88  O O   A TYR A 1 14  ? 9.812   14.212  3.100   0.50 55.51  ? 41  TYR A O   1 
ATOM   89  O O   B TYR A 1 14  ? 9.813   14.208  3.103   0.50 55.52  ? 41  TYR A O   1 
ATOM   90  C CB  A TYR A 1 14  ? 11.668  14.327  0.511   0.50 54.15  ? 41  TYR A CB  1 
ATOM   91  C CB  B TYR A 1 14  ? 11.671  14.328  0.514   0.50 54.16  ? 41  TYR A CB  1 
ATOM   92  C CG  A TYR A 1 14  ? 12.364  13.566  -0.594  0.50 52.96  ? 41  TYR A CG  1 
ATOM   93  C CG  B TYR A 1 14  ? 12.362  13.563  -0.591  0.50 52.95  ? 41  TYR A CG  1 
ATOM   94  C CD1 A TYR A 1 14  ? 13.677  13.853  -0.937  0.50 56.56  ? 41  TYR A CD1 1 
ATOM   95  C CD1 B TYR A 1 14  ? 13.674  13.849  -0.939  0.50 56.56  ? 41  TYR A CD1 1 
ATOM   96  C CD2 A TYR A 1 14  ? 11.712  12.556  -1.291  0.50 48.43  ? 41  TYR A CD2 1 
ATOM   97  C CD2 B TYR A 1 14  ? 11.707  12.552  -1.280  0.50 48.43  ? 41  TYR A CD2 1 
ATOM   98  C CE1 A TYR A 1 14  ? 14.320  13.163  -1.940  0.50 55.70  ? 41  TYR A CE1 1 
ATOM   99  C CE1 B TYR A 1 14  ? 14.311  13.153  -1.942  0.50 55.63  ? 41  TYR A CE1 1 
ATOM   100 C CE2 A TYR A 1 14  ? 12.350  11.856  -2.299  0.50 47.85  ? 41  TYR A CE2 1 
ATOM   101 C CE2 B TYR A 1 14  ? 12.338  11.847  -2.288  0.50 47.74  ? 41  TYR A CE2 1 
ATOM   102 C CZ  A TYR A 1 14  ? 13.658  12.166  -2.619  0.50 51.89  ? 41  TYR A CZ  1 
ATOM   103 C CZ  B TYR A 1 14  ? 13.645  12.155  -2.614  0.50 51.92  ? 41  TYR A CZ  1 
ATOM   104 O OH  A TYR A 1 14  ? 14.311  11.481  -3.615  0.50 52.31  ? 41  TYR A OH  1 
ATOM   105 O OH  B TYR A 1 14  ? 14.290  11.463  -3.610  0.50 52.34  ? 41  TYR A OH  1 
ATOM   106 N N   . SER A 1 15  ? 11.685  15.364  3.617   1.00 59.46  ? 42  SER A N   1 
ATOM   107 C CA  . SER A 1 15  ? 11.021  16.147  4.651   1.00 66.16  ? 42  SER A CA  1 
ATOM   108 C C   . SER A 1 15  ? 10.121  17.229  4.073   1.00 65.10  ? 42  SER A C   1 
ATOM   109 O O   . SER A 1 15  ? 9.233   17.721  4.781   1.00 66.33  ? 42  SER A O   1 
ATOM   110 C CB  . SER A 1 15  ? 12.049  16.774  5.590   1.00 75.65  ? 42  SER A CB  1 
ATOM   111 O OG  . SER A 1 15  ? 12.385  18.081  5.165   1.00 81.60  ? 42  SER A OG  1 
ATOM   112 N N   . ALA A 1 16  ? 10.317  17.599  2.811   1.00 58.28  ? 43  ALA A N   1 
ATOM   113 C CA  . ALA A 1 16  ? 9.377   18.487  2.139   1.00 62.59  ? 43  ALA A CA  1 
ATOM   114 C C   . ALA A 1 16  ? 7.995   17.845  2.096   1.00 70.38  ? 43  ALA A C   1 
ATOM   115 O O   . ALA A 1 16  ? 7.837   16.726  1.595   1.00 77.43  ? 43  ALA A O   1 
ATOM   116 C CB  . ALA A 1 16  ? 9.869   18.795  0.726   1.00 61.67  ? 43  ALA A CB  1 
ATOM   117 N N   A GLU A 1 17  ? 6.994   18.541  2.627   0.51 69.83  ? 44  GLU A N   1 
ATOM   118 N N   B GLU A 1 17  ? 7.000   18.557  2.617   0.49 69.86  ? 44  GLU A N   1 
ATOM   119 C CA  A GLU A 1 17  ? 5.633   18.023  2.675   0.51 68.64  ? 44  GLU A CA  1 
ATOM   120 C CA  B GLU A 1 17  ? 5.627   18.076  2.670   0.49 68.72  ? 44  GLU A CA  1 
ATOM   121 C C   A GLU A 1 17  ? 4.803   18.632  1.553   0.51 67.72  ? 44  GLU A C   1 
ATOM   122 C C   B GLU A 1 17  ? 4.836   18.647  1.500   0.49 67.72  ? 44  GLU A C   1 
ATOM   123 O O   A GLU A 1 17  ? 4.738   19.859  1.416   0.51 69.60  ? 44  GLU A O   1 
ATOM   124 O O   B GLU A 1 17  ? 4.835   19.863  1.281   0.49 69.64  ? 44  GLU A O   1 
ATOM   125 C CB  A GLU A 1 17  ? 4.986   18.304  4.033   0.51 70.67  ? 44  GLU A CB  1 
ATOM   126 C CB  B GLU A 1 17  ? 4.968   18.465  3.995   0.49 70.81  ? 44  GLU A CB  1 
ATOM   127 C CG  A GLU A 1 17  ? 5.547   17.450  5.162   0.51 72.16  ? 44  GLU A CG  1 
ATOM   128 C CG  B GLU A 1 17  ? 5.819   18.165  5.219   0.49 73.72  ? 44  GLU A CG  1 
ATOM   129 C CD  A GLU A 1 17  ? 4.856   17.696  6.488   0.51 72.68  ? 44  GLU A CD  1 
ATOM   130 C CD  B GLU A 1 17  ? 5.104   18.476  6.520   0.49 74.29  ? 44  GLU A CD  1 
ATOM   131 O OE1 A GLU A 1 17  ? 4.098   18.683  6.592   0.51 73.08  ? 44  GLU A OE1 1 
ATOM   132 O OE1 B GLU A 1 17  ? 3.956   18.963  6.466   0.49 73.46  ? 44  GLU A OE1 1 
ATOM   133 O OE2 A GLU A 1 17  ? 5.072   16.900  7.427   0.51 72.89  ? 44  GLU A OE2 1 
ATOM   134 O OE2 B GLU A 1 17  ? 5.691   18.233  7.596   0.49 75.52  ? 44  GLU A OE2 1 
ATOM   135 N N   . LEU A 1 18  ? 4.166   17.774  0.761   1.00 62.54  ? 45  LEU A N   1 
ATOM   136 C CA  . LEU A 1 18  ? 3.372   18.193  -0.381  1.00 55.11  ? 45  LEU A CA  1 
ATOM   137 C C   . LEU A 1 18  ? 1.920   18.424  0.026   1.00 55.21  ? 45  LEU A C   1 
ATOM   138 O O   . LEU A 1 18  ? 1.453   17.895  1.039   1.00 56.77  ? 45  LEU A O   1 
ATOM   139 C CB  . LEU A 1 18  ? 3.451   17.141  -1.483  1.00 51.75  ? 45  LEU A CB  1 
ATOM   140 C CG  . LEU A 1 18  ? 4.848   16.710  -1.932  1.00 59.32  ? 45  LEU A CG  1 
ATOM   141 C CD1 . LEU A 1 18  ? 4.753   15.603  -2.972  1.00 57.50  ? 45  LEU A CD1 1 
ATOM   142 C CD2 . LEU A 1 18  ? 5.640   17.892  -2.475  1.00 59.44  ? 45  LEU A CD2 1 
ATOM   143 N N   . PRO A 1 19  ? 1.180   19.229  -0.733  1.00 59.83  ? 46  PRO A N   1 
ATOM   144 C CA  . PRO A 1 19  ? -0.240  19.447  -0.419  1.00 57.39  ? 46  PRO A CA  1 
ATOM   145 C C   . PRO A 1 19  ? -1.033  18.166  -0.606  1.00 49.40  ? 46  PRO A C   1 
ATOM   146 O O   . PRO A 1 19  ? -0.833  17.444  -1.594  1.00 43.92  ? 46  PRO A O   1 
ATOM   147 C CB  . PRO A 1 19  ? -0.680  20.524  -1.424  1.00 60.23  ? 46  PRO A CB  1 
ATOM   148 C CG  . PRO A 1 19  ? 0.399   20.617  -2.436  1.00 61.01  ? 46  PRO A CG  1 
ATOM   149 C CD  . PRO A 1 19  ? 1.649   20.042  -1.870  1.00 59.72  ? 46  PRO A CD  1 
ATOM   150 N N   . PRO A 1 20  ? -1.932  17.847  0.324   1.00 48.58  ? 47  PRO A N   1 
ATOM   151 C CA  . PRO A 1 20  ? -2.692  16.596  0.215   1.00 45.00  ? 47  PRO A CA  1 
ATOM   152 C C   . PRO A 1 20  ? -3.529  16.561  -1.051  1.00 44.28  ? 47  PRO A C   1 
ATOM   153 O O   . PRO A 1 20  ? -3.958  17.592  -1.567  1.00 43.65  ? 47  PRO A O   1 
ATOM   154 C CB  . PRO A 1 20  ? -3.584  16.608  1.463   1.00 42.43  ? 47  PRO A CB  1 
ATOM   155 C CG  . PRO A 1 20  ? -2.894  17.519  2.418   1.00 48.59  ? 47  PRO A CG  1 
ATOM   156 C CD  . PRO A 1 20  ? -2.204  18.559  1.582   1.00 50.41  ? 47  PRO A CD  1 
ATOM   157 N N   . THR A 1 21  ? -3.762  15.354  -1.547  1.00 37.30  ? 48  THR A N   1 
ATOM   158 C CA  . THR A 1 21  ? -4.657  15.126  -2.668  1.00 36.23  ? 48  THR A CA  1 
ATOM   159 C C   . THR A 1 21  ? -5.784  14.192  -2.225  1.00 39.78  ? 48  THR A C   1 
ATOM   160 O O   . THR A 1 21  ? -5.809  13.707  -1.094  1.00 36.81  ? 48  THR A O   1 
ATOM   161 C CB  . THR A 1 21  ? -3.898  14.562  -3.868  1.00 41.07  ? 48  THR A CB  1 
ATOM   162 O OG1 . THR A 1 21  ? -4.785  14.489  -4.990  1.00 56.48  ? 48  THR A OG1 1 
ATOM   163 C CG2 . THR A 1 21  ? -3.367  13.174  -3.552  1.00 32.30  ? 48  THR A CG2 1 
ATOM   164 N N   . ASP A 1 22  ? -6.777  13.959  -3.155  1.00 46.44  ? 49  ASP A N   1 
ATOM   165 C CA  . ASP A 1 22  ? -7.908  13.090  -2.849  1.00 46.77  ? 49  ASP A CA  1 
ATOM   166 C C   . ASP A 1 22  ? -7.599  11.659  -3.289  1.00 42.61  ? 49  ASP A C   1 
ATOM   167 O O   . ASP A 1 22  ? -6.959  11.457  -4.332  1.00 33.95  ? 49  ASP A O   1 
ATOM   168 C CB  . ASP A 1 22  ? -9.174  13.595  -3.546  1.00 50.41  ? 49  ASP A CB  1 
ATOM   169 C CG  . ASP A 1 22  ? -10.417 12.787  -3.187  1.00 56.24  ? 49  ASP A CG  1 
ATOM   170 O OD1 . ASP A 1 22  ? -11.004 13.018  -2.101  1.00 53.23  ? 49  ASP A OD1 1 
ATOM   171 O OD2 . ASP A 1 22  ? -10.823 11.931  -4.003  1.00 55.26  ? 49  ASP A OD2 1 
ATOM   172 N N   . PRO A 1 23  ? -8.021  10.653  -2.507  1.00 37.52  ? 50  PRO A N   1 
ATOM   173 C CA  . PRO A 1 23  ? -7.778  9.262   -2.924  1.00 31.71  ? 50  PRO A CA  1 
ATOM   174 C C   . PRO A 1 23  ? -8.154  8.986   -4.372  1.00 33.24  ? 50  PRO A C   1 
ATOM   175 O O   . PRO A 1 23  ? -7.414  8.266   -5.054  1.00 31.20  ? 50  PRO A O   1 
ATOM   176 C CB  . PRO A 1 23  ? -8.633  8.453   -1.938  1.00 30.99  ? 50  PRO A CB  1 
ATOM   177 C CG  . PRO A 1 23  ? -8.628  9.290   -0.692  1.00 29.19  ? 50  PRO A CG  1 
ATOM   178 C CD  . PRO A 1 23  ? -8.681  10.723  -1.188  1.00 32.40  ? 50  PRO A CD  1 
ATOM   179 N N   . SER A 1 24  ? -9.257  9.570   -4.878  1.00 25.41  ? 51  SER A N   1 
ATOM   180 C CA  . SER A 1 24  ? -9.642  9.316   -6.265  1.00 22.90  ? 51  SER A CA  1 
ATOM   181 C C   . SER A 1 24  ? -8.586  9.775   -7.280  1.00 25.49  ? 51  SER A C   1 
ATOM   182 O O   . SER A 1 24  ? -8.639  9.354   -8.446  1.00 24.51  ? 51  SER A O   1 
ATOM   183 C CB  . SER A 1 24  ? -10.978 9.982   -6.584  1.00 30.03  ? 51  SER A CB  1 
ATOM   184 O OG  . SER A 1 24  ? -10.891 11.393  -6.496  1.00 29.53  ? 51  SER A OG  1 
ATOM   185 N N   . GLN A 1 25  ? -7.632  10.615  -6.874  1.00 29.21  ? 52  GLN A N   1 
ATOM   186 C CA  . GLN A 1 25  ? -6.643  11.131  -7.813  1.00 29.82  ? 52  GLN A CA  1 
ATOM   187 C C   . GLN A 1 25  ? -5.400  10.262  -7.906  1.00 30.45  ? 52  GLN A C   1 
ATOM   188 O O   . GLN A 1 25  ? -4.542  10.516  -8.771  1.00 28.67  ? 52  GLN A O   1 
ATOM   189 C CB  . GLN A 1 25  ? -6.222  12.545  -7.413  1.00 31.08  ? 52  GLN A CB  1 
ATOM   190 C CG  . GLN A 1 25  ? -7.385  13.552  -7.367  1.00 33.68  ? 52  GLN A CG  1 
ATOM   191 C CD  . GLN A 1 25  ? -6.890  14.980  -7.246  1.00 43.25  ? 52  GLN A CD  1 
ATOM   192 O OE1 . GLN A 1 25  ? -6.861  15.534  -6.153  1.00 54.05  ? 52  GLN A OE1 1 
ATOM   193 N NE2 . GLN A 1 25  ? -6.527  15.587  -8.363  1.00 45.77  ? 52  GLN A NE2 1 
ATOM   194 N N   . VAL A 1 26  ? -5.287  9.249   -7.058  1.00 26.12  ? 53  VAL A N   1 
ATOM   195 C CA  . VAL A 1 26  ? -4.072  8.436   -6.995  1.00 23.13  ? 53  VAL A CA  1 
ATOM   196 C C   . VAL A 1 26  ? -4.139  7.347   -8.060  1.00 26.39  ? 53  VAL A C   1 
ATOM   197 O O   . VAL A 1 26  ? -5.016  6.476   -8.021  1.00 25.90  ? 53  VAL A O   1 
ATOM   198 C CB  . VAL A 1 26  ? -3.900  7.827   -5.597  1.00 22.90  ? 53  VAL A CB  1 
ATOM   199 C CG1 . VAL A 1 26  ? -2.622  6.930   -5.541  1.00 22.28  ? 53  VAL A CG1 1 
ATOM   200 C CG2 . VAL A 1 26  ? -3.866  8.924   -4.539  1.00 21.96  ? 53  VAL A CG2 1 
ATOM   201 N N   . ARG A 1 27  ? -3.204  7.381   -9.000  1.00 22.43  ? 54  ARG A N   1 
ATOM   202 C CA  . ARG A 1 27  ? -3.098  6.342   -10.009 1.00 23.20  ? 54  ARG A CA  1 
ATOM   203 C C   . ARG A 1 27  ? -2.386  5.130   -9.432  1.00 23.41  ? 54  ARG A C   1 
ATOM   204 O O   . ARG A 1 27  ? -1.461  5.265   -8.629  1.00 33.02  ? 54  ARG A O   1 
ATOM   205 C CB  . ARG A 1 27  ? -2.333  6.852   -11.221 1.00 24.28  ? 54  ARG A CB  1 
ATOM   206 C CG  . ARG A 1 27  ? -2.993  8.083   -11.845 1.00 28.71  ? 54  ARG A CG  1 
ATOM   207 C CD  . ARG A 1 27  ? -2.235  8.571   -13.064 1.00 45.26  ? 54  ARG A CD  1 
ATOM   208 N NE  . ARG A 1 27  ? -0.838  8.863   -12.765 1.00 52.79  ? 54  ARG A NE  1 
ATOM   209 C CZ  . ARG A 1 27  ? -0.384  10.067  -12.432 1.00 61.68  ? 54  ARG A CZ  1 
ATOM   210 N NH1 . ARG A 1 27  ? -1.212  11.104  -12.353 1.00 58.62  ? 54  ARG A NH1 1 
ATOM   211 N NH2 . ARG A 1 27  ? 0.901   10.235  -12.181 1.00 63.64  ? 54  ARG A NH2 1 
ATOM   212 N N   . VAL A 1 28  ? -2.793  3.940   -9.874  1.00 20.65  ? 55  VAL A N   1 
ATOM   213 C CA  . VAL A 1 28  ? -2.391  2.697   -9.195  1.00 21.49  ? 55  VAL A CA  1 
ATOM   214 C C   . VAL A 1 28  ? -1.751  1.730   -10.192 1.00 27.78  ? 55  VAL A C   1 
ATOM   215 O O   . VAL A 1 28  ? -2.386  1.336   -11.179 1.00 23.22  ? 55  VAL A O   1 
ATOM   216 C CB  . VAL A 1 28  ? -3.594  2.037   -8.494  1.00 23.63  ? 55  VAL A CB  1 
ATOM   217 C CG1 . VAL A 1 28  ? -3.201  0.680   -7.901  1.00 23.47  ? 55  VAL A CG1 1 
ATOM   218 C CG2 . VAL A 1 28  ? -4.119  2.942   -7.386  1.00 23.04  ? 55  VAL A CG2 1 
ATOM   219 N N   . TYR A 1 29  ? -0.513  1.294   -9.907  1.00 22.01  ? 56  TYR A N   1 
ATOM   220 C CA  . TYR A 1 29  ? 0.197   0.370   -10.782 1.00 19.30  ? 56  TYR A CA  1 
ATOM   221 C C   . TYR A 1 29  ? 0.728   -0.820  -9.995  1.00 20.98  ? 56  TYR A C   1 
ATOM   222 O O   . TYR A 1 29  ? 1.027   -0.707  -8.806  1.00 21.41  ? 56  TYR A O   1 
ATOM   223 C CB  . TYR A 1 29  ? 1.394   1.035   -11.481 1.00 23.11  ? 56  TYR A CB  1 
ATOM   224 C CG  . TYR A 1 29  ? 0.966   2.179   -12.343 1.00 22.11  ? 56  TYR A CG  1 
ATOM   225 C CD1 . TYR A 1 29  ? 0.955   3.474   -11.846 1.00 27.45  ? 56  TYR A CD1 1 
ATOM   226 C CD2 . TYR A 1 29  ? 0.554   1.963   -13.645 1.00 24.58  ? 56  TYR A CD2 1 
ATOM   227 C CE1 . TYR A 1 29  ? 0.558   4.541   -12.645 1.00 30.46  ? 56  TYR A CE1 1 
ATOM   228 C CE2 . TYR A 1 29  ? 0.155   3.023   -14.445 1.00 24.87  ? 56  TYR A CE2 1 
ATOM   229 C CZ  . TYR A 1 29  ? 0.145   4.296   -13.929 1.00 24.00  ? 56  TYR A CZ  1 
ATOM   230 O OH  . TYR A 1 29  ? -0.269  5.333   -14.732 1.00 27.80  ? 56  TYR A OH  1 
ATOM   231 N N   . ASN A 1 30  ? 0.840   -1.956  -10.688 1.00 25.19  ? 57  ASN A N   1 
ATOM   232 C CA  . ASN A 1 30  ? 1.524   -3.120  -10.137 1.00 31.52  ? 57  ASN A CA  1 
ATOM   233 C C   . ASN A 1 30  ? 3.017   -2.868  -10.134 1.00 25.67  ? 57  ASN A C   1 
ATOM   234 O O   . ASN A 1 30  ? 3.600   -2.513  -11.165 1.00 32.43  ? 57  ASN A O   1 
ATOM   235 C CB  . ASN A 1 30  ? 1.246   -4.379  -10.959 1.00 35.75  ? 57  ASN A CB  1 
ATOM   236 C CG  . ASN A 1 30  ? -0.154  -4.858  -10.838 1.00 38.97  ? 57  ASN A CG  1 
ATOM   237 O OD1 . ASN A 1 30  ? -0.676  -5.036  -9.733  1.00 41.95  ? 57  ASN A OD1 1 
ATOM   238 N ND2 . ASN A 1 30  ? -0.783  -5.102  -11.979 1.00 39.50  ? 57  ASN A ND2 1 
ATOM   239 N N   . LEU A 1 31  ? 3.647   -3.085  -8.983  1.00 29.94  ? 58  LEU A N   1 
ATOM   240 C CA  . LEU A 1 31  ? 5.097   -2.967  -8.877  1.00 28.75  ? 58  LEU A CA  1 
ATOM   241 C C   . LEU A 1 31  ? 5.736   -4.219  -9.478  1.00 28.31  ? 58  LEU A C   1 
ATOM   242 O O   . LEU A 1 31  ? 5.589   -5.321  -8.935  1.00 27.62  ? 58  LEU A O   1 
ATOM   243 C CB  . LEU A 1 31  ? 5.488   -2.781  -7.416  1.00 40.00  ? 58  LEU A CB  1 
ATOM   244 C CG  . LEU A 1 31  ? 6.978   -2.653  -7.125  1.00 42.63  ? 58  LEU A CG  1 
ATOM   245 C CD1 . LEU A 1 31  ? 7.447   -1.329  -7.663  1.00 46.59  ? 58  LEU A CD1 1 
ATOM   246 C CD2 . LEU A 1 31  ? 7.211   -2.741  -5.629  1.00 45.23  ? 58  LEU A CD2 1 
ATOM   247 N N   . GLN A 1 32  ? 6.443   -4.061  -10.602 1.00 26.30  ? 59  GLN A N   1 
ATOM   248 C CA  . GLN A 1 32  ? 6.966   -5.216  -11.337 1.00 30.32  ? 59  GLN A CA  1 
ATOM   249 C C   . GLN A 1 32  ? 8.488   -5.294  -11.390 1.00 39.16  ? 59  GLN A C   1 
ATOM   250 O O   . GLN A 1 32  ? 9.041   -6.398  -11.310 1.00 33.67  ? 59  GLN A O   1 
ATOM   251 C CB  . GLN A 1 32  ? 6.422   -5.223  -12.782 1.00 27.87  ? 59  GLN A CB  1 
ATOM   252 C CG  . GLN A 1 32  ? 4.894   -5.424  -12.898 1.00 26.92  ? 59  GLN A CG  1 
ATOM   253 C CD  . GLN A 1 32  ? 4.420   -5.340  -14.340 1.00 28.22  ? 59  GLN A CD  1 
ATOM   254 O OE1 . GLN A 1 32  ? 4.862   -4.475  -15.090 1.00 35.70  ? 59  GLN A OE1 1 
ATOM   255 N NE2 . GLN A 1 32  ? 3.532   -6.248  -14.736 1.00 36.00  ? 59  GLN A NE2 1 
ATOM   256 N N   . TYR A 1 33  ? 9.186   -4.168  -11.546 1.00 34.79  ? 60  TYR A N   1 
ATOM   257 C CA  . TYR A 1 33  ? 10.637  -4.153  -11.718 1.00 38.01  ? 60  TYR A CA  1 
ATOM   258 C C   . TYR A 1 33  ? 11.305  -3.412  -10.567 1.00 38.18  ? 60  TYR A C   1 
ATOM   259 O O   . TYR A 1 33  ? 10.746  -2.467  -10.020 1.00 35.97  ? 60  TYR A O   1 
ATOM   260 C CB  . TYR A 1 33  ? 11.045  -3.478  -13.038 1.00 41.97  ? 60  TYR A CB  1 
ATOM   261 C CG  . TYR A 1 33  ? 10.418  -4.075  -14.275 1.00 38.82  ? 60  TYR A CG  1 
ATOM   262 C CD1 . TYR A 1 33  ? 11.051  -5.102  -14.969 1.00 41.46  ? 60  TYR A CD1 1 
ATOM   263 C CD2 . TYR A 1 33  ? 9.202   -3.618  -14.748 1.00 32.35  ? 60  TYR A CD2 1 
ATOM   264 C CE1 . TYR A 1 33  ? 10.485  -5.653  -16.103 1.00 36.62  ? 60  TYR A CE1 1 
ATOM   265 C CE2 . TYR A 1 33  ? 8.631   -4.157  -15.886 1.00 39.13  ? 60  TYR A CE2 1 
ATOM   266 C CZ  . TYR A 1 33  ? 9.284   -5.178  -16.555 1.00 34.22  ? 60  TYR A CZ  1 
ATOM   267 O OH  . TYR A 1 33  ? 8.711   -5.720  -17.677 1.00 41.67  ? 60  TYR A OH  1 
ATOM   268 N N   . GLN A 1 34  ? 12.542  -3.797  -10.233 1.00 53.72  ? 61  GLN A N   1 
ATOM   269 C CA  . GLN A 1 34  ? 13.290  -3.000  -9.261  1.00 52.41  ? 61  GLN A CA  1 
ATOM   270 C C   . GLN A 1 34  ? 13.391  -1.547  -9.712  1.00 39.40  ? 61  GLN A C   1 
ATOM   271 O O   . GLN A 1 34  ? 13.292  -0.623  -8.892  1.00 52.13  ? 61  GLN A O   1 
ATOM   272 C CB  . GLN A 1 34  ? 14.683  -3.578  -9.034  1.00 63.51  ? 61  GLN A CB  1 
ATOM   273 C CG  . GLN A 1 34  ? 15.260  -4.256  -10.242 1.00 67.53  ? 61  GLN A CG  1 
ATOM   274 C CD  . GLN A 1 34  ? 14.917  -5.719  -10.257 1.00 66.54  ? 61  GLN A CD  1 
ATOM   275 O OE1 . GLN A 1 34  ? 13.790  -6.095  -10.581 1.00 64.22  ? 61  GLN A OE1 1 
ATOM   276 N NE2 . GLN A 1 34  ? 15.880  -6.559  -9.893  1.00 67.76  ? 61  GLN A NE2 1 
ATOM   277 N N   . SER A 1 35  ? 13.532  -1.318  -11.017 1.00 43.10  ? 62  SER A N   1 
ATOM   278 C CA  . SER A 1 35  ? 13.635  0.050   -11.516 1.00 47.46  ? 62  SER A CA  1 
ATOM   279 C C   . SER A 1 35  ? 12.354  0.849   -11.290 1.00 43.44  ? 62  SER A C   1 
ATOM   280 O O   . SER A 1 35  ? 12.380  2.082   -11.357 1.00 43.82  ? 62  SER A O   1 
ATOM   281 C CB  . SER A 1 35  ? 13.983  0.040   -13.002 1.00 46.31  ? 62  SER A CB  1 
ATOM   282 O OG  . SER A 1 35  ? 12.996  -0.665  -13.740 1.00 47.76  ? 62  SER A OG  1 
ATOM   283 N N   . ASP A 1 36  ? 11.231  0.176   -11.036 1.00 40.00  ? 63  ASP A N   1 
ATOM   284 C CA  . ASP A 1 36  ? 9.969   0.870   -10.804 1.00 38.94  ? 63  ASP A CA  1 
ATOM   285 C C   . ASP A 1 36  ? 9.982   1.730   -9.548  1.00 39.22  ? 63  ASP A C   1 
ATOM   286 O O   . ASP A 1 36  ? 9.152   2.633   -9.429  1.00 31.97  ? 63  ASP A O   1 
ATOM   287 C CB  . ASP A 1 36  ? 8.822   -0.137  -10.689 1.00 34.62  ? 63  ASP A CB  1 
ATOM   288 C CG  . ASP A 1 36  ? 8.397   -0.708  -12.025 1.00 42.21  ? 63  ASP A CG  1 
ATOM   289 O OD1 . ASP A 1 36  ? 8.790   -0.126  -13.067 1.00 31.29  ? 63  ASP A OD1 1 
ATOM   290 O OD2 . ASP A 1 36  ? 7.646   -1.724  -12.023 1.00 33.46  ? 63  ASP A OD2 1 
ATOM   291 N N   . THR A 1 37  ? 10.874  1.467   -8.595  1.00 37.17  ? 64  THR A N   1 
ATOM   292 C CA  . THR A 1 37  ? 10.865  2.253   -7.366  1.00 38.81  ? 64  THR A CA  1 
ATOM   293 C C   . THR A 1 37  ? 11.613  3.581   -7.488  1.00 40.26  ? 64  THR A C   1 
ATOM   294 O O   . THR A 1 37  ? 11.508  4.412   -6.577  1.00 37.59  ? 64  THR A O   1 
ATOM   295 C CB  . THR A 1 37  ? 11.461  1.444   -6.215  1.00 41.78  ? 64  THR A CB  1 
ATOM   296 O OG1 . THR A 1 37  ? 12.826  1.133   -6.515  1.00 43.79  ? 64  THR A OG1 1 
ATOM   297 C CG2 . THR A 1 37  ? 10.685  0.163   -6.015  1.00 48.60  ? 64  THR A CG2 1 
ATOM   298 N N   . GLN A 1 38  ? 12.337  3.816   -8.580  1.00 39.06  ? 65  GLN A N   1 
ATOM   299 C CA  . GLN A 1 38  ? 13.125  5.040   -8.695  1.00 41.14  ? 65  GLN A CA  1 
ATOM   300 C C   . GLN A 1 38  ? 12.223  6.265   -8.766  1.00 41.47  ? 65  GLN A C   1 
ATOM   301 O O   . GLN A 1 38  ? 11.193  6.256   -9.445  1.00 43.09  ? 65  GLN A O   1 
ATOM   302 C CB  . GLN A 1 38  ? 14.004  5.005   -9.941  1.00 46.87  ? 65  GLN A CB  1 
ATOM   303 C CG  . GLN A 1 38  ? 14.638  3.671   -10.251 1.00 66.20  ? 65  GLN A CG  1 
ATOM   304 C CD  . GLN A 1 38  ? 15.333  3.680   -11.603 1.00 79.32  ? 65  GLN A CD  1 
ATOM   305 O OE1 . GLN A 1 38  ? 16.541  3.902   -11.693 1.00 81.73  ? 65  GLN A OE1 1 
ATOM   306 N NE2 . GLN A 1 38  ? 14.561  3.467   -12.667 1.00 84.08  ? 65  GLN A NE2 1 
ATOM   307 N N   . GLY A 1 39  ? 12.642  7.337   -8.092  1.00 39.47  ? 66  GLY A N   1 
ATOM   308 C CA  . GLY A 1 39  ? 11.904  8.583   -8.082  1.00 40.93  ? 66  GLY A CA  1 
ATOM   309 C C   . GLY A 1 39  ? 10.770  8.662   -7.082  1.00 35.68  ? 66  GLY A C   1 
ATOM   310 O O   . GLY A 1 39  ? 10.026  9.645   -7.089  1.00 36.55  ? 66  GLY A O   1 
ATOM   311 N N   . ASN A 1 40  ? 10.628  7.678   -6.206  1.00 34.50  ? 67  ASN A N   1 
ATOM   312 C CA  . ASN A 1 40  ? 9.513   7.677   -5.270  1.00 38.08  ? 67  ASN A CA  1 
ATOM   313 C C   . ASN A 1 40  ? 9.719   8.740   -4.197  1.00 41.07  ? 67  ASN A C   1 
ATOM   314 O O   . ASN A 1 40  ? 10.839  9.198   -3.948  1.00 38.82  ? 67  ASN A O   1 
ATOM   315 C CB  . ASN A 1 40  ? 9.359   6.299   -4.631  1.00 31.51  ? 67  ASN A CB  1 
ATOM   316 C CG  . ASN A 1 40  ? 10.345  6.054   -3.517  1.00 32.88  ? 67  ASN A CG  1 
ATOM   317 O OD1 . ASN A 1 40  ? 10.151  6.513   -2.388  1.00 38.35  ? 67  ASN A OD1 1 
ATOM   318 N ND2 . ASN A 1 40  ? 11.391  5.289   -3.811  1.00 32.70  ? 67  ASN A ND2 1 
ATOM   319 N N   . ILE A 1 41  ? 8.618   9.132   -3.558  1.00 32.44  ? 68  ILE A N   1 
ATOM   320 C CA  . ILE A 1 41  ? 8.643   10.124  -2.489  1.00 37.04  ? 68  ILE A CA  1 
ATOM   321 C C   . ILE A 1 41  ? 8.347   9.502   -1.132  1.00 33.44  ? 68  ILE A C   1 
ATOM   322 O O   . ILE A 1 41  ? 8.255   10.220  -0.130  1.00 43.13  ? 68  ILE A O   1 
ATOM   323 C CB  . ILE A 1 41  ? 7.682   11.289  -2.773  1.00 40.62  ? 68  ILE A CB  1 
ATOM   324 C CG1 . ILE A 1 41  ? 6.242   10.783  -2.868  1.00 35.94  ? 68  ILE A CG1 1 
ATOM   325 C CG2 . ILE A 1 41  ? 8.114   12.037  -4.033  1.00 44.35  ? 68  ILE A CG2 1 
ATOM   326 C CD1 . ILE A 1 41  ? 5.199   11.898  -2.921  1.00 41.58  ? 68  ILE A CD1 1 
ATOM   327 N N   . GLY A 1 42  ? 8.212   8.188   -1.066  1.00 37.14  ? 69  GLY A N   1 
ATOM   328 C CA  . GLY A 1 42  ? 7.916   7.542   0.194   1.00 39.56  ? 69  GLY A CA  1 
ATOM   329 C C   . GLY A 1 42  ? 7.465   6.120   -0.039  1.00 35.91  ? 69  GLY A C   1 
ATOM   330 O O   . GLY A 1 42  ? 7.169   5.706   -1.164  1.00 31.85  ? 69  GLY A O   1 
ATOM   331 N N   . GLN A 1 43  ? 7.438   5.369   1.052   1.00 35.12  ? 70  GLN A N   1 
ATOM   332 C CA  . GLN A 1 43  ? 6.947   4.002   1.045   1.00 35.53  ? 70  GLN A CA  1 
ATOM   333 C C   . GLN A 1 43  ? 5.684   3.913   1.884   1.00 36.62  ? 70  GLN A C   1 
ATOM   334 O O   . GLN A 1 43  ? 5.434   4.730   2.780   1.00 37.26  ? 70  GLN A O   1 
ATOM   335 C CB  . GLN A 1 43  ? 7.998   3.019   1.577   1.00 39.44  ? 70  GLN A CB  1 
ATOM   336 C CG  . GLN A 1 43  ? 9.241   2.935   0.730   1.00 56.69  ? 70  GLN A CG  1 
ATOM   337 C CD  . GLN A 1 43  ? 10.162  1.818   1.166   1.00 64.41  ? 70  GLN A CD  1 
ATOM   338 O OE1 . GLN A 1 43  ? 9.807   1.007   2.023   1.00 67.14  ? 70  GLN A OE1 1 
ATOM   339 N NE2 . GLN A 1 43  ? 11.360  1.776   0.585   1.00 70.75  ? 70  GLN A NE2 1 
ATOM   340 N N   . VAL A 1 44  ? 4.878   2.909   1.575   1.00 32.59  ? 71  VAL A N   1 
ATOM   341 C CA  . VAL A 1 44  ? 3.650   2.679   2.318   1.00 30.33  ? 71  VAL A CA  1 
ATOM   342 C C   . VAL A 1 44  ? 3.500   1.180   2.534   1.00 31.54  ? 71  VAL A C   1 
ATOM   343 O O   . VAL A 1 44  ? 3.736   0.383   1.620   1.00 30.82  ? 71  VAL A O   1 
ATOM   344 C CB  . VAL A 1 44  ? 2.433   3.297   1.601   1.00 31.32  ? 71  VAL A CB  1 
ATOM   345 C CG1 . VAL A 1 44  ? 2.224   2.688   0.231   1.00 33.32  ? 71  VAL A CG1 1 
ATOM   346 C CG2 . VAL A 1 44  ? 1.184   3.160   2.454   1.00 37.20  ? 71  VAL A CG2 1 
ATOM   347 N N   . ARG A 1 45  ? 3.173   0.797   3.764   1.00 30.29  ? 72  ARG A N   1 
ATOM   348 C CA  . ARG A 1 45  ? 2.995   -0.597  4.137   1.00 26.99  ? 72  ARG A CA  1 
ATOM   349 C C   . ARG A 1 45  ? 1.658   -0.703  4.852   1.00 27.87  ? 72  ARG A C   1 
ATOM   350 O O   . ARG A 1 45  ? 1.391   0.079   5.770   1.00 30.57  ? 72  ARG A O   1 
ATOM   351 C CB  . ARG A 1 45  ? 4.125   -1.086  5.047   1.00 32.93  ? 72  ARG A CB  1 
ATOM   352 C CG  . ARG A 1 45  ? 5.533   -0.786  4.514   1.00 44.04  ? 72  ARG A CG  1 
ATOM   353 C CD  . ARG A 1 45  ? 6.510   -1.882  4.895   1.00 58.67  ? 72  ARG A CD  1 
ATOM   354 N NE  . ARG A 1 45  ? 7.723   -1.825  4.081   1.00 74.96  ? 72  ARG A NE  1 
ATOM   355 C CZ  . ARG A 1 45  ? 8.439   -2.888  3.727   1.00 80.20  ? 72  ARG A CZ  1 
ATOM   356 N NH1 . ARG A 1 45  ? 8.055   -4.100  4.107   1.00 82.39  ? 72  ARG A NH1 1 
ATOM   357 N NH2 . ARG A 1 45  ? 9.531   -2.743  2.984   1.00 81.99  ? 72  ARG A NH2 1 
ATOM   358 N N   . THR A 1 46  ? 0.812   -1.638  4.417   1.00 27.24  ? 73  THR A N   1 
ATOM   359 C CA  . THR A 1 46  ? -0.478  -1.877  5.063   1.00 23.86  ? 73  THR A CA  1 
ATOM   360 C C   . THR A 1 46  ? -0.689  -3.375  5.238   1.00 31.50  ? 73  THR A C   1 
ATOM   361 O O   . THR A 1 46  ? -0.056  -4.190  4.559   1.00 28.83  ? 73  THR A O   1 
ATOM   362 C CB  . THR A 1 46  ? -1.645  -1.264  4.271   1.00 27.55  ? 73  THR A CB  1 
ATOM   363 O OG1 . THR A 1 46  ? -1.789  -1.932  3.011   1.00 29.61  ? 73  THR A OG1 1 
ATOM   364 C CG2 . THR A 1 46  ? -1.399  0.229   4.040   1.00 27.02  ? 73  THR A CG2 1 
ATOM   365 N N   . SER A 1 47  ? -1.577  -3.737  6.173   1.00 29.27  ? 74  SER A N   1 
ATOM   366 C CA  . SER A 1 47  ? -1.737  -5.131  6.552   1.00 27.06  ? 74  SER A CA  1 
ATOM   367 C C   . SER A 1 47  ? -3.128  -5.365  7.133   1.00 31.61  ? 74  SER A C   1 
ATOM   368 O O   . SER A 1 47  ? -3.673  -4.500  7.823   1.00 32.30  ? 74  SER A O   1 
ATOM   369 C CB  . SER A 1 47  ? -0.671  -5.532  7.580   1.00 29.96  ? 74  SER A CB  1 
ATOM   370 O OG  . SER A 1 47  ? -0.811  -6.878  7.968   1.00 55.22  ? 74  SER A OG  1 
ATOM   371 N N   . THR A 1 48  ? -3.678  -6.560  6.868   1.00 28.98  ? 75  THR A N   1 
ATOM   372 C CA  . THR A 1 48  ? -4.941  -7.032  7.440   1.00 27.93  ? 75  THR A CA  1 
ATOM   373 C C   . THR A 1 48  ? -4.844  -8.533  7.692   1.00 32.30  ? 75  THR A C   1 
ATOM   374 O O   . THR A 1 48  ? -4.339  -9.279  6.842   1.00 28.89  ? 75  THR A O   1 
ATOM   375 C CB  . THR A 1 48  ? -6.138  -6.756  6.510   1.00 29.18  ? 75  THR A CB  1 
ATOM   376 O OG1 . THR A 1 48  ? -6.098  -5.398  6.069   1.00 32.20  ? 75  THR A OG1 1 
ATOM   377 C CG2 . THR A 1 48  ? -7.471  -6.987  7.245   1.00 32.66  ? 75  THR A CG2 1 
ATOM   378 N N   A HIS A 1 49  ? -5.321  -8.966  8.861   0.43 34.79  ? 76  HIS A N   1 
ATOM   379 N N   B HIS A 1 49  ? -5.318  -8.965  8.859   0.57 35.19  ? 76  HIS A N   1 
ATOM   380 C CA  A HIS A 1 49  ? -5.363  -10.388 9.179   0.43 33.62  ? 76  HIS A CA  1 
ATOM   381 C CA  B HIS A 1 49  ? -5.342  -10.387 9.169   0.57 33.15  ? 76  HIS A CA  1 
ATOM   382 C C   A HIS A 1 49  ? -6.272  -11.127 8.202   0.43 34.10  ? 76  HIS A C   1 
ATOM   383 C C   B HIS A 1 49  ? -6.271  -11.129 8.213   0.57 33.86  ? 76  HIS A C   1 
ATOM   384 O O   A HIS A 1 49  ? -7.264  -10.586 7.710   0.43 34.77  ? 76  HIS A O   1 
ATOM   385 O O   B HIS A 1 49  ? -7.278  -10.593 7.746   0.57 34.76  ? 76  HIS A O   1 
ATOM   386 C CB  A HIS A 1 49  ? -5.858  -10.605 10.612  0.43 37.32  ? 76  HIS A CB  1 
ATOM   387 C CB  B HIS A 1 49  ? -5.789  -10.616 10.612  0.57 37.50  ? 76  HIS A CB  1 
ATOM   388 C CG  A HIS A 1 49  ? -4.910  -10.127 11.665  0.43 41.82  ? 76  HIS A CG  1 
ATOM   389 C CG  B HIS A 1 49  ? -6.003  -12.058 10.944  0.57 34.74  ? 76  HIS A CG  1 
ATOM   390 N ND1 A HIS A 1 49  ? -3.861  -10.894 12.127  0.43 48.29  ? 76  HIS A ND1 1 
ATOM   391 N ND1 B HIS A 1 49  ? -4.964  -12.910 11.246  0.57 35.71  ? 76  HIS A ND1 1 
ATOM   392 C CD2 A HIS A 1 49  ? -4.855  -8.963  12.354  0.43 43.31  ? 76  HIS A CD2 1 
ATOM   393 C CD2 B HIS A 1 49  ? -7.129  -12.810 10.973  0.57 37.36  ? 76  HIS A CD2 1 
ATOM   394 C CE1 A HIS A 1 49  ? -3.199  -10.221 13.051  0.43 47.73  ? 76  HIS A CE1 1 
ATOM   395 C CE1 B HIS A 1 49  ? -5.443  -14.121 11.475  0.57 36.26  ? 76  HIS A CE1 1 
ATOM   396 N NE2 A HIS A 1 49  ? -3.780  -9.046  13.207  0.43 47.60  ? 76  HIS A NE2 1 
ATOM   397 N NE2 B HIS A 1 49  ? -6.752  -14.088 11.311  0.57 38.72  ? 76  HIS A NE2 1 
ATOM   398 N N   . VAL A 1 50  ? -5.936  -12.387 7.934   1.00 39.78  ? 77  VAL A N   1 
ATOM   399 C CA  . VAL A 1 50  ? -6.707  -13.221 7.021   1.00 36.17  ? 77  VAL A CA  1 
ATOM   400 C C   . VAL A 1 50  ? -6.934  -14.585 7.666   1.00 43.79  ? 77  VAL A C   1 
ATOM   401 O O   . VAL A 1 50  ? -6.012  -15.168 8.252   1.00 42.61  ? 77  VAL A O   1 
ATOM   402 C CB  . VAL A 1 50  ? -6.006  -13.350 5.649   1.00 41.16  ? 77  VAL A CB  1 
ATOM   403 C CG1 . VAL A 1 50  ? -4.585  -13.879 5.789   1.00 40.92  ? 77  VAL A CG1 1 
ATOM   404 C CG2 . VAL A 1 50  ? -6.823  -14.210 4.709   1.00 48.56  ? 77  VAL A CG2 1 
ATOM   405 N N   . SER A 1 51  ? -8.167  -15.082 7.584   1.00 46.51  ? 78  SER A N   1 
ATOM   406 C CA  . SER A 1 51  ? -8.480  -16.418 8.076   1.00 52.70  ? 78  SER A CA  1 
ATOM   407 C C   . SER A 1 51  ? -9.030  -17.345 7.001   1.00 55.54  ? 78  SER A C   1 
ATOM   408 O O   . SER A 1 51  ? -9.304  -18.513 7.299   1.00 53.41  ? 78  SER A O   1 
ATOM   409 C CB  . SER A 1 51  ? -9.465  -16.344 9.256   1.00 50.37  ? 78  SER A CB  1 
ATOM   410 O OG  . SER A 1 51  ? -10.139 -15.099 9.319   1.00 51.71  ? 78  SER A OG  1 
ATOM   411 N N   . ASN A 1 52  ? -9.175  -16.874 5.762   1.00 48.74  ? 79  ASN A N   1 
ATOM   412 C CA  . ASN A 1 52  ? -9.717  -17.693 4.685   1.00 58.34  ? 79  ASN A CA  1 
ATOM   413 C C   . ASN A 1 52  ? -9.098  -17.257 3.367   1.00 55.66  ? 79  ASN A C   1 
ATOM   414 O O   . ASN A 1 52  ? -8.988  -16.059 3.093   1.00 54.68  ? 79  ASN A O   1 
ATOM   415 C CB  . ASN A 1 52  ? -11.249 -17.590 4.615   1.00 62.18  ? 79  ASN A CB  1 
ATOM   416 C CG  . ASN A 1 52  ? -11.879 -18.694 3.776   1.00 60.60  ? 79  ASN A CG  1 
ATOM   417 O OD1 . ASN A 1 52  ? -11.252 -19.225 2.860   1.00 58.77  ? 79  ASN A OD1 1 
ATOM   418 N ND2 . ASN A 1 52  ? -13.130 -19.046 4.093   1.00 62.81  ? 79  ASN A ND2 1 
ATOM   419 N N   . GLU A 1 53  ? -8.706  -18.241 2.552   1.00 54.14  ? 80  GLU A N   1 
ATOM   420 C CA  . GLU A 1 53  ? -8.074  -17.940 1.268   1.00 64.28  ? 80  GLU A CA  1 
ATOM   421 C C   . GLU A 1 53  ? -9.025  -17.225 0.319   1.00 60.34  ? 80  GLU A C   1 
ATOM   422 O O   . GLU A 1 53  ? -8.585  -16.439 -0.529  1.00 55.05  ? 80  GLU A O   1 
ATOM   423 C CB  . GLU A 1 53  ? -7.569  -19.226 0.613   1.00 77.94  ? 80  GLU A CB  1 
ATOM   424 C CG  . GLU A 1 53  ? -6.391  -19.887 1.313   1.00 88.33  ? 80  GLU A CG  1 
ATOM   425 C CD  . GLU A 1 53  ? -5.871  -21.091 0.539   1.00 98.39  ? 80  GLU A CD  1 
ATOM   426 O OE1 . GLU A 1 53  ? -6.146  -21.181 -0.680  1.00 99.16  ? 80  GLU A OE1 1 
ATOM   427 O OE2 . GLU A 1 53  ? -5.196  -21.950 1.145   1.00 102.54 ? 80  GLU A OE2 1 
ATOM   428 N N   . LYS A 1 54  ? -10.329 -17.489 0.434   1.00 57.61  ? 81  LYS A N   1 
ATOM   429 C CA  . LYS A 1 54  ? -11.301 -16.858 -0.449  1.00 55.34  ? 81  LYS A CA  1 
ATOM   430 C C   . LYS A 1 54  ? -11.302 -15.336 -0.339  1.00 55.31  ? 81  LYS A C   1 
ATOM   431 O O   . LYS A 1 54  ? -11.870 -14.668 -1.213  1.00 61.54  ? 81  LYS A O   1 
ATOM   432 C CB  . LYS A 1 54  ? -12.704 -17.402 -0.152  1.00 57.39  ? 81  LYS A CB  1 
ATOM   433 C CG  . LYS A 1 54  ? -13.420 -16.702 0.999   1.00 61.61  ? 81  LYS A CG  1 
ATOM   434 C CD  . LYS A 1 54  ? -14.904 -17.088 1.063   1.00 65.85  ? 81  LYS A CD  1 
ATOM   435 C CE  . LYS A 1 54  ? -15.762 -15.931 1.556   1.00 66.93  ? 81  LYS A CE  1 
ATOM   436 N NZ  . LYS A 1 54  ? -15.452 -15.570 2.968   1.00 67.70  ? 81  LYS A NZ  1 
ATOM   437 N N   . ASP A 1 55  ? -10.674 -14.773 0.691   1.00 44.95  ? 82  ASP A N   1 
ATOM   438 C CA  . ASP A 1 55  ? -10.687 -13.338 0.932   1.00 40.61  ? 82  ASP A CA  1 
ATOM   439 C C   . ASP A 1 55  ? -9.412  -12.629 0.479   1.00 37.82  ? 82  ASP A C   1 
ATOM   440 O O   . ASP A 1 55  ? -9.300  -11.419 0.690   1.00 37.79  ? 82  ASP A O   1 
ATOM   441 C CB  . ASP A 1 55  ? -10.920 -13.059 2.423   1.00 41.48  ? 82  ASP A CB  1 
ATOM   442 C CG  . ASP A 1 55  ? -12.173 -13.744 2.969   1.00 51.87  ? 82  ASP A CG  1 
ATOM   443 O OD1 . ASP A 1 55  ? -13.250 -13.608 2.351   1.00 54.51  ? 82  ASP A OD1 1 
ATOM   444 O OD2 . ASP A 1 55  ? -12.078 -14.403 4.024   1.00 49.07  ? 82  ASP A OD2 1 
ATOM   445 N N   . PHE A 1 56  ? -8.453  -13.338 -0.128  1.00 41.76  ? 83  PHE A N   1 
ATOM   446 C CA  . PHE A 1 56  ? -7.173  -12.715 -0.490  1.00 39.13  ? 83  PHE A CA  1 
ATOM   447 C C   . PHE A 1 56  ? -7.367  -11.427 -1.289  1.00 40.08  ? 83  PHE A C   1 
ATOM   448 O O   . PHE A 1 56  ? -6.814  -10.376 -0.942  1.00 35.36  ? 83  PHE A O   1 
ATOM   449 C CB  . PHE A 1 56  ? -6.295  -13.685 -1.295  1.00 36.91  ? 83  PHE A CB  1 
ATOM   450 C CG  . PHE A 1 56  ? -5.559  -14.693 -0.462  1.00 42.78  ? 83  PHE A CG  1 
ATOM   451 C CD1 . PHE A 1 56  ? -5.732  -14.754 0.908   1.00 42.84  ? 83  PHE A CD1 1 
ATOM   452 C CD2 . PHE A 1 56  ? -4.682  -15.589 -1.061  1.00 46.62  ? 83  PHE A CD2 1 
ATOM   453 C CE1 . PHE A 1 56  ? -5.057  -15.700 1.670   1.00 48.75  ? 83  PHE A CE1 1 
ATOM   454 C CE2 . PHE A 1 56  ? -3.996  -16.532 -0.308  1.00 49.76  ? 83  PHE A CE2 1 
ATOM   455 C CZ  . PHE A 1 56  ? -4.185  -16.590 1.062   1.00 46.78  ? 83  PHE A CZ  1 
ATOM   456 N N   A GLN A 1 57  ? -8.187  -11.488 -2.340  0.49 42.51  ? 84  GLN A N   1 
ATOM   457 N N   B GLN A 1 57  ? -8.092  -11.504 -2.405  0.51 43.44  ? 84  GLN A N   1 
ATOM   458 C CA  A GLN A 1 57  ? -8.369  -10.325 -3.204  0.49 43.71  ? 84  GLN A CA  1 
ATOM   459 C CA  B GLN A 1 57  ? -8.127  -10.344 -3.292  0.51 43.42  ? 84  GLN A CA  1 
ATOM   460 C C   A GLN A 1 57  ? -9.104  -9.207  -2.475  0.49 39.76  ? 84  GLN A C   1 
ATOM   461 C C   B GLN A 1 57  ? -8.972  -9.225  -2.699  0.51 39.64  ? 84  GLN A C   1 
ATOM   462 O O   A GLN A 1 57  ? -8.703  -8.039  -2.554  0.49 36.02  ? 84  GLN A O   1 
ATOM   463 O O   B GLN A 1 57  ? -8.688  -8.046  -2.936  0.51 36.20  ? 84  GLN A O   1 
ATOM   464 C CB  A GLN A 1 57  ? -9.115  -10.737 -4.475  0.49 45.61  ? 84  GLN A CB  1 
ATOM   465 C CB  B GLN A 1 57  ? -8.629  -10.743 -4.683  0.51 43.60  ? 84  GLN A CB  1 
ATOM   466 C CG  A GLN A 1 57  ? -9.281  -9.645  -5.520  0.49 44.53  ? 84  GLN A CG  1 
ATOM   467 C CG  B GLN A 1 57  ? -7.908  -10.048 -5.848  0.51 46.74  ? 84  GLN A CG  1 
ATOM   468 C CD  A GLN A 1 57  ? -10.105 -10.119 -6.705  0.49 51.24  ? 84  GLN A CD  1 
ATOM   469 C CD  B GLN A 1 57  ? -6.495  -10.580 -6.095  0.51 45.43  ? 84  GLN A CD  1 
ATOM   470 O OE1 A GLN A 1 57  ? -10.425 -11.301 -6.817  0.49 55.48  ? 84  GLN A OE1 1 
ATOM   471 O OE1 B GLN A 1 57  ? -5.961  -11.361 -5.308  0.51 51.82  ? 84  GLN A OE1 1 
ATOM   472 N NE2 A GLN A 1 57  ? -10.465 -9.197  -7.583  0.49 51.65  ? 84  GLN A NE2 1 
ATOM   473 N NE2 B GLN A 1 57  ? -5.896  -10.167 -7.207  0.51 56.09  ? 84  GLN A NE2 1 
ATOM   474 N N   A LYS A 1 58  ? -10.175 -9.548  -1.748  0.49 37.12  ? 85  LYS A N   1 
ATOM   475 N N   B LYS A 1 58  ? -9.993  -9.571  -1.911  0.51 38.67  ? 85  LYS A N   1 
ATOM   476 C CA  A LYS A 1 58  ? -10.899 -8.548  -0.969  0.49 36.09  ? 85  LYS A CA  1 
ATOM   477 C CA  B LYS A 1 58  ? -10.715 -8.552  -1.158  0.51 35.52  ? 85  LYS A CA  1 
ATOM   478 C C   A LYS A 1 58  ? -10.014 -7.925  0.103   0.49 32.42  ? 85  LYS A C   1 
ATOM   479 C C   B LYS A 1 58  ? -9.794  -7.873  -0.152  0.51 31.62  ? 85  LYS A C   1 
ATOM   480 O O   A LYS A 1 58  ? -10.219 -6.765  0.484   0.49 31.71  ? 85  LYS A O   1 
ATOM   481 O O   B LYS A 1 58  ? -9.762  -6.639  -0.055  0.51 27.22  ? 85  LYS A O   1 
ATOM   482 C CB  A LYS A 1 58  ? -12.150 -9.177  -0.341  0.49 38.62  ? 85  LYS A CB  1 
ATOM   483 C CB  B LYS A 1 58  ? -11.927 -9.174  -0.453  0.51 39.69  ? 85  LYS A CB  1 
ATOM   484 C CG  A LYS A 1 58  ? -13.217 -9.573  -1.359  0.49 41.27  ? 85  LYS A CG  1 
ATOM   485 C CG  B LYS A 1 58  ? -12.797 -8.173  0.297   0.51 39.24  ? 85  LYS A CG  1 
ATOM   486 C CD  A LYS A 1 58  ? -14.175 -10.647 -0.831  0.49 46.28  ? 85  LYS A CD  1 
ATOM   487 C CD  B LYS A 1 58  ? -14.083 -8.811  0.815   0.51 47.54  ? 85  LYS A CD  1 
ATOM   488 C CE  A LYS A 1 58  ? -15.102 -10.120 0.257   0.49 48.21  ? 85  LYS A CE  1 
ATOM   489 C CE  B LYS A 1 58  ? -15.003 -7.765  1.439   0.51 50.95  ? 85  LYS A CE  1 
ATOM   490 N NZ  A LYS A 1 58  ? -16.199 -11.087 0.564   0.49 48.42  ? 85  LYS A NZ  1 
ATOM   491 N NZ  B LYS A 1 58  ? -16.326 -8.316  1.855   0.51 55.02  ? 85  LYS A NZ  1 
ATOM   492 N N   . LEU A 1 59  ? -9.024  -8.666  0.601   1.00 31.19  ? 86  LEU A N   1 
ATOM   493 C CA  . LEU A 1 59  ? -8.126  -8.101  1.604   1.00 33.36  ? 86  LEU A CA  1 
ATOM   494 C C   . LEU A 1 59  ? -6.987  -7.310  0.955   1.00 31.71  ? 86  LEU A C   1 
ATOM   495 O O   . LEU A 1 59  ? -6.551  -6.276  1.483   1.00 29.37  ? 86  LEU A O   1 
ATOM   496 C CB  . LEU A 1 59  ? -7.605  -9.221  2.501   1.00 29.84  ? 86  LEU A CB  1 
ATOM   497 C CG  . LEU A 1 59  ? -8.682  -9.732  3.486   1.00 34.78  ? 86  LEU A CG  1 
ATOM   498 C CD1 . LEU A 1 59  ? -8.167  -10.883 4.291   1.00 31.87  ? 86  LEU A CD1 1 
ATOM   499 C CD2 . LEU A 1 59  ? -9.139  -8.627  4.408   1.00 36.01  ? 86  LEU A CD2 1 
ATOM   500 N N   . CYS A 1 60  ? -6.496  -7.760  -0.195  1.00 27.56  ? 87  CYS A N   1 
ATOM   501 C CA  . CYS A 1 60  ? -5.558  -6.917  -0.934  1.00 27.44  ? 87  CYS A CA  1 
ATOM   502 C C   . CYS A 1 60  ? -6.206  -5.581  -1.291  1.00 32.01  ? 87  CYS A C   1 
ATOM   503 O O   . CYS A 1 60  ? -5.594  -4.520  -1.120  1.00 25.07  ? 87  CYS A O   1 
ATOM   504 C CB  . CYS A 1 60  ? -5.056  -7.642  -2.182  1.00 29.36  ? 87  CYS A CB  1 
ATOM   505 S SG  . CYS A 1 60  ? -3.837  -6.685  -3.187  1.00 29.10  ? 87  CYS A SG  1 
ATOM   506 N N   . ASP A 1 61  ? -7.473  -5.603  -1.727  1.00 33.05  ? 88  ASP A N   1 
ATOM   507 C CA  . ASP A 1 61  ? -8.145  -4.345  -2.038  1.00 28.63  ? 88  ASP A CA  1 
ATOM   508 C C   . ASP A 1 61  ? -8.292  -3.481  -0.791  1.00 29.90  ? 88  ASP A C   1 
ATOM   509 O O   . ASP A 1 61  ? -8.124  -2.262  -0.857  1.00 25.93  ? 88  ASP A O   1 
ATOM   510 C CB  . ASP A 1 61  ? -9.509  -4.612  -2.680  1.00 33.16  ? 88  ASP A CB  1 
ATOM   511 C CG  . ASP A 1 61  ? -9.410  -4.888  -4.167  1.00 50.88  ? 88  ASP A CG  1 
ATOM   512 O OD1 . ASP A 1 61  ? -8.501  -4.313  -4.821  1.00 50.37  ? 88  ASP A OD1 1 
ATOM   513 O OD2 . ASP A 1 61  ? -10.241 -5.671  -4.683  1.00 53.00  ? 88  ASP A OD2 1 
ATOM   514 N N   . LYS A 1 62  ? -8.595  -4.095  0.361   1.00 26.74  ? 89  LYS A N   1 
ATOM   515 C CA  . LYS A 1 62  ? -8.672  -3.343  1.615   1.00 25.24  ? 89  LYS A CA  1 
ATOM   516 C C   . LYS A 1 62  ? -7.323  -2.711  1.966   1.00 22.29  ? 89  LYS A C   1 
ATOM   517 O O   . LYS A 1 62  ? -7.251  -1.549  2.396   1.00 26.04  ? 89  LYS A O   1 
ATOM   518 C CB  . LYS A 1 62  ? -9.127  -4.272  2.740   1.00 28.17  ? 89  LYS A CB  1 
ATOM   519 C CG  . LYS A 1 62  ? -9.606  -3.570  4.003   1.00 43.90  ? 89  LYS A CG  1 
ATOM   520 C CD  . LYS A 1 62  ? -10.515 -4.492  4.824   1.00 50.03  ? 89  LYS A CD  1 
ATOM   521 C CE  . LYS A 1 62  ? -10.542 -4.123  6.312   1.00 57.72  ? 89  LYS A CE  1 
ATOM   522 N NZ  . LYS A 1 62  ? -10.847 -2.685  6.557   1.00 62.79  ? 89  LYS A NZ  1 
ATOM   523 N N   . ASN A 1 63  ? -6.248  -3.491  1.845   1.00 22.27  ? 90  ASN A N   1 
ATOM   524 C CA  . ASN A 1 63  ? -4.892  -2.968  2.002   1.00 22.63  ? 90  ASN A CA  1 
ATOM   525 C C   . ASN A 1 63  ? -4.640  -1.800  1.060   1.00 23.76  ? 90  ASN A C   1 
ATOM   526 O O   . ASN A 1 63  ? -4.061  -0.777  1.453   1.00 23.17  ? 90  ASN A O   1 
ATOM   527 C CB  . ASN A 1 63  ? -3.878  -4.062  1.685   1.00 20.57  ? 90  ASN A CB  1 
ATOM   528 C CG  . ASN A 1 63  ? -3.777  -5.107  2.790   1.00 31.00  ? 90  ASN A CG  1 
ATOM   529 O OD1 . ASN A 1 63  ? -3.111  -6.131  2.631   1.00 37.23  ? 90  ASN A OD1 1 
ATOM   530 N ND2 . ASN A 1 63  ? -4.401  -4.834  3.911   1.00 28.03  ? 90  ASN A ND2 1 
ATOM   531 N N   . LEU A 1 64  ? -5.037  -1.954  -0.199  1.00 22.39  ? 91  LEU A N   1 
ATOM   532 C CA  . LEU A 1 64  ? -4.778  -0.904  -1.183  1.00 26.55  ? 91  LEU A CA  1 
ATOM   533 C C   . LEU A 1 64  ? -5.565  0.361   -0.864  1.00 26.20  ? 91  LEU A C   1 
ATOM   534 O O   . LEU A 1 64  ? -5.055  1.473   -1.047  1.00 23.78  ? 91  LEU A O   1 
ATOM   535 C CB  . LEU A 1 64  ? -5.113  -1.413  -2.579  1.00 27.18  ? 91  LEU A CB  1 
ATOM   536 C CG  . LEU A 1 64  ? -4.905  -0.435  -3.729  1.00 25.92  ? 91  LEU A CG  1 
ATOM   537 C CD1 . LEU A 1 64  ? -3.445  0.090   -3.707  1.00 19.87  ? 91  LEU A CD1 1 
ATOM   538 C CD2 . LEU A 1 64  ? -5.262  -1.119  -5.048  1.00 27.10  ? 91  LEU A CD2 1 
ATOM   539 N N   . LYS A 1 65  ? -6.804  0.213   -0.370  1.00 24.22  ? 92  LYS A N   1 
ATOM   540 C CA  . LYS A 1 65  ? -7.598  1.384   0.003   1.00 21.18  ? 92  LYS A CA  1 
ATOM   541 C C   . LYS A 1 65  ? -6.895  2.199   1.076   1.00 24.83  ? 92  LYS A C   1 
ATOM   542 O O   . LYS A 1 65  ? -6.846  3.431   0.994   1.00 24.09  ? 92  LYS A O   1 
ATOM   543 C CB  . LYS A 1 65  ? -8.994  0.958   0.484   1.00 23.57  ? 92  LYS A CB  1 
ATOM   544 C CG  . LYS A 1 65  ? -9.932  2.126   0.786   1.00 22.94  ? 92  LYS A CG  1 
ATOM   545 C CD  . LYS A 1 65  ? -11.299 1.625   1.308   1.00 30.64  ? 92  LYS A CD  1 
ATOM   546 C CE  . LYS A 1 65  ? -12.276 2.752   1.506   1.00 37.72  ? 92  LYS A CE  1 
ATOM   547 N NZ  . LYS A 1 65  ? -13.588 2.201   1.973   1.00 44.55  ? 92  LYS A NZ  1 
ATOM   548 N N   . GLU A 1 66  ? -6.337  1.523   2.094   1.00 24.24  ? 93  GLU A N   1 
ATOM   549 C CA  . GLU A 1 66  ? -5.620  2.230   3.151   1.00 22.89  ? 93  GLU A CA  1 
ATOM   550 C C   . GLU A 1 66  ? -4.336  2.853   2.609   1.00 24.71  ? 93  GLU A C   1 
ATOM   551 O O   . GLU A 1 66  ? -3.951  3.960   3.010   1.00 28.54  ? 93  GLU A O   1 
ATOM   552 C CB  . GLU A 1 66  ? -5.312  1.271   4.303   1.00 26.46  ? 93  GLU A CB  1 
ATOM   553 C CG  . GLU A 1 66  ? -4.429  1.835   5.411   1.00 34.18  ? 93  GLU A CG  1 
ATOM   554 C CD  . GLU A 1 66  ? -5.095  2.943   6.208   1.00 41.38  ? 93  GLU A CD  1 
ATOM   555 O OE1 . GLU A 1 66  ? -6.319  3.149   6.064   1.00 37.97  ? 93  GLU A OE1 1 
ATOM   556 O OE2 . GLU A 1 66  ? -4.389  3.597   6.998   1.00 42.06  ? 93  GLU A OE2 1 
ATOM   557 N N   . ALA A 1 67  ? -3.666  2.161   1.693   1.00 24.74  ? 94  ALA A N   1 
ATOM   558 C CA  . ALA A 1 67  ? -2.441  2.718   1.124   1.00 23.83  ? 94  ALA A CA  1 
ATOM   559 C C   . ALA A 1 67  ? -2.731  3.947   0.272   1.00 28.21  ? 94  ALA A C   1 
ATOM   560 O O   . ALA A 1 67  ? -1.969  4.919   0.301   1.00 30.31  ? 94  ALA A O   1 
ATOM   561 C CB  . ALA A 1 67  ? -1.703  1.657   0.313   1.00 20.79  ? 94  ALA A CB  1 
ATOM   562 N N   . ILE A 1 68  ? -3.813  3.916   -0.504  1.00 28.42  ? 95  ILE A N   1 
ATOM   563 C CA  . ILE A 1 68  ? -4.183  5.096   -1.285  1.00 29.99  ? 95  ILE A CA  1 
ATOM   564 C C   . ILE A 1 68  ? -4.534  6.257   -0.361  1.00 31.27  ? 95  ILE A C   1 
ATOM   565 O O   . ILE A 1 68  ? -4.156  7.409   -0.616  1.00 29.89  ? 95  ILE A O   1 
ATOM   566 C CB  . ILE A 1 68  ? -5.330  4.746   -2.251  1.00 25.85  ? 95  ILE A CB  1 
ATOM   567 C CG1 . ILE A 1 68  ? -4.805  3.773   -3.322  1.00 20.24  ? 95  ILE A CG1 1 
ATOM   568 C CG2 . ILE A 1 68  ? -5.990  6.019   -2.838  1.00 26.18  ? 95  ILE A CG2 1 
ATOM   569 C CD1 . ILE A 1 68  ? -5.912  3.100   -4.138  1.00 22.16  ? 95  ILE A CD1 1 
ATOM   570 N N   . LYS A 1 69  ? -5.226  5.969   0.747   1.00 30.73  ? 96  LYS A N   1 
ATOM   571 C CA  . LYS A 1 69  ? -5.568  7.030   1.686   1.00 31.08  ? 96  LYS A CA  1 
ATOM   572 C C   . LYS A 1 69  ? -4.316  7.687   2.249   1.00 33.23  ? 96  LYS A C   1 
ATOM   573 O O   . LYS A 1 69  ? -4.225  8.916   2.306   1.00 30.32  ? 96  LYS A O   1 
ATOM   574 C CB  . LYS A 1 69  ? -6.442  6.496   2.821   1.00 27.58  ? 96  LYS A CB  1 
ATOM   575 C CG  . LYS A 1 69  ? -6.829  7.578   3.803   1.00 36.69  ? 96  LYS A CG  1 
ATOM   576 C CD  . LYS A 1 69  ? -7.769  7.067   4.887   1.00 46.74  ? 96  LYS A CD  1 
ATOM   577 C CE  . LYS A 1 69  ? -7.036  6.253   5.936   1.00 52.18  ? 96  LYS A CE  1 
ATOM   578 N NZ  . LYS A 1 69  ? -7.939  5.871   7.070   1.00 55.22  ? 96  LYS A NZ  1 
ATOM   579 N N   . LEU A 1 70  ? -3.339  6.878   2.681   1.00 26.61  ? 97  LEU A N   1 
ATOM   580 C CA  . LEU A 1 70  ? -2.107  7.430   3.238   1.00 24.86  ? 97  LEU A CA  1 
ATOM   581 C C   . LEU A 1 70  ? -1.304  8.175   2.180   1.00 30.18  ? 97  LEU A C   1 
ATOM   582 O O   . LEU A 1 70  ? -0.731  9.240   2.458   1.00 32.07  ? 97  LEU A O   1 
ATOM   583 C CB  . LEU A 1 70  ? -1.252  6.307   3.838   1.00 26.70  ? 97  LEU A CB  1 
ATOM   584 C CG  . LEU A 1 70  ? -1.825  5.625   5.070   1.00 29.90  ? 97  LEU A CG  1 
ATOM   585 C CD1 . LEU A 1 70  ? -0.947  4.467   5.518   1.00 37.12  ? 97  LEU A CD1 1 
ATOM   586 C CD2 . LEU A 1 70  ? -1.994  6.659   6.175   1.00 35.58  ? 97  LEU A CD2 1 
ATOM   587 N N   . ALA A 1 71  ? -1.221  7.619   0.970   1.00 28.30  ? 98  ALA A N   1 
ATOM   588 C CA  . ALA A 1 71  ? -0.468  8.302   -0.081  1.00 27.38  ? 98  ALA A CA  1 
ATOM   589 C C   . ALA A 1 71  ? -1.119  9.637   -0.431  1.00 33.39  ? 98  ALA A C   1 
ATOM   590 O O   . ALA A 1 71  ? -0.432  10.663  -0.547  1.00 32.61  ? 98  ALA A O   1 
ATOM   591 C CB  . ALA A 1 71  ? -0.362  7.410   -1.315  1.00 31.36  ? 98  ALA A CB  1 
ATOM   592 N N   . ALA A 1 72  ? -2.448  9.649   -0.566  1.00 26.50  ? 99  ALA A N   1 
ATOM   593 C CA  . ALA A 1 72  ? -3.149  10.899  -0.854  1.00 24.66  ? 99  ALA A CA  1 
ATOM   594 C C   . ALA A 1 72  ? -2.940  11.929  0.255   1.00 31.88  ? 99  ALA A C   1 
ATOM   595 O O   . ALA A 1 72  ? -2.834  13.132  -0.017  1.00 39.47  ? 99  ALA A O   1 
ATOM   596 C CB  . ALA A 1 72  ? -4.644  10.634  -1.069  1.00 28.73  ? 99  ALA A CB  1 
ATOM   597 N N   . GLN A 1 73  ? -2.877  11.480  1.514   1.00 35.02  ? 100 GLN A N   1 
ATOM   598 C CA  . GLN A 1 73  ? -2.646  12.417  2.610   1.00 37.95  ? 100 GLN A CA  1 
ATOM   599 C C   . GLN A 1 73  ? -1.279  13.079  2.509   1.00 43.01  ? 100 GLN A C   1 
ATOM   600 O O   . GLN A 1 73  ? -1.118  14.231  2.932   1.00 42.58  ? 100 GLN A O   1 
ATOM   601 C CB  . GLN A 1 73  ? -2.792  11.703  3.954   1.00 41.33  ? 100 GLN A CB  1 
ATOM   602 C CG  . GLN A 1 73  ? -4.237  11.432  4.348   1.00 45.04  ? 100 GLN A CG  1 
ATOM   603 C CD  . GLN A 1 73  ? -4.367  10.488  5.543   1.00 54.80  ? 100 GLN A CD  1 
ATOM   604 O OE1 . GLN A 1 73  ? -3.372  10.094  6.164   1.00 52.86  ? 100 GLN A OE1 1 
ATOM   605 N NE2 . GLN A 1 73  ? -5.604  10.121  5.865   1.00 55.91  ? 100 GLN A NE2 1 
ATOM   606 N N   . HIS A 1 74  ? -0.291  12.383  1.947   1.00 37.32  ? 101 HIS A N   1 
ATOM   607 C CA  . HIS A 1 74  ? 1.048   12.937  1.773   1.00 41.06  ? 101 HIS A CA  1 
ATOM   608 C C   . HIS A 1 74  ? 1.264   13.561  0.398   1.00 39.82  ? 101 HIS A C   1 
ATOM   609 O O   . HIS A 1 74  ? 2.397   13.937  0.069   1.00 47.93  ? 101 HIS A O   1 
ATOM   610 C CB  . HIS A 1 74  ? 2.097   11.859  2.047   1.00 34.79  ? 101 HIS A CB  1 
ATOM   611 C CG  . HIS A 1 74  ? 2.214   11.519  3.494   1.00 40.29  ? 101 HIS A CG  1 
ATOM   612 N ND1 . HIS A 1 74  ? 1.379   10.614  4.114   1.00 40.17  ? 101 HIS A ND1 1 
ATOM   613 C CD2 . HIS A 1 74  ? 3.033   11.998  4.457   1.00 42.20  ? 101 HIS A CD2 1 
ATOM   614 C CE1 . HIS A 1 74  ? 1.691   10.537  5.396   1.00 39.82  ? 101 HIS A CE1 1 
ATOM   615 N NE2 . HIS A 1 74  ? 2.693   11.367  5.629   1.00 44.65  ? 101 HIS A NE2 1 
ATOM   616 N N   . GLY A 1 75  ? 0.211   13.689  -0.404  1.00 36.99  ? 102 GLY A N   1 
ATOM   617 C CA  . GLY A 1 75  ? 0.277   14.452  -1.627  1.00 39.25  ? 102 GLY A CA  1 
ATOM   618 C C   . GLY A 1 75  ? 0.647   13.667  -2.861  1.00 40.14  ? 102 GLY A C   1 
ATOM   619 O O   . GLY A 1 75  ? 0.757   14.262  -3.940  1.00 40.25  ? 102 GLY A O   1 
ATOM   620 N N   . ALA A 1 76  ? 0.832   12.354  -2.750  1.00 30.62  ? 103 ALA A N   1 
ATOM   621 C CA  . ALA A 1 76  ? 1.237   11.582  -3.912  1.00 31.66  ? 103 ALA A CA  1 
ATOM   622 C C   . ALA A 1 76  ? 0.072   11.443  -4.876  1.00 37.55  ? 103 ALA A C   1 
ATOM   623 O O   . ALA A 1 76  ? -1.088  11.351  -4.468  1.00 43.85  ? 103 ALA A O   1 
ATOM   624 C CB  . ALA A 1 76  ? 1.758   10.203  -3.493  1.00 30.75  ? 103 ALA A CB  1 
ATOM   625 N N   . HIS A 1 77  ? 0.376   11.451  -6.168  1.00 29.86  ? 104 HIS A N   1 
ATOM   626 C CA  . HIS A 1 77  ? -0.638  11.177  -7.170  1.00 36.59  ? 104 HIS A CA  1 
ATOM   627 C C   . HIS A 1 77  ? -0.504  9.784   -7.763  1.00 28.88  ? 104 HIS A C   1 
ATOM   628 O O   . HIS A 1 77  ? -1.221  9.457   -8.713  1.00 29.03  ? 104 HIS A O   1 
ATOM   629 C CB  . HIS A 1 77  ? -0.589  12.236  -8.272  1.00 43.34  ? 104 HIS A CB  1 
ATOM   630 C CG  . HIS A 1 77  ? -0.997  13.595  -7.805  1.00 47.11  ? 104 HIS A CG  1 
ATOM   631 N ND1 . HIS A 1 77  ? -0.196  14.375  -7.001  1.00 47.87  ? 104 HIS A ND1 1 
ATOM   632 C CD2 . HIS A 1 77  ? -2.129  14.308  -8.018  1.00 48.36  ? 104 HIS A CD2 1 
ATOM   633 C CE1 . HIS A 1 77  ? -0.814  15.513  -6.741  1.00 51.51  ? 104 HIS A CE1 1 
ATOM   634 N NE2 . HIS A 1 77  ? -1.989  15.497  -7.346  1.00 49.39  ? 104 HIS A NE2 1 
ATOM   635 N N   . GLU A 1 78  ? 0.365   8.943   -7.207  1.00 30.33  ? 105 GLU A N   1 
ATOM   636 C CA  . GLU A 1 78  ? 0.621   7.644   -7.808  1.00 24.00  ? 105 GLU A CA  1 
ATOM   637 C C   . GLU A 1 78  ? 1.166   6.704   -6.741  1.00 24.32  ? 105 GLU A C   1 
ATOM   638 O O   . GLU A 1 78  ? 1.930   7.129   -5.873  1.00 30.38  ? 105 GLU A O   1 
ATOM   639 C CB  . GLU A 1 78  ? 1.620   7.771   -8.972  1.00 29.44  ? 105 GLU A CB  1 
ATOM   640 C CG  . GLU A 1 78  ? 1.982   6.448   -9.644  1.00 28.41  ? 105 GLU A CG  1 
ATOM   641 C CD  . GLU A 1 78  ? 3.122   6.612   -10.649 1.00 38.95  ? 105 GLU A CD  1 
ATOM   642 O OE1 . GLU A 1 78  ? 3.688   7.716   -10.716 1.00 45.56  ? 105 GLU A OE1 1 
ATOM   643 O OE2 . GLU A 1 78  ? 3.442   5.648   -11.370 1.00 39.38  ? 105 GLU A OE2 1 
ATOM   644 N N   . ILE A 1 79  ? 0.751   5.443   -6.799  1.00 27.07  ? 106 ILE A N   1 
ATOM   645 C CA  . ILE A 1 79  ? 1.321   4.391   -5.964  1.00 24.45  ? 106 ILE A CA  1 
ATOM   646 C C   . ILE A 1 79  ? 1.622   3.195   -6.857  1.00 26.62  ? 106 ILE A C   1 
ATOM   647 O O   . ILE A 1 79  ? 0.876   2.909   -7.800  1.00 24.24  ? 106 ILE A O   1 
ATOM   648 C CB  . ILE A 1 79  ? 0.383   4.012   -4.793  1.00 27.47  ? 106 ILE A CB  1 
ATOM   649 C CG1 . ILE A 1 79  ? 1.028   2.969   -3.889  1.00 34.88  ? 106 ILE A CG1 1 
ATOM   650 C CG2 . ILE A 1 79  ? -0.964  3.480   -5.303  1.00 31.79  ? 106 ILE A CG2 1 
ATOM   651 C CD1 . ILE A 1 79  ? 0.091   2.443   -2.805  1.00 34.06  ? 106 ILE A CD1 1 
ATOM   652 N N   . LYS A 1 80  ? 2.760   2.541   -6.612  1.00 27.70  ? 107 LYS A N   1 
ATOM   653 C CA  . LYS A 1 80  ? 3.063   1.259   -7.226  1.00 22.37  ? 107 LYS A CA  1 
ATOM   654 C C   . LYS A 1 80  ? 3.205   0.261   -6.091  1.00 17.61  ? 107 LYS A C   1 
ATOM   655 O O   . LYS A 1 80  ? 3.939   0.530   -5.135  1.00 26.42  ? 107 LYS A O   1 
ATOM   656 C CB  . LYS A 1 80  ? 4.357   1.320   -8.064  1.00 26.56  ? 107 LYS A CB  1 
ATOM   657 C CG  . LYS A 1 80  ? 4.459   2.509   -9.033  1.00 27.76  ? 107 LYS A CG  1 
ATOM   658 C CD  . LYS A 1 80  ? 5.848   2.570   -9.714  1.00 27.58  ? 107 LYS A CD  1 
ATOM   659 C CE  . LYS A 1 80  ? 6.019   3.811   -10.580 1.00 30.10  ? 107 LYS A CE  1 
ATOM   660 N NZ  . LYS A 1 80  ? 7.396   3.873   -11.186 1.00 29.87  ? 107 LYS A NZ  1 
ATOM   661 N N   . TYR A 1 81  ? 2.503   -0.875  -6.176  1.00 18.15  ? 108 TYR A N   1 
ATOM   662 C CA  . TYR A 1 81  ? 2.353   -1.722  -5.003  1.00 23.81  ? 108 TYR A CA  1 
ATOM   663 C C   . TYR A 1 81  ? 2.376   -3.203  -5.361  1.00 27.35  ? 108 TYR A C   1 
ATOM   664 O O   . TYR A 1 81  ? 2.189   -3.599  -6.512  1.00 25.74  ? 108 TYR A O   1 
ATOM   665 C CB  . TYR A 1 81  ? 1.041   -1.404  -4.282  1.00 26.03  ? 108 TYR A CB  1 
ATOM   666 C CG  . TYR A 1 81  ? -0.145  -2.086  -4.925  1.00 27.34  ? 108 TYR A CG  1 
ATOM   667 C CD1 . TYR A 1 81  ? -0.751  -1.562  -6.065  1.00 23.57  ? 108 TYR A CD1 1 
ATOM   668 C CD2 . TYR A 1 81  ? -0.656  -3.273  -4.389  1.00 30.18  ? 108 TYR A CD2 1 
ATOM   669 C CE1 . TYR A 1 81  ? -1.850  -2.205  -6.649  1.00 27.27  ? 108 TYR A CE1 1 
ATOM   670 C CE2 . TYR A 1 81  ? -1.732  -3.918  -4.971  1.00 31.80  ? 108 TYR A CE2 1 
ATOM   671 C CZ  . TYR A 1 81  ? -2.324  -3.385  -6.104  1.00 34.39  ? 108 TYR A CZ  1 
ATOM   672 O OH  . TYR A 1 81  ? -3.421  -4.034  -6.662  1.00 36.71  ? 108 TYR A OH  1 
ATOM   673 N N   . ILE A 1 82  ? 2.570   -4.029  -4.335  1.00 21.32  ? 109 ILE A N   1 
ATOM   674 C CA  . ILE A 1 82  ? 2.398   -5.471  -4.444  1.00 18.68  ? 109 ILE A CA  1 
ATOM   675 C C   . ILE A 1 82  ? 1.771   -5.958  -3.146  1.00 23.32  ? 109 ILE A C   1 
ATOM   676 O O   . ILE A 1 82  ? 2.085   -5.434  -2.074  1.00 27.14  ? 109 ILE A O   1 
ATOM   677 C CB  . ILE A 1 82  ? 3.758   -6.150  -4.715  1.00 31.90  ? 109 ILE A CB  1 
ATOM   678 C CG1 . ILE A 1 82  ? 3.589   -7.657  -4.891  1.00 29.44  ? 109 ILE A CG1 1 
ATOM   679 C CG2 . ILE A 1 82  ? 4.721   -5.872  -3.568  1.00 33.90  ? 109 ILE A CG2 1 
ATOM   680 C CD1 . ILE A 1 82  ? 4.850   -8.283  -5.445  1.00 40.40  ? 109 ILE A CD1 1 
ATOM   681 N N   . CYS A 1 83  ? 0.841   -6.919  -3.246  1.00 21.96  ? 110 CYS A N   1 
ATOM   682 C CA  . CYS A 1 83  ? 0.275   -7.579  -2.073  1.00 22.08  ? 110 CYS A CA  1 
ATOM   683 C C   . CYS A 1 83  ? 1.048   -8.855  -1.784  1.00 29.02  ? 110 CYS A C   1 
ATOM   684 O O   . CYS A 1 83  ? 1.441   -9.577  -2.705  1.00 29.84  ? 110 CYS A O   1 
ATOM   685 C CB  . CYS A 1 83  ? -1.203  -7.913  -2.277  1.00 25.81  ? 110 CYS A CB  1 
ATOM   686 S SG  . CYS A 1 83  ? -2.238  -6.466  -1.942  1.00 28.50  ? 110 CYS A SG  1 
ATOM   687 N N   . LEU A 1 84  ? 1.263   -9.123  -0.503  1.00 22.87  ? 111 LEU A N   1 
ATOM   688 C CA  . LEU A 1 84  ? 1.986   -10.308 -0.068  1.00 26.92  ? 111 LEU A CA  1 
ATOM   689 C C   . LEU A 1 84  ? 1.013   -11.219 0.657   1.00 29.67  ? 111 LEU A C   1 
ATOM   690 O O   . LEU A 1 84  ? 0.261   -10.773 1.537   1.00 31.27  ? 111 LEU A O   1 
ATOM   691 C CB  . LEU A 1 84  ? 3.172   -9.936  0.820   1.00 31.97  ? 111 LEU A CB  1 
ATOM   692 C CG  . LEU A 1 84  ? 4.160   -8.934  0.238   1.00 33.11  ? 111 LEU A CG  1 
ATOM   693 C CD1 . LEU A 1 84  ? 5.175   -8.515  1.275   1.00 47.67  ? 111 LEU A CD1 1 
ATOM   694 C CD2 . LEU A 1 84  ? 4.856   -9.605  -0.911  1.00 35.69  ? 111 LEU A CD2 1 
ATOM   695 N N   . TYR A 1 85  ? 0.996   -12.466 0.267   1.00 38.02  ? 112 TYR A N   1 
ATOM   696 C CA  . TYR A 1 85  ? -0.013  -13.363 0.794   1.00 37.22  ? 112 TYR A CA  1 
ATOM   697 C C   . TYR A 1 85  ? 0.618   -14.435 1.679   1.00 41.21  ? 112 TYR A C   1 
ATOM   698 O O   . TYR A 1 85  ? 1.767   -14.830 1.461   1.00 39.84  ? 112 TYR A O   1 
ATOM   699 C CB  . TYR A 1 85  ? -0.782  -14.010 -0.365  1.00 34.62  ? 112 TYR A CB  1 
ATOM   700 C CG  . TYR A 1 85  ? -1.504  -12.994 -1.200  1.00 39.71  ? 112 TYR A CG  1 
ATOM   701 C CD1 . TYR A 1 85  ? -2.774  -12.550 -0.855  1.00 43.84  ? 112 TYR A CD1 1 
ATOM   702 C CD2 . TYR A 1 85  ? -0.894  -12.431 -2.321  1.00 41.24  ? 112 TYR A CD2 1 
ATOM   703 C CE1 . TYR A 1 85  ? -3.432  -11.588 -1.621  1.00 38.59  ? 112 TYR A CE1 1 
ATOM   704 C CE2 . TYR A 1 85  ? -1.540  -11.478 -3.080  1.00 41.45  ? 112 TYR A CE2 1 
ATOM   705 C CZ  . TYR A 1 85  ? -2.803  -11.059 -2.735  1.00 44.64  ? 112 TYR A CZ  1 
ATOM   706 O OH  . TYR A 1 85  ? -3.421  -10.103 -3.510  1.00 38.55  ? 112 TYR A OH  1 
ATOM   707 N N   . PRO A 1 86  ? -0.093  -14.917 2.702   1.00 42.82  ? 113 PRO A N   1 
ATOM   708 C CA  . PRO A 1 86  ? 0.501   -15.938 3.573   1.00 47.71  ? 113 PRO A CA  1 
ATOM   709 C C   . PRO A 1 86  ? 0.881   -17.175 2.775   1.00 50.06  ? 113 PRO A C   1 
ATOM   710 O O   . PRO A 1 86  ? 0.182   -17.576 1.841   1.00 50.54  ? 113 PRO A O   1 
ATOM   711 C CB  . PRO A 1 86  ? -0.604  -16.229 4.598   1.00 47.41  ? 113 PRO A CB  1 
ATOM   712 C CG  . PRO A 1 86  ? -1.863  -15.746 3.966   1.00 49.31  ? 113 PRO A CG  1 
ATOM   713 C CD  . PRO A 1 86  ? -1.465  -14.578 3.111   1.00 41.38  ? 113 PRO A CD  1 
ATOM   714 N N   . GLU A 1 87  ? 2.028   -17.754 3.137   1.00 49.75  ? 114 GLU A N   1 
ATOM   715 C CA  . GLU A 1 87  ? 2.539   -18.984 2.541   1.00 56.23  ? 114 GLU A CA  1 
ATOM   716 C C   . GLU A 1 87  ? 2.155   -20.168 3.426   1.00 63.59  ? 114 GLU A C   1 
ATOM   717 O O   . GLU A 1 87  ? 2.635   -20.287 4.560   1.00 68.03  ? 114 GLU A O   1 
ATOM   718 C CB  . GLU A 1 87  ? 4.055   -18.900 2.384   1.00 52.61  ? 114 GLU A CB  1 
ATOM   719 C CG  . GLU A 1 87  ? 4.524   -17.673 1.610   1.00 57.33  ? 114 GLU A CG  1 
ATOM   720 C CD  . GLU A 1 87  ? 5.424   -18.044 0.451   1.00 57.37  ? 114 GLU A CD  1 
ATOM   721 O OE1 . GLU A 1 87  ? 5.502   -17.270 -0.526  1.00 53.85  ? 114 GLU A OE1 1 
ATOM   722 O OE2 . GLU A 1 87  ? 6.050   -19.126 0.520   1.00 67.75  ? 114 GLU A OE2 1 
ATOM   723 N N   . GLY A 1 88  ? 1.304   -21.050 2.905   1.00 54.86  ? 115 GLY A N   1 
ATOM   724 C CA  . GLY A 1 88  ? 1.009   -22.287 3.598   1.00 61.22  ? 115 GLY A CA  1 
ATOM   725 C C   . GLY A 1 88  ? -0.303  -22.261 4.352   1.00 61.93  ? 115 GLY A C   1 
ATOM   726 O O   . GLY A 1 88  ? -1.259  -21.611 3.920   1.00 56.48  ? 115 GLY A O   1 
ATOM   727 N N   . GLN A 1 89  ? -0.361  -22.967 5.479   1.00 74.31  ? 116 GLN A N   1 
ATOM   728 C CA  . GLN A 1 89  ? -1.592  -23.030 6.253   1.00 74.11  ? 116 GLN A CA  1 
ATOM   729 C C   . GLN A 1 89  ? -1.858  -21.685 6.923   1.00 65.64  ? 116 GLN A C   1 
ATOM   730 O O   . GLN A 1 89  ? -0.964  -21.088 7.533   1.00 60.09  ? 116 GLN A O   1 
ATOM   731 C CB  . GLN A 1 89  ? -1.521  -24.155 7.291   1.00 80.39  ? 116 GLN A CB  1 
ATOM   732 C CG  . GLN A 1 89  ? -0.530  -23.927 8.429   1.00 86.89  ? 116 GLN A CG  1 
ATOM   733 C CD  . GLN A 1 89  ? -0.666  -24.947 9.543   1.00 98.83  ? 116 GLN A CD  1 
ATOM   734 O OE1 . GLN A 1 89  ? -0.550  -26.153 9.314   1.00 103.35 ? 116 GLN A OE1 1 
ATOM   735 N NE2 . GLN A 1 89  ? -0.925  -24.468 10.759  1.00 98.75  ? 116 GLN A NE2 1 
ATOM   736 N N   . ILE A 1 90  ? -3.091  -21.205 6.795   1.00 64.64  ? 117 ILE A N   1 
ATOM   737 C CA  . ILE A 1 90  ? -3.497  -19.934 7.385   1.00 57.58  ? 117 ILE A CA  1 
ATOM   738 C C   . ILE A 1 90  ? -3.788  -20.146 8.866   1.00 62.02  ? 117 ILE A C   1 
ATOM   739 O O   . ILE A 1 90  ? -4.473  -21.104 9.244   1.00 62.08  ? 117 ILE A O   1 
ATOM   740 C CB  . ILE A 1 90  ? -4.723  -19.371 6.652   1.00 53.66  ? 117 ILE A CB  1 
ATOM   741 C CG1 . ILE A 1 90  ? -4.365  -19.030 5.201   1.00 53.73  ? 117 ILE A CG1 1 
ATOM   742 C CG2 . ILE A 1 90  ? -5.262  -18.146 7.363   1.00 48.68  ? 117 ILE A CG2 1 
ATOM   743 C CD1 . ILE A 1 90  ? -5.487  -18.366 4.441   1.00 53.68  ? 117 ILE A CD1 1 
ATOM   744 N N   . ASN A 1 91  ? -3.260  -19.264 9.713   1.00 59.35  ? 118 ASN A N   1 
ATOM   745 C CA  . ASN A 1 91  ? -3.500  -19.360 11.148  1.00 66.45  ? 118 ASN A CA  1 
ATOM   746 C C   . ASN A 1 91  ? -3.776  -17.962 11.696  1.00 61.11  ? 118 ASN A C   1 
ATOM   747 O O   . ASN A 1 91  ? -3.974  -16.998 10.947  1.00 51.28  ? 118 ASN A O   1 
ATOM   748 C CB  . ASN A 1 91  ? -2.325  -20.053 11.857  1.00 72.18  ? 118 ASN A CB  1 
ATOM   749 C CG  . ASN A 1 91  ? -1.007  -19.309 11.701  1.00 73.99  ? 118 ASN A CG  1 
ATOM   750 O OD1 . ASN A 1 91  ? -0.971  -18.102 11.451  1.00 63.99  ? 118 ASN A OD1 1 
ATOM   751 N ND2 . ASN A 1 91  ? 0.094   -20.035 11.872  1.00 80.40  ? 118 ASN A ND2 1 
ATOM   752 N N   . GLU A 1 92  ? -3.770  -17.857 13.024  1.00 57.79  ? 119 GLU A N   1 
ATOM   753 C CA  . GLU A 1 92  ? -4.132  -16.625 13.717  1.00 55.99  ? 119 GLU A CA  1 
ATOM   754 C C   . GLU A 1 92  ? -3.078  -15.527 13.594  1.00 55.13  ? 119 GLU A C   1 
ATOM   755 O O   . GLU A 1 92  ? -3.305  -14.418 14.092  1.00 51.34  ? 119 GLU A O   1 
ATOM   756 C CB  . GLU A 1 92  ? -4.422  -16.933 15.191  1.00 52.46  ? 119 GLU A CB  1 
ATOM   757 C CG  . GLU A 1 92  ? -3.201  -17.356 16.004  1.00 59.65  ? 119 GLU A CG  1 
ATOM   758 C CD  . GLU A 1 92  ? -2.821  -18.829 15.854  1.00 53.94  ? 119 GLU A CD  1 
ATOM   759 O OE1 . GLU A 1 92  ? -3.266  -19.492 14.892  1.00 55.53  ? 119 GLU A OE1 1 
ATOM   760 O OE2 . GLU A 1 92  ? -2.049  -19.317 16.697  1.00 59.31  ? 119 GLU A OE2 1 
ATOM   761 N N   . LEU A 1 93  ? -1.949  -15.789 12.937  1.00 52.29  ? 120 LEU A N   1 
ATOM   762 C CA  . LEU A 1 93  ? -0.961  -14.760 12.653  1.00 52.85  ? 120 LEU A CA  1 
ATOM   763 C C   . LEU A 1 93  ? -0.868  -14.441 11.168  1.00 50.13  ? 120 LEU A C   1 
ATOM   764 O O   . LEU A 1 93  ? -0.035  -13.618 10.771  1.00 49.84  ? 120 LEU A O   1 
ATOM   765 C CB  . LEU A 1 93  ? 0.407   -15.185 13.188  1.00 56.28  ? 120 LEU A CB  1 
ATOM   766 C CG  . LEU A 1 93  ? 0.413   -15.635 14.647  1.00 60.03  ? 120 LEU A CG  1 
ATOM   767 C CD1 . LEU A 1 93  ? 1.570   -16.563 14.923  1.00 67.37  ? 120 LEU A CD1 1 
ATOM   768 C CD2 . LEU A 1 93  ? 0.460   -14.428 15.561  1.00 57.46  ? 120 LEU A CD2 1 
ATOM   769 N N   . SER A 1 94  ? -1.700  -15.067 10.340  1.00 53.80  ? 121 SER A N   1 
ATOM   770 C CA  . SER A 1 94  ? -1.642  -14.845 8.906   1.00 45.31  ? 121 SER A CA  1 
ATOM   771 C C   . SER A 1 94  ? -2.211  -13.478 8.552   1.00 41.78  ? 121 SER A C   1 
ATOM   772 O O   . SER A 1 94  ? -3.205  -13.019 9.126   1.00 40.22  ? 121 SER A O   1 
ATOM   773 C CB  . SER A 1 94  ? -2.410  -15.937 8.166   1.00 41.16  ? 121 SER A CB  1 
ATOM   774 O OG  . SER A 1 94  ? -1.899  -17.223 8.490   1.00 46.92  ? 121 SER A OG  1 
ATOM   775 N N   . SER A 1 95  ? -1.579  -12.832 7.588   1.00 43.36  ? 122 SER A N   1 
ATOM   776 C CA  . SER A 1 95  ? -2.061  -11.543 7.136   1.00 36.68  ? 122 SER A CA  1 
ATOM   777 C C   . SER A 1 95  ? -1.771  -11.426 5.651   1.00 36.50  ? 122 SER A C   1 
ATOM   778 O O   . SER A 1 95  ? -0.810  -12.015 5.144   1.00 38.64  ? 122 SER A O   1 
ATOM   779 C CB  . SER A 1 95  ? -1.412  -10.400 7.924   1.00 41.97  ? 122 SER A CB  1 
ATOM   780 O OG  . SER A 1 95  ? -0.050  -10.244 7.557   1.00 53.63  ? 122 SER A OG  1 
ATOM   781 N N   . VAL A 1 96  ? -2.638  -10.699 4.952   1.00 27.65  ? 123 VAL A N   1 
ATOM   782 C CA  . VAL A 1 96  ? -2.321  -10.192 3.623   1.00 27.18  ? 123 VAL A CA  1 
ATOM   783 C C   . VAL A 1 96  ? -1.660  -8.835  3.820   1.00 29.75  ? 123 VAL A C   1 
ATOM   784 O O   . VAL A 1 96  ? -2.232  -7.945  4.465   1.00 29.77  ? 123 VAL A O   1 
ATOM   785 C CB  . VAL A 1 96  ? -3.570  -10.072 2.735   1.00 29.73  ? 123 VAL A CB  1 
ATOM   786 C CG1 . VAL A 1 96  ? -3.169  -9.527  1.355   1.00 32.11  ? 123 VAL A CG1 1 
ATOM   787 C CG2 . VAL A 1 96  ? -4.278  -11.421 2.607   1.00 36.61  ? 123 VAL A CG2 1 
ATOM   788 N N   . GLN A 1 97  ? -0.452  -8.686  3.291   1.00 27.94  ? 124 GLN A N   1 
ATOM   789 C CA  . GLN A 1 97  ? 0.322   -7.468  3.454   1.00 27.54  ? 124 GLN A CA  1 
ATOM   790 C C   . GLN A 1 97  ? 0.427   -6.732  2.126   1.00 28.02  ? 124 GLN A C   1 
ATOM   791 O O   . GLN A 1 97  ? 0.229   -7.303  1.056   1.00 31.77  ? 124 GLN A O   1 
ATOM   792 C CB  . GLN A 1 97  ? 1.724   -7.779  3.981   1.00 29.00  ? 124 GLN A CB  1 
ATOM   793 C CG  . GLN A 1 97  ? 1.759   -8.362  5.385   1.00 36.36  ? 124 GLN A CG  1 
ATOM   794 C CD  . GLN A 1 97  ? 3.186   -8.596  5.843   1.00 57.34  ? 124 GLN A CD  1 
ATOM   795 O OE1 . GLN A 1 97  ? 3.683   -7.906  6.731   1.00 68.97  ? 124 GLN A OE1 1 
ATOM   796 N NE2 . GLN A 1 97  ? 3.854   -9.568  5.231   1.00 58.81  ? 124 GLN A NE2 1 
ATOM   797 N N   . LEU A 1 98  ? 0.714   -5.448  2.205   1.00 23.08  ? 125 LEU A N   1 
ATOM   798 C CA  . LEU A 1 98  ? 0.921   -4.652  1.007   1.00 25.00  ? 125 LEU A CA  1 
ATOM   799 C C   . LEU A 1 98  ? 2.188   -3.843  1.193   1.00 25.37  ? 125 LEU A C   1 
ATOM   800 O O   . LEU A 1 98  ? 2.394   -3.240  2.252   1.00 27.99  ? 125 LEU A O   1 
ATOM   801 C CB  . LEU A 1 98  ? -0.289  -3.725  0.725   1.00 20.98  ? 125 LEU A CB  1 
ATOM   802 C CG  . LEU A 1 98  ? -0.141  -2.783  -0.479  1.00 22.66  ? 125 LEU A CG  1 
ATOM   803 C CD1 . LEU A 1 98  ? -1.521  -2.462  -1.020  1.00 26.31  ? 125 LEU A CD1 1 
ATOM   804 C CD2 . LEU A 1 98  ? 0.574   -1.491  -0.110  1.00 23.83  ? 125 LEU A CD2 1 
ATOM   805 N N   A ARG A 1 99  ? 3.049   -3.871  0.181   0.35 26.58  ? 126 ARG A N   1 
ATOM   806 N N   B ARG A 1 99  ? 3.025   -3.800  0.151   0.65 25.57  ? 126 ARG A N   1 
ATOM   807 C CA  A ARG A 1 99  ? 4.176   -2.964  0.077   0.35 27.93  ? 126 ARG A CA  1 
ATOM   808 C CA  B ARG A 1 99  ? 4.220   -2.962  0.116   0.65 28.58  ? 126 ARG A CA  1 
ATOM   809 C C   A ARG A 1 99  ? 3.905   -2.031  -1.091  0.35 24.38  ? 126 ARG A C   1 
ATOM   810 C C   B ARG A 1 99  ? 4.137   -2.076  -1.118  0.65 24.10  ? 126 ARG A C   1 
ATOM   811 O O   A ARG A 1 99  ? 3.378   -2.455  -2.125  0.35 19.31  ? 126 ARG A O   1 
ATOM   812 O O   B ARG A 1 99  ? 3.988   -2.585  -2.235  0.65 23.79  ? 126 ARG A O   1 
ATOM   813 C CB  A ARG A 1 99  ? 5.492   -3.719  -0.138  0.35 30.53  ? 126 ARG A CB  1 
ATOM   814 C CB  B ARG A 1 99  ? 5.496   -3.812  0.086   0.65 31.05  ? 126 ARG A CB  1 
ATOM   815 C CG  A ARG A 1 99  ? 5.676   -4.937  0.760   0.35 34.24  ? 126 ARG A CG  1 
ATOM   816 C CG  B ARG A 1 99  ? 6.780   -3.004  -0.046  0.65 37.59  ? 126 ARG A CG  1 
ATOM   817 C CD  A ARG A 1 99  ? 5.452   -4.607  2.224   0.35 36.50  ? 126 ARG A CD  1 
ATOM   818 C CD  B ARG A 1 99  ? 8.039   -3.842  0.260   0.65 44.04  ? 126 ARG A CD  1 
ATOM   819 N NE  A ARG A 1 99  ? 5.763   -5.740  3.094   0.35 38.79  ? 126 ARG A NE  1 
ATOM   820 N NE  B ARG A 1 99  ? 8.257   -4.925  -0.696  0.65 42.98  ? 126 ARG A NE  1 
ATOM   821 C CZ  A ARG A 1 99  ? 5.389   -5.823  4.365   0.35 32.23  ? 126 ARG A CZ  1 
ATOM   822 C CZ  B ARG A 1 99  ? 8.923   -4.794  -1.838  0.65 43.17  ? 126 ARG A CZ  1 
ATOM   823 N NH1 A ARG A 1 99  ? 4.685   -4.841  4.911   0.35 36.90  ? 126 ARG A NH1 1 
ATOM   824 N NH1 B ARG A 1 99  ? 9.447   -3.626  -2.179  0.65 38.39  ? 126 ARG A NH1 1 
ATOM   825 N NH2 A ARG A 1 99  ? 5.713   -6.884  5.088   0.35 39.05  ? 126 ARG A NH2 1 
ATOM   826 N NH2 B ARG A 1 99  ? 9.071   -5.839  -2.640  0.65 55.18  ? 126 ARG A NH2 1 
ATOM   827 N N   . GLY A 1 100 ? 4.228   -0.758  -0.916  1.00 24.32  ? 127 GLY A N   1 
ATOM   828 C CA  . GLY A 1 100 ? 4.026   0.187   -1.995  1.00 34.72  ? 127 GLY A CA  1 
ATOM   829 C C   . GLY A 1 100 ? 4.999   1.342   -1.907  1.00 28.31  ? 127 GLY A C   1 
ATOM   830 O O   . GLY A 1 100 ? 5.633   1.573   -0.873  1.00 29.67  ? 127 GLY A O   1 
ATOM   831 N N   . TYR A 1 101 ? 5.095   2.068   -3.020  1.00 29.81  ? 128 TYR A N   1 
ATOM   832 C CA  . TYR A 1 101 ? 5.939   3.245   -3.155  1.00 30.75  ? 128 TYR A CA  1 
ATOM   833 C C   . TYR A 1 101 ? 5.090   4.362   -3.728  1.00 28.04  ? 128 TYR A C   1 
ATOM   834 O O   . TYR A 1 101 ? 4.376   4.147   -4.711  1.00 27.05  ? 128 TYR A O   1 
ATOM   835 C CB  . TYR A 1 101 ? 7.134   2.977   -4.073  1.00 31.90  ? 128 TYR A CB  1 
ATOM   836 C CG  . TYR A 1 101 ? 8.107   1.979   -3.476  1.00 33.96  ? 128 TYR A CG  1 
ATOM   837 C CD1 . TYR A 1 101 ? 7.865   0.618   -3.555  1.00 37.00  ? 128 TYR A CD1 1 
ATOM   838 C CD2 . TYR A 1 101 ? 9.257   2.405   -2.826  1.00 43.94  ? 128 TYR A CD2 1 
ATOM   839 C CE1 . TYR A 1 101 ? 8.749   -0.299  -3.001  1.00 41.15  ? 128 TYR A CE1 1 
ATOM   840 C CE2 . TYR A 1 101 ? 10.150  1.496   -2.275  1.00 42.11  ? 128 TYR A CE2 1 
ATOM   841 C CZ  . TYR A 1 101 ? 9.887   0.147   -2.365  1.00 49.54  ? 128 TYR A CZ  1 
ATOM   842 O OH  . TYR A 1 101 ? 10.766  -0.765  -1.812  1.00 58.71  ? 128 TYR A OH  1 
ATOM   843 N N   . ALA A 1 102 ? 5.159   5.536   -3.107  1.00 26.41  ? 129 ALA A N   1 
ATOM   844 C CA  . ALA A 1 102 ? 4.346   6.679   -3.485  1.00 26.73  ? 129 ALA A CA  1 
ATOM   845 C C   . ALA A 1 102 ? 5.163   7.617   -4.363  1.00 32.36  ? 129 ALA A C   1 
ATOM   846 O O   . ALA A 1 102 ? 6.387   7.711   -4.224  1.00 32.18  ? 129 ALA A O   1 
ATOM   847 C CB  . ALA A 1 102 ? 3.841   7.419   -2.244  1.00 28.63  ? 129 ALA A CB  1 
ATOM   848 N N   . PHE A 1 103 ? 4.480   8.297   -5.281  1.00 28.28  ? 130 PHE A N   1 
ATOM   849 C CA  . PHE A 1 103 ? 5.157   9.161   -6.246  1.00 30.84  ? 130 PHE A CA  1 
ATOM   850 C C   . PHE A 1 103 ? 4.403   10.477  -6.371  1.00 35.67  ? 130 PHE A C   1 
ATOM   851 O O   . PHE A 1 103 ? 3.167   10.499  -6.328  1.00 32.50  ? 130 PHE A O   1 
ATOM   852 C CB  . PHE A 1 103 ? 5.275   8.495   -7.631  1.00 28.06  ? 130 PHE A CB  1 
ATOM   853 C CG  . PHE A 1 103 ? 6.140   7.255   -7.645  1.00 30.25  ? 130 PHE A CG  1 
ATOM   854 C CD1 . PHE A 1 103 ? 5.643   6.047   -7.187  1.00 28.06  ? 130 PHE A CD1 1 
ATOM   855 C CD2 . PHE A 1 103 ? 7.445   7.305   -8.124  1.00 33.61  ? 130 PHE A CD2 1 
ATOM   856 C CE1 . PHE A 1 103 ? 6.426   4.895   -7.187  1.00 30.05  ? 130 PHE A CE1 1 
ATOM   857 C CE2 . PHE A 1 103 ? 8.237   6.163   -8.136  1.00 32.11  ? 130 PHE A CE2 1 
ATOM   858 C CZ  . PHE A 1 103 ? 7.722   4.951   -7.670  1.00 29.76  ? 130 PHE A CZ  1 
ATOM   859 N N   . ARG A 1 104 ? 5.158   11.574  -6.536  1.00 34.05  ? 131 ARG A N   1 
ATOM   860 C CA  . ARG A 1 104 ? 4.523   12.885  -6.654  1.00 39.80  ? 131 ARG A CA  1 
ATOM   861 C C   . ARG A 1 104 ? 3.533   12.913  -7.807  1.00 43.24  ? 131 ARG A C   1 
ATOM   862 O O   . ARG A 1 104 ? 2.409   13.405  -7.660  1.00 46.57  ? 131 ARG A O   1 
ATOM   863 C CB  . ARG A 1 104 ? 5.573   13.976  -6.837  1.00 45.22  ? 131 ARG A CB  1 
ATOM   864 C CG  . ARG A 1 104 ? 4.954   15.359  -7.006  1.00 49.04  ? 131 ARG A CG  1 
ATOM   865 C CD  . ARG A 1 104 ? 5.786   16.413  -6.301  1.00 60.42  ? 131 ARG A CD  1 
ATOM   866 N NE  . ARG A 1 104 ? 7.105   16.569  -6.905  1.00 63.37  ? 131 ARG A NE  1 
ATOM   867 C CZ  . ARG A 1 104 ? 7.595   17.735  -7.309  1.00 72.00  ? 131 ARG A CZ  1 
ATOM   868 N NH1 . ARG A 1 104 ? 6.876   18.840  -7.159  1.00 74.23  ? 131 ARG A NH1 1 
ATOM   869 N NH2 . ARG A 1 104 ? 8.804   17.802  -7.856  1.00 79.39  ? 131 ARG A NH2 1 
ATOM   870 N N   . ASP A 1 105 ? 3.926   12.384  -8.956  1.00 44.83  ? 132 ASP A N   1 
ATOM   871 C CA  . ASP A 1 105 ? 2.960   12.102  -10.002 1.00 56.00  ? 132 ASP A CA  1 
ATOM   872 C C   . ASP A 1 105 ? 3.206   10.716  -10.593 1.00 62.25  ? 132 ASP A C   1 
ATOM   873 O O   . ASP A 1 105 ? 4.174   10.483  -11.313 1.00 72.51  ? 132 ASP A O   1 
ATOM   874 C CB  . ASP A 1 105 ? 2.995   13.198  -11.070 1.00 69.06  ? 132 ASP A CB  1 
ATOM   875 C CG  . ASP A 1 105 ? 4.399   13.672  -11.376 1.00 78.59  ? 132 ASP A CG  1 
ATOM   876 O OD1 . ASP A 1 105 ? 4.541   14.842  -11.789 1.00 81.03  ? 132 ASP A OD1 1 
ATOM   877 O OD2 . ASP A 1 105 ? 5.358   12.893  -11.196 1.00 81.46  ? 132 ASP A OD2 1 
HETATM 878 O O   . HOH B 2 .   ? -10.000 -13.011 10.086  1.00 56.09  ? 201 HOH A O   1 
HETATM 879 O O   . HOH B 2 .   ? 13.508  9.438   -4.381  1.00 36.80  ? 202 HOH A O   1 
HETATM 880 O O   . HOH B 2 .   ? 14.488  -7.876  -11.959 1.00 43.54  ? 203 HOH A O   1 
HETATM 881 O O   . HOH B 2 .   ? -5.805  14.458  -10.363 1.00 54.07  ? 204 HOH A O   1 
HETATM 882 O O   . HOH B 2 .   ? 10.660  0.650   -14.382 1.00 37.18  ? 205 HOH A O   1 
HETATM 883 O O   . HOH B 2 .   ? -9.901  -14.083 6.124   1.00 62.69  ? 206 HOH A O   1 
HETATM 884 O O   . HOH B 2 .   ? 0.994   16.484  3.024   1.00 54.83  ? 207 HOH A O   1 
HETATM 885 O O   . HOH B 2 .   ? 6.524   -5.073  -18.979 1.00 41.93  ? 208 HOH A O   1 
HETATM 886 O O   . HOH B 2 .   ? -5.854  13.370  1.541   1.00 45.25  ? 209 HOH A O   1 
HETATM 887 O O   . HOH B 2 .   ? 5.960   11.861  0.941   1.00 51.73  ? 210 HOH A O   1 
HETATM 888 O O   . HOH B 2 .   ? 0.846   -5.961  -7.754  1.00 29.45  ? 211 HOH A O   1 
HETATM 889 O O   . HOH B 2 .   ? 3.973   -0.613  -12.996 1.00 37.93  ? 212 HOH A O   1 
HETATM 890 O O   . HOH B 2 .   ? 7.955   -16.539 -1.290  1.00 34.41  ? 213 HOH A O   1 
HETATM 891 O O   . HOH B 2 .   ? 4.240   -4.510  -17.704 1.00 40.55  ? 214 HOH A O   1 
HETATM 892 O O   . HOH B 2 .   ? -12.342 10.180  -2.643  1.00 58.69  ? 215 HOH A O   1 
HETATM 893 O O   . HOH B 2 .   ? -12.308 -5.172  -0.125  1.00 49.20  ? 216 HOH A O   1 
HETATM 894 O O   . HOH B 2 .   ? -4.746  0.296   -11.998 1.00 41.17  ? 217 HOH A O   1 
HETATM 895 O O   . HOH B 2 .   ? -3.301  -6.728  -6.894  1.00 49.38  ? 218 HOH A O   1 
HETATM 896 O O   . HOH B 2 .   ? -6.738  -7.165  10.865  1.00 47.67  ? 219 HOH A O   1 
HETATM 897 O O   . HOH B 2 .   ? 7.265   2.300   -13.422 1.00 58.61  ? 220 HOH A O   1 
HETATM 898 O O   . HOH B 2 .   ? -2.048  -7.251  10.386  1.00 53.83  ? 221 HOH A O   1 
HETATM 899 O O   . HOH B 2 .   ? 0.560   17.076  -3.937  1.00 53.63  ? 222 HOH A O   1 
HETATM 900 O O   . HOH B 2 .   ? -8.653  2.686   4.673   1.00 40.35  ? 223 HOH A O   1 
HETATM 901 O O   . HOH B 2 .   ? 3.418   -7.049  -8.989  1.00 26.07  ? 224 HOH A O   1 
HETATM 902 O O   . HOH B 2 .   ? 11.060  -7.734  -9.940  1.00 46.73  ? 225 HOH A O   1 
HETATM 903 O O   . HOH B 2 .   ? -8.446  5.393   -0.193  1.00 27.88  ? 226 HOH A O   1 
HETATM 904 O O   . HOH B 2 .   ? -9.008  -0.084  4.015   1.00 34.83  ? 227 HOH A O   1 
HETATM 905 O O   . HOH B 2 .   ? 11.204  5.228   -0.126  1.00 43.81  ? 228 HOH A O   1 
HETATM 906 O O   . HOH B 2 .   ? -6.452  10.554  1.808   1.00 36.66  ? 229 HOH A O   1 
HETATM 907 O O   . HOH B 2 .   ? 0.436   -1.831  -13.476 1.00 37.89  ? 230 HOH A O   1 
HETATM 908 O O   . HOH B 2 .   ? -11.419 -12.047 -2.306  1.00 51.64  ? 231 HOH A O   1 
HETATM 909 O O   . HOH B 2 .   ? 0.226   -7.770  -5.905  1.00 27.89  ? 232 HOH A O   1 
HETATM 910 O O   . HOH B 2 .   ? 10.182  4.329   -11.679 1.00 46.73  ? 233 HOH A O   1 
HETATM 911 O O   . HOH B 2 .   ? 14.427  -2.019  -15.917 1.00 56.46  ? 234 HOH A O   1 
HETATM 912 O O   . HOH B 2 .   ? 1.966   6.682   9.040   1.00 47.85  ? 235 HOH A O   1 
HETATM 913 O O   . HOH B 2 .   ? -9.339  -0.309  8.736   1.00 58.72  ? 236 HOH A O   1 
HETATM 914 O O   . HOH B 2 .   ? 2.302   -12.008 4.452   1.00 52.17  ? 237 HOH A O   1 
HETATM 915 O O   . HOH B 2 .   ? 7.473   6.786   -11.934 1.00 44.76  ? 238 HOH A O   1 
HETATM 916 O O   . HOH B 2 .   ? 14.879  7.085   -5.963  1.00 59.05  ? 239 HOH A O   1 
HETATM 917 O O   . HOH B 2 .   ? 10.893  5.990   2.232   1.00 68.16  ? 240 HOH A O   1 
HETATM 918 O O   . HOH B 2 .   ? -5.886  -13.029 14.832  1.00 49.24  ? 241 HOH A O   1 
HETATM 919 O O   . HOH B 2 .   ? -4.668  20.016  0.099   1.00 57.26  ? 242 HOH A O   1 
HETATM 920 O O   . HOH B 2 .   ? -11.534 -0.315  4.696   1.00 51.32  ? 243 HOH A O   1 
HETATM 921 O O   . HOH B 2 .   ? 13.811  4.732   -1.668  1.00 42.83  ? 244 HOH A O   1 
HETATM 922 O O   . HOH B 2 .   ? -2.844  2.220   11.341  1.00 50.61  ? 245 HOH A O   1 
HETATM 923 O O   . HOH B 2 .   ? 6.257   -8.249  8.874   1.00 59.58  ? 246 HOH A O   1 
HETATM 924 O O   . HOH B 2 .   ? 12.746  -2.201  -17.040 1.00 52.61  ? 247 HOH A O   1 
HETATM 925 O O   . HOH B 2 .   ? 9.821   -6.078  -7.659  1.00 54.33  ? 248 HOH A O   1 
HETATM 926 O O   . HOH B 2 .   ? 5.019   -15.785 -3.946  1.00 51.94  ? 249 HOH A O   1 
HETATM 927 O O   . HOH B 2 .   ? -5.371  3.024   10.942  1.00 59.10  ? 250 HOH A O   1 
HETATM 928 O O   . HOH B 2 .   ? -11.886 -2.105  0.589   1.00 45.87  ? 251 HOH A O   1 
HETATM 929 O O   . HOH B 2 .   ? -10.490 4.709   4.373   1.00 48.50  ? 252 HOH A O   1 
HETATM 930 O O   . HOH B 2 .   ? -10.884 11.411  1.509   1.00 54.42  ? 253 HOH A O   1 
HETATM 931 O O   . HOH B 2 .   ? 8.775   4.278   -14.982 1.00 53.15  ? 254 HOH A O   1 
HETATM 932 O O   . HOH B 2 .   ? -7.382  -11.105 14.425  1.00 51.17  ? 255 HOH A O   1 
HETATM 933 O O   . HOH B 2 .   ? -10.282 6.373   1.881   1.00 44.60  ? 256 HOH A O   1 
HETATM 934 O O   . HOH B 2 .   ? -5.781  15.064  3.675   1.00 51.70  ? 257 HOH A O   1 
# 
loop_
_atom_site_anisotrop.id 
_atom_site_anisotrop.type_symbol 
_atom_site_anisotrop.pdbx_label_atom_id 
_atom_site_anisotrop.pdbx_label_alt_id 
_atom_site_anisotrop.pdbx_label_comp_id 
_atom_site_anisotrop.pdbx_label_asym_id 
_atom_site_anisotrop.pdbx_label_seq_id 
_atom_site_anisotrop.pdbx_PDB_ins_code 
_atom_site_anisotrop.U[1][1] 
_atom_site_anisotrop.U[2][2] 
_atom_site_anisotrop.U[3][3] 
_atom_site_anisotrop.U[1][2] 
_atom_site_anisotrop.U[1][3] 
_atom_site_anisotrop.U[2][3] 
_atom_site_anisotrop.pdbx_auth_seq_id 
_atom_site_anisotrop.pdbx_auth_comp_id 
_atom_site_anisotrop.pdbx_auth_asym_id 
_atom_site_anisotrop.pdbx_auth_atom_id 
1   N N   . GLU A 5   ? 0.7409 0.8426 0.5142 -0.0136 0.0574  -0.0131 32  GLU A N   
2   C CA  . GLU A 5   ? 0.7273 0.8418 0.5111 0.0010  0.0292  -0.0186 32  GLU A CA  
3   C C   . GLU A 5   ? 0.6767 0.7835 0.4685 0.0098  0.0136  -0.0087 32  GLU A C   
4   O O   . GLU A 5   ? 0.6008 0.6832 0.3832 0.0132  0.0191  0.0089  32  GLU A O   
5   C CB  . GLU A 5   ? 0.8549 0.9632 0.6153 0.0111  0.0220  -0.0150 32  GLU A CB  
6   C CG  . GLU A 5   ? 0.9093 1.0261 0.6858 0.0208  -0.0033 -0.0236 32  GLU A CG  
7   C CD  . GLU A 5   ? 1.0598 1.1717 0.8142 0.0273  -0.0079 -0.0240 32  GLU A CD  
8   O OE1 . GLU A 5   ? 1.1360 1.2347 0.8585 0.0285  0.0028  -0.0126 32  GLU A OE1 
9   O OE2 . GLU A 5   ? 1.1056 1.2241 0.8728 0.0311  -0.0206 -0.0347 32  GLU A OE2 
10  N N   . THR A 6   ? 0.6159 0.7355 0.4319 0.0140  -0.0053 -0.0187 33  THR A N   
11  C CA  . THR A 6   ? 0.5449 0.6596 0.3780 0.0191  -0.0176 -0.0122 33  THR A CA  
12  C C   . THR A 6   ? 0.5044 0.6184 0.3423 0.0297  -0.0398 -0.0101 33  THR A C   
13  O O   . THR A 6   ? 0.6269 0.7429 0.4773 0.0293  -0.0480 -0.0212 33  THR A O   
14  C CB  . THR A 6   ? 0.5430 0.6679 0.4013 0.0131  -0.0178 -0.0244 33  THR A CB  
15  O OG1 . THR A 6   ? 0.5467 0.6726 0.4061 0.0001  0.0025  -0.0301 33  THR A OG1 
16  C CG2 . THR A 6   ? 0.3380 0.4519 0.2148 0.0164  -0.0245 -0.0157 33  THR A CG2 
17  N N   A LYS A 7   ? 0.4758 0.5831 0.3074 0.0382  -0.0468 0.0047  34  LYS A N   
18  N N   B LYS A 7   ? 0.4776 0.5848 0.3086 0.0384  -0.0467 0.0048  34  LYS A N   
19  C CA  A LYS A 7   ? 0.5112 0.6181 0.3566 0.0438  -0.0664 0.0053  34  LYS A CA  
20  C CA  B LYS A 7   ? 0.5114 0.6185 0.3569 0.0438  -0.0663 0.0054  34  LYS A CA  
21  C C   A LYS A 7   ? 0.4707 0.5814 0.3479 0.0422  -0.0744 0.0037  34  LYS A C   
22  C C   B LYS A 7   ? 0.4644 0.5753 0.3422 0.0412  -0.0740 0.0020  34  LYS A C   
23  O O   A LYS A 7   ? 0.4094 0.5224 0.2935 0.0416  -0.0669 0.0078  34  LYS A O   
24  O O   B LYS A 7   ? 0.4160 0.5295 0.3015 0.0390  -0.0661 0.0029  34  LYS A O   
25  C CB  A LYS A 7   ? 0.5710 0.6724 0.3995 0.0544  -0.0706 0.0215  34  LYS A CB  
26  C CB  B LYS A 7   ? 0.5615 0.6633 0.3931 0.0546  -0.0709 0.0222  34  LYS A CB  
27  C CG  A LYS A 7   ? 0.6309 0.7207 0.4209 0.0573  -0.0548 0.0302  34  LYS A CG  
28  C CG  B LYS A 7   ? 0.6357 0.7266 0.4290 0.0584  -0.0588 0.0303  34  LYS A CG  
29  C CD  A LYS A 7   ? 0.6434 0.7359 0.4204 0.0513  -0.0527 0.0167  34  LYS A CD  
30  C CD  B LYS A 7   ? 0.6678 0.7494 0.4472 0.0719  -0.0639 0.0484  34  LYS A CD  
31  C CE  A LYS A 7   ? 0.7038 0.7839 0.4446 0.0506  -0.0317 0.0250  34  LYS A CE  
32  C CE  B LYS A 7   ? 0.6331 0.7064 0.4215 0.0797  -0.0573 0.0651  34  LYS A CE  
33  N NZ  A LYS A 7   ? 0.6939 0.7797 0.4260 0.0442  -0.0264 0.0108  34  LYS A NZ  
34  N NZ  B LYS A 7   ? 0.6696 0.7339 0.4488 0.0949  -0.0622 0.0820  34  LYS A NZ  
35  N N   . GLY A 8   ? 0.4775 0.5882 0.3715 0.0401  -0.0881 -0.0017 35  GLY A N   
36  C CA  . GLY A 8   ? 0.4654 0.5779 0.3874 0.0368  -0.0935 -0.0031 35  GLY A CA  
37  C C   . GLY A 8   ? 0.5390 0.6536 0.4754 0.0335  -0.1077 -0.0061 35  GLY A C   
38  O O   . GLY A 8   ? 0.5967 0.7086 0.5224 0.0309  -0.1123 -0.0136 35  GLY A O   
39  N N   . VAL A 9   ? 0.4782 0.6005 0.4394 0.0333  -0.1142 -0.0005 36  VAL A N   
40  C CA  . VAL A 9   ? 0.4680 0.5984 0.4473 0.0276  -0.1268 -0.0044 36  VAL A CA  
41  C C   . VAL A 9   ? 0.3801 0.5127 0.3844 0.0229  -0.1249 -0.0064 36  VAL A C   
42  O O   . VAL A 9   ? 0.3785 0.5115 0.3926 0.0268  -0.1174 -0.0002 36  VAL A O   
43  C CB  . VAL A 9   ? 0.4876 0.6332 0.4768 0.0324  -0.1381 0.0043  36  VAL A CB  
44  C CG1 . VAL A 9   ? 0.5956 0.7376 0.5550 0.0390  -0.1403 0.0064  36  VAL A CG1 
45  C CG2 . VAL A 9   ? 0.4527 0.6052 0.4606 0.0404  -0.1340 0.0164  36  VAL A CG2 
46  N N   . TYR A 10  ? 0.4516 0.5844 0.4640 0.0157  -0.1312 -0.0163 37  TYR A N   
47  C CA  . TYR A 10  ? 0.4645 0.5990 0.5023 0.0115  -0.1319 -0.0198 37  TYR A CA  
48  C C   . TYR A 10  ? 0.4287 0.5821 0.4924 0.0052  -0.1439 -0.0223 37  TYR A C   
49  O O   . TYR A 10  ? 0.5140 0.6698 0.5688 0.0007  -0.1529 -0.0301 37  TYR A O   
50  C CB  . TYR A 10  ? 0.4569 0.5710 0.4829 0.0092  -0.1298 -0.0317 37  TYR A CB  
51  C CG  . TYR A 10  ? 0.4511 0.5580 0.5009 0.0056  -0.1320 -0.0348 37  TYR A CG  
52  C CD1 . TYR A 10  ? 0.5118 0.6181 0.5850 -0.0051 -0.1426 -0.0430 37  TYR A CD1 
53  C CD2 . TYR A 10  ? 0.4167 0.5130 0.4649 0.0099  -0.1195 -0.0279 37  TYR A CD2 
54  C CE1 . TYR A 10  ? 0.5198 0.6097 0.6119 -0.0127 -0.1325 -0.0399 37  TYR A CE1 
55  C CE2 . TYR A 10  ? 0.4308 0.5110 0.4938 0.0045  -0.1092 -0.0241 37  TYR A CE2 
56  C CZ  . TYR A 10  ? 0.4522 0.5277 0.5365 -0.0068 -0.1146 -0.0291 37  TYR A CZ  
57  O OH  . TYR A 10  ? 0.5507 0.6066 0.6477 -0.0132 -0.1012 -0.0240 37  TYR A OH  
58  N N   . LEU A 11  ? 0.3962 0.5647 0.4940 0.0044  -0.1435 -0.0162 38  LEU A N   
59  C CA  . LEU A 11  ? 0.4590 0.6524 0.5888 -0.0024 -0.1530 -0.0184 38  LEU A CA  
60  C C   . LEU A 11  ? 0.4839 0.6710 0.6472 -0.0155 -0.1527 -0.0259 38  LEU A C   
61  O O   . LEU A 11  ? 0.4373 0.6274 0.6298 -0.0161 -0.1441 -0.0165 38  LEU A O   
62  C CB  . LEU A 11  ? 0.4594 0.6785 0.6078 0.0075  -0.1509 -0.0039 38  LEU A CB  
63  C CG  . LEU A 11  ? 0.5397 0.7598 0.6626 0.0198  -0.1521 0.0091  38  LEU A CG  
64  C CD1 . LEU A 11  ? 0.5805 0.8170 0.7261 0.0314  -0.1477 0.0236  38  LEU A CD1 
65  C CD2 . LEU A 11  ? 0.5635 0.7883 0.6708 0.0168  -0.1667 0.0047  38  LEU A CD2 
66  N N   . PRO A 12  ? 0.5197 0.6950 0.6823 -0.0278 -0.1604 -0.0410 39  PRO A N   
67  C CA  . PRO A 12  ? 0.5047 0.6663 0.6998 -0.0433 -0.1582 -0.0469 39  PRO A CA  
68  C C   . PRO A 12  ? 0.5009 0.6927 0.7454 -0.0537 -0.1559 -0.0425 39  PRO A C   
69  O O   . PRO A 12  ? 0.5536 0.7769 0.8051 -0.0528 -0.1640 -0.0443 39  PRO A O   
70  C CB  . PRO A 12  ? 0.5286 0.6691 0.7064 -0.0533 -0.1672 -0.0656 39  PRO A CB  
71  C CG  . PRO A 12  ? 0.6123 0.7548 0.7461 -0.0404 -0.1718 -0.0675 39  PRO A CG  
72  C CD  . PRO A 12  ? 0.5533 0.7265 0.6893 -0.0300 -0.1705 -0.0527 39  PRO A CD  
73  N N   . LYS A 13  ? 0.4834 0.6621 0.7504 -0.0611 -0.1368 -0.0342 40  LYS A N   
74  C CA  . LYS A 13  ? 0.4280 0.6363 0.7480 -0.0733 -0.1317 -0.0313 40  LYS A CA  
75  C C   . LYS A 13  ? 0.4863 0.6870 0.8316 -0.0982 -0.1335 -0.0465 40  LYS A C   
76  O O   . LYS A 13  ? 0.5308 0.7629 0.9151 -0.1101 -0.1327 -0.0492 40  LYS A O   
77  C CB  . LYS A 13  ? 0.4057 0.6038 0.7334 -0.0680 -0.1048 -0.0130 40  LYS A CB  
78  C CG  . LYS A 13  ? 0.4341 0.6710 0.8184 -0.0755 -0.0974 -0.0075 40  LYS A CG  
79  C CD  . LYS A 13  ? 0.4145 0.6391 0.8018 -0.0688 -0.0691 0.0102  40  LYS A CD  
80  C CE  . LYS A 13  ? 0.3657 0.6339 0.8129 -0.0752 -0.0610 0.0147  40  LYS A CE  
81  N NZ  . LYS A 13  ? 0.3155 0.5733 0.7663 -0.0678 -0.0319 0.0311  40  LYS A NZ  
82  N N   A TYR A 14  ? 0.5103 0.6657 0.8237 -0.1041 -0.1312 -0.0555 41  TYR A N   
83  N N   B TYR A 14  ? 0.5104 0.6657 0.8238 -0.1040 -0.1312 -0.0555 41  TYR A N   
84  C CA  A TYR A 14  ? 0.5415 0.6774 0.8721 -0.1283 -0.1300 -0.0705 41  TYR A CA  
85  C CA  B TYR A 14  ? 0.5415 0.6775 0.8720 -0.1283 -0.1301 -0.0704 41  TYR A CA  
86  C C   A TYR A 14  ? 0.5814 0.6952 0.8772 -0.1285 -0.1484 -0.0894 41  TYR A C   
87  C C   B TYR A 14  ? 0.5814 0.6953 0.8773 -0.1286 -0.1484 -0.0894 41  TYR A C   
88  O O   A TYR A 14  ? 0.5889 0.6816 0.8388 -0.1099 -0.1506 -0.0869 41  TYR A O   
89  O O   B TYR A 14  ? 0.5890 0.6818 0.8389 -0.1099 -0.1507 -0.0868 41  TYR A O   
90  C CB  A TYR A 14  ? 0.5486 0.6368 0.8722 -0.1349 -0.1007 -0.0598 41  TYR A CB  
91  C CB  B TYR A 14  ? 0.5487 0.6369 0.8723 -0.1350 -0.1008 -0.0598 41  TYR A CB  
92  C CG  A TYR A 14  ? 0.5186 0.6240 0.8699 -0.1330 -0.0795 -0.0408 41  TYR A CG  
93  C CG  B TYR A 14  ? 0.5184 0.6237 0.8697 -0.1329 -0.0796 -0.0408 41  TYR A CG  
94  C CD1 A TYR A 14  ? 0.5385 0.6668 0.9437 -0.1541 -0.0693 -0.0416 41  TYR A CD1 
95  C CD1 B TYR A 14  ? 0.5385 0.6669 0.9435 -0.1540 -0.0693 -0.0415 41  TYR A CD1 
96  C CD2 A TYR A 14  ? 0.4718 0.5716 0.7966 -0.1108 -0.0687 -0.0237 41  TYR A CD2 
97  C CD2 B TYR A 14  ? 0.4719 0.5718 0.7965 -0.1107 -0.0690 -0.0238 41  TYR A CD2 
98  C CE1 A TYR A 14  ? 0.5138 0.6587 0.9440 -0.1511 -0.0482 -0.0247 41  TYR A CE1 
99  C CE1 B TYR A 14  ? 0.5130 0.6578 0.9428 -0.1508 -0.0481 -0.0246 41  TYR A CE1 
100 C CE2 A TYR A 14  ? 0.4527 0.5657 0.7997 -0.1081 -0.0486 -0.0077 41  TYR A CE2 
101 C CE2 B TYR A 14  ? 0.4513 0.5645 0.7980 -0.1079 -0.0488 -0.0078 41  TYR A CE2 
102 C CZ  A TYR A 14  ? 0.4790 0.6144 0.8782 -0.1273 -0.0379 -0.0078 41  TYR A CZ  
103 C CZ  B TYR A 14  ? 0.4796 0.6149 0.8783 -0.1270 -0.0381 -0.0077 41  TYR A CZ  
104 O OH  A TYR A 14  ? 0.4720 0.6216 0.8937 -0.1236 -0.0160 0.0076  41  TYR A OH  
105 O OH  B TYR A 14  ? 0.4728 0.6223 0.8936 -0.1231 -0.0162 0.0076  41  TYR A OH  
106 N N   . SER A 15  ? 0.6114 0.7292 0.9186 -0.1472 -0.1557 -0.1063 42  SER A N   
107 C CA  . SER A 15  ? 0.7166 0.8121 0.9851 -0.1465 -0.1690 -0.1237 42  SER A CA  
108 C C   . SER A 15  ? 0.7329 0.7633 0.9774 -0.1505 -0.1594 -0.1304 42  SER A C   
109 O O   . SER A 15  ? 0.7700 0.7761 0.9740 -0.1418 -0.1680 -0.1420 42  SER A O   
110 C CB  . SER A 15  ? 0.8237 0.9431 1.1077 -0.1652 -0.1792 -0.1387 42  SER A CB  
111 O OG  . SER A 15  ? 0.9076 0.9895 1.2035 -0.1897 -0.1683 -0.1500 42  SER A OG  
112 N N   . ALA A 16  ? 0.6524 0.6514 0.9104 -0.1589 -0.1360 -0.1191 43  ALA A N   
113 C CA  . ALA A 16  ? 0.7430 0.6758 0.9595 -0.1522 -0.1190 -0.1155 43  ALA A CA  
114 C C   . ALA A 16  ? 0.8598 0.7853 1.0289 -0.1211 -0.1211 -0.1059 43  ALA A C   
115 O O   . ALA A 16  ? 0.9405 0.8910 1.1104 -0.1068 -0.1161 -0.0890 43  ALA A O   
116 C CB  . ALA A 16  ? 0.7358 0.6405 0.9670 -0.1614 -0.0895 -0.0985 43  ALA A CB  
117 N N   A GLU A 17  ? 0.8774 0.7695 1.0063 -0.1111 -0.1278 -0.1179 44  GLU A N   
118 N N   B GLU A 17  ? 0.8780 0.7694 1.0070 -0.1113 -0.1275 -0.1180 44  GLU A N   
119 C CA  A GLU A 17  ? 0.8772 0.7664 0.9643 -0.0831 -0.1301 -0.1121 44  GLU A CA  
120 C CA  B GLU A 17  ? 0.8790 0.7662 0.9656 -0.0834 -0.1299 -0.1125 44  GLU A CA  
121 C C   A GLU A 17  ? 0.8931 0.7311 0.9487 -0.0694 -0.1104 -0.1011 44  GLU A C   
122 C C   B GLU A 17  ? 0.8933 0.7302 0.9497 -0.0699 -0.1095 -0.1005 44  GLU A C   
123 O O   A GLU A 17  ? 0.9380 0.7266 0.9800 -0.0750 -0.1031 -0.1084 44  GLU A O   
124 O O   B GLU A 17  ? 0.9381 0.7254 0.9827 -0.0764 -0.1009 -0.1065 44  GLU A O   
125 C CB  A GLU A 17  ? 0.9099 0.8027 0.9723 -0.0768 -0.1503 -0.1325 44  GLU A CB  
126 C CB  B GLU A 17  ? 0.9146 0.8007 0.9752 -0.0776 -0.1492 -0.1335 44  GLU A CB  
127 C CG  A GLU A 17  ? 0.9041 0.8519 0.9857 -0.0815 -0.1714 -0.1398 44  GLU A CG  
128 C CG  B GLU A 17  ? 0.9287 0.8581 1.0143 -0.0919 -0.1712 -0.1485 44  GLU A CG  
129 C CD  A GLU A 17  ? 0.9206 0.8725 0.9683 -0.0717 -0.1822 -0.1532 44  GLU A CD  
130 C CD  B GLU A 17  ? 0.9472 0.8784 0.9972 -0.0817 -0.1815 -0.1624 44  GLU A CD  
131 O OE1 A GLU A 17  ? 0.9490 0.8598 0.9679 -0.0666 -0.1795 -0.1645 44  GLU A OE1 
132 O OE1 B GLU A 17  ? 0.9601 0.8569 0.9740 -0.0662 -0.1778 -0.1667 44  GLU A OE1 
133 O OE2 A GLU A 17  ? 0.9095 0.9035 0.9566 -0.0676 -0.1882 -0.1488 44  GLU A OE2 
134 O OE2 B GLU A 17  ? 0.9486 0.9161 1.0049 -0.0877 -0.1904 -0.1666 44  GLU A OE2 
135 N N   . LEU A 18  ? 0.8285 0.6771 0.8706 -0.0507 -0.1020 -0.0841 45  LEU A N   
136 C CA  . LEU A 18  ? 0.7582 0.5663 0.7693 -0.0341 -0.0853 -0.0720 45  LEU A CA  
137 C C   . LEU A 18  ? 0.7765 0.5739 0.7472 -0.0102 -0.0931 -0.0799 45  LEU A C   
138 O O   . LEU A 18  ? 0.7870 0.6160 0.7541 -0.0049 -0.1085 -0.0902 45  LEU A O   
139 C CB  . LEU A 18  ? 0.7066 0.5349 0.7245 -0.0270 -0.0731 -0.0521 45  LEU A CB  
140 C CG  . LEU A 18  ? 0.7821 0.6295 0.8421 -0.0469 -0.0637 -0.0430 45  LEU A CG  
141 C CD1 . LEU A 18  ? 0.7535 0.6188 0.8126 -0.0358 -0.0518 -0.0252 45  LEU A CD1 
142 C CD2 . LEU A 18  ? 0.7945 0.5994 0.8647 -0.0646 -0.0478 -0.0416 45  LEU A CD2 
143 N N   . PRO A 19  ? 0.8605 0.6134 0.7995 0.0059  -0.0820 -0.0749 46  PRO A N   
144 C CA  . PRO A 19  ? 0.8432 0.5908 0.7465 0.0317  -0.0887 -0.0821 46  PRO A CA  
145 C C   . PRO A 19  ? 0.7274 0.5218 0.6277 0.0467  -0.0928 -0.0757 46  PRO A C   
146 O O   . PRO A 19  ? 0.6514 0.4579 0.5592 0.0474  -0.0836 -0.0607 46  PRO A O   
147 C CB  . PRO A 19  ? 0.9085 0.5987 0.7814 0.0471  -0.0740 -0.0738 46  PRO A CB  
148 C CG  . PRO A 19  ? 0.9197 0.5895 0.8090 0.0309  -0.0572 -0.0581 46  PRO A CG  
149 C CD  . PRO A 19  ? 0.8771 0.5813 0.8109 0.0017  -0.0621 -0.0623 46  PRO A CD  
150 N N   . PRO A 20  ? 0.7119 0.5324 0.6013 0.0575  -0.1049 -0.0878 47  PRO A N   
151 C CA  . PRO A 20  ? 0.6520 0.5168 0.5408 0.0680  -0.1071 -0.0834 47  PRO A CA  
152 C C   . PRO A 20  ? 0.6517 0.5092 0.5217 0.0879  -0.0978 -0.0731 47  PRO A C   
153 O O   . PRO A 20  ? 0.6638 0.4841 0.5108 0.1028  -0.0931 -0.0722 47  PRO A O   
154 C CB  . PRO A 20  ? 0.6178 0.5011 0.4933 0.0767  -0.1186 -0.0999 47  PRO A CB  
155 C CG  . PRO A 20  ? 0.7029 0.5628 0.5806 0.0640  -0.1259 -0.1129 47  PRO A CG  
156 C CD  . PRO A 20  ? 0.7419 0.5532 0.6204 0.0576  -0.1160 -0.1071 47  PRO A CD  
157 N N   . THR A 21  ? 0.5492 0.4414 0.4267 0.0891  -0.0955 -0.0657 48  THR A N   
158 C CA  . THR A 21  ? 0.5399 0.4368 0.4000 0.1078  -0.0900 -0.0592 48  THR A CA  
159 C C   . THR A 21  ? 0.5698 0.5126 0.4290 0.1157  -0.0965 -0.0682 48  THR A C   
160 O O   . THR A 21  ? 0.5210 0.4870 0.3907 0.1067  -0.1028 -0.0766 48  THR A O   
161 C CB  . THR A 21  ? 0.5997 0.4926 0.4683 0.1005  -0.0786 -0.0434 48  THR A CB  
162 O OG1 . THR A 21  ? 0.8019 0.6960 0.6480 0.1205  -0.0748 -0.0387 48  THR A OG1 
163 C CG2 . THR A 21  ? 0.4677 0.3974 0.3620 0.0843  -0.0790 -0.0415 48  THR A CG2 
164 N N   . ASP A 22  ? 0.6543 0.6108 0.4993 0.1333  -0.0945 -0.0668 49  ASP A N   
165 C CA  . ASP A 22  ? 0.6372 0.6376 0.5022 0.1318  -0.0885 -0.0718 49  ASP A CA  
166 C C   . ASP A 22  ? 0.5705 0.5941 0.4544 0.1152  -0.0801 -0.0648 49  ASP A C   
167 O O   . ASP A 22  ? 0.4678 0.4796 0.3425 0.1159  -0.0791 -0.0569 49  ASP A O   
168 C CB  . ASP A 22  ? 0.6846 0.6910 0.5395 0.1541  -0.0864 -0.0750 49  ASP A CB  
169 C CG  . ASP A 22  ? 0.7355 0.7858 0.6157 0.1506  -0.0797 -0.0809 49  ASP A CG  
170 O OD1 . ASP A 22  ? 0.6908 0.7533 0.5784 0.1523  -0.0810 -0.0881 49  ASP A OD1 
171 O OD2 . ASP A 22  ? 0.7128 0.7841 0.6027 0.1467  -0.0738 -0.0787 49  ASP A OD2 
172 N N   . PRO A 23  ? 0.4896 0.5411 0.3947 0.1014  -0.0741 -0.0667 50  PRO A N   
173 C CA  . PRO A 23  ? 0.4070 0.4738 0.3240 0.0878  -0.0668 -0.0612 50  PRO A CA  
174 C C   . PRO A 23  ? 0.4269 0.4975 0.3384 0.0949  -0.0630 -0.0593 50  PRO A C   
175 O O   . PRO A 23  ? 0.4025 0.4700 0.3128 0.0883  -0.0602 -0.0535 50  PRO A O   
176 C CB  . PRO A 23  ? 0.3854 0.4758 0.3165 0.0793  -0.0612 -0.0653 50  PRO A CB  
177 C CG  . PRO A 23  ? 0.3656 0.4494 0.2938 0.0817  -0.0663 -0.0695 50  PRO A CG  
178 C CD  . PRO A 23  ? 0.4177 0.4825 0.3310 0.0992  -0.0737 -0.0733 50  PRO A CD  
179 N N   . SER A 24  ? 0.3270 0.4049 0.2335 0.1102  -0.0637 -0.0644 51  SER A N   
180 C CA  . SER A 24  ? 0.2956 0.3788 0.1955 0.1177  -0.0613 -0.0632 51  SER A CA  
181 C C   . SER A 24  ? 0.3463 0.3992 0.2231 0.1247  -0.0623 -0.0537 51  SER A C   
182 O O   . SER A 24  ? 0.3356 0.3906 0.2051 0.1279  -0.0589 -0.0508 51  SER A O   
183 C CB  . SER A 24  ? 0.3819 0.4796 0.2793 0.1366  -0.0638 -0.0709 51  SER A CB  
184 O OG  . SER A 24  ? 0.3913 0.4632 0.2677 0.1556  -0.0694 -0.0707 51  SER A OG  
185 N N   . GLN A 25  ? 0.4079 0.4312 0.2706 0.1275  -0.0671 -0.0488 52  GLN A N   
186 C CA  . GLN A 25  ? 0.4364 0.4245 0.2720 0.1359  -0.0667 -0.0363 52  GLN A CA  
187 C C   . GLN A 25  ? 0.4400 0.4248 0.2923 0.1165  -0.0586 -0.0274 52  GLN A C   
188 O O   . GLN A 25  ? 0.4282 0.3858 0.2754 0.1151  -0.0479 -0.0145 52  GLN A O   
189 C CB  . GLN A 25  ? 0.4695 0.4179 0.2936 0.1429  -0.0691 -0.0321 52  GLN A CB  
190 C CG  . GLN A 25  ? 0.5116 0.4552 0.3130 0.1676  -0.0767 -0.0395 52  GLN A CG  
191 C CD  . GLN A 25  ? 0.6553 0.5467 0.4415 0.1744  -0.0739 -0.0330 52  GLN A CD  
192 O OE1 . GLN A 25  ? 0.7925 0.6758 0.5856 0.1702  -0.0788 -0.0413 52  GLN A OE1 
193 N NE2 . GLN A 25  ? 0.7073 0.5605 0.4712 0.1841  -0.0642 -0.0188 52  GLN A NE2 
194 N N   . VAL A 26  ? 0.3692 0.3801 0.2433 0.1015  -0.0603 -0.0329 53  VAL A N   
195 C CA  . VAL A 26  ? 0.3249 0.3334 0.2203 0.0841  -0.0517 -0.0241 53  VAL A CA  
196 C C   . VAL A 26  ? 0.3646 0.3829 0.2552 0.0834  -0.0425 -0.0219 53  VAL A C   
197 O O   . VAL A 26  ? 0.3506 0.3947 0.2388 0.0829  -0.0450 -0.0321 53  VAL A O   
198 C CB  . VAL A 26  ? 0.3088 0.3368 0.2246 0.0716  -0.0573 -0.0294 53  VAL A CB  
199 C CG1 . VAL A 26  ? 0.2935 0.3215 0.2317 0.0576  -0.0491 -0.0194 53  VAL A CG1 
200 C CG2 . VAL A 26  ? 0.2997 0.3182 0.2165 0.0728  -0.0672 -0.0342 53  VAL A CG2 
201 N N   . ARG A 27  ? 0.3220 0.3189 0.2113 0.0818  -0.0308 -0.0098 54  ARG A N   
202 C CA  . ARG A 27  ? 0.3322 0.3338 0.2156 0.0805  -0.0204 -0.0078 54  ARG A CA  
203 C C   . ARG A 27  ? 0.3224 0.3359 0.2312 0.0654  -0.0146 -0.0063 54  ARG A C   
204 O O   . ARG A 27  ? 0.4376 0.4478 0.3691 0.0570  -0.0147 -0.0001 54  ARG A O   
205 C CB  . ARG A 27  ? 0.3598 0.3326 0.2300 0.0858  -0.0075 0.0054  54  ARG A CB  
206 C CG  . ARG A 27  ? 0.4325 0.3866 0.2718 0.1039  -0.0117 0.0069  54  ARG A CG  
207 C CD  . ARG A 27  ? 0.6591 0.5804 0.4802 0.1093  0.0041  0.0220  54  ARG A CD  
208 N NE  . ARG A 27  ? 0.7518 0.6547 0.5992 0.0943  0.0160  0.0337  54  ARG A NE  
209 C CZ  . ARG A 27  ? 0.8720 0.7486 0.7230 0.0923  0.0177  0.0400  54  ARG A CZ  
210 N NH1 . ARG A 27  ? 0.8469 0.7071 0.6734 0.1066  0.0089  0.0374  54  ARG A NH1 
211 N NH2 . ARG A 27  ? 0.8905 0.7572 0.7704 0.0760  0.0284  0.0482  54  ARG A NH2 
212 N N   . VAL A 28  ? 0.2850 0.3111 0.1887 0.0629  -0.0095 -0.0124 55  VAL A N   
213 C CA  . VAL A 28  ? 0.2860 0.3216 0.2088 0.0510  -0.0045 -0.0124 55  VAL A CA  
214 C C   . VAL A 28  ? 0.3698 0.3951 0.2905 0.0488  0.0114  -0.0076 55  VAL A C   
215 O O   . VAL A 28  ? 0.3187 0.3447 0.2187 0.0523  0.0152  -0.0153 55  VAL A O   
216 C CB  . VAL A 28  ? 0.3066 0.3647 0.2264 0.0468  -0.0113 -0.0268 55  VAL A CB  
217 C CG1 . VAL A 28  ? 0.2997 0.3596 0.2326 0.0357  -0.0029 -0.0250 55  VAL A CG1 
218 C CG2 . VAL A 28  ? 0.2947 0.3630 0.2177 0.0495  -0.0252 -0.0311 55  VAL A CG2 
219 N N   . TYR A 29  ? 0.2918 0.3101 0.2342 0.0437  0.0202  0.0036  56  TYR A N   
220 C CA  . TYR A 29  ? 0.2610 0.2687 0.2036 0.0433  0.0372  0.0088  56  TYR A CA  
221 C C   . TYR A 29  ? 0.2749 0.2860 0.2364 0.0375  0.0425  0.0118  56  TYR A C   
222 O O   . TYR A 29  ? 0.2712 0.2916 0.2507 0.0349  0.0339  0.0157  56  TYR A O   
223 C CB  . TYR A 29  ? 0.3111 0.3046 0.2623 0.0467  0.0478  0.0224  56  TYR A CB  
224 C CG  . TYR A 29  ? 0.3103 0.2921 0.2376 0.0542  0.0462  0.0227  56  TYR A CG  
225 C CD1 . TYR A 29  ? 0.3778 0.3560 0.3092 0.0552  0.0364  0.0258  56  TYR A CD1 
226 C CD2 . TYR A 29  ? 0.3549 0.3269 0.2521 0.0615  0.0545  0.0195  56  TYR A CD2 
227 C CE1 . TYR A 29  ? 0.4302 0.3916 0.3355 0.0647  0.0363  0.0279  56  TYR A CE1 
228 C CE2 . TYR A 29  ? 0.3719 0.3311 0.2420 0.0719  0.0528  0.0218  56  TYR A CE2 
229 C CZ  . TYR A 29  ? 0.3618 0.3143 0.2359 0.0741  0.0441  0.0267  56  TYR A CZ  
230 O OH  . TYR A 29  ? 0.4263 0.3606 0.2695 0.0870  0.0438  0.0305  56  TYR A OH  
231 N N   . ASN A 30  ? 0.3341 0.3353 0.2876 0.0372  0.0569  0.0099  57  ASN A N   
232 C CA  . ASN A 30  ? 0.4108 0.4075 0.3795 0.0354  0.0660  0.0158  57  ASN A CA  
233 C C   . ASN A 30  ? 0.3278 0.3244 0.3229 0.0406  0.0725  0.0313  57  ASN A C   
234 O O   . ASN A 30  ? 0.4162 0.4054 0.4105 0.0443  0.0832  0.0360  57  ASN A O   
235 C CB  . ASN A 30  ? 0.4755 0.4563 0.4265 0.0339  0.0816  0.0082  57  ASN A CB  
236 C CG  . ASN A 30  ? 0.5215 0.5060 0.4534 0.0253  0.0769  -0.0088 57  ASN A CG  
237 O OD1 . ASN A 30  ? 0.5545 0.5477 0.4916 0.0196  0.0692  -0.0111 57  ASN A OD1 
238 N ND2 . ASN A 30  ? 0.5373 0.5170 0.4465 0.0239  0.0820  -0.0217 57  ASN A ND2 
239 N N   . LEU A 31  ? 0.3708 0.3777 0.3893 0.0412  0.0667  0.0391  58  LEU A N   
240 C CA  . LEU A 31  ? 0.3427 0.3575 0.3924 0.0461  0.0716  0.0523  58  LEU A CA  
241 C C   . LEU A 31  ? 0.3407 0.3429 0.3920 0.0533  0.0914  0.0573  58  LEU A C   
242 O O   . LEU A 31  ? 0.3363 0.3306 0.3825 0.0561  0.0945  0.0576  58  LEU A O   
243 C CB  . LEU A 31  ? 0.4715 0.5054 0.5429 0.0461  0.0557  0.0570  58  LEU A CB  
244 C CG  . LEU A 31  ? 0.4861 0.5381 0.5956 0.0510  0.0564  0.0685  58  LEU A CG  
245 C CD1 . LEU A 31  ? 0.5290 0.5876 0.6538 0.0447  0.0557  0.0690  58  LEU A CD1 
246 C CD2 . LEU A 31  ? 0.5083 0.5791 0.6314 0.0533  0.0389  0.0713  58  LEU A CD2 
247 N N   . GLN A 32  ? 0.3154 0.3123 0.3716 0.0569  0.1069  0.0615  59  GLN A N   
248 C CA  . GLN A 32  ? 0.3727 0.3539 0.4253 0.0648  0.1280  0.0641  59  GLN A CA  
249 C C   . GLN A 32  ? 0.4677 0.4629 0.5574 0.0738  0.1389  0.0774  59  GLN A C   
250 O O   . GLN A 32  ? 0.3978 0.3869 0.4945 0.0840  0.1505  0.0823  59  GLN A O   
251 C CB  . GLN A 32  ? 0.3591 0.3203 0.3794 0.0637  0.1413  0.0554  59  GLN A CB  
252 C CG  . GLN A 32  ? 0.3625 0.3133 0.3469 0.0562  0.1328  0.0393  59  GLN A CG  
253 C CD  . GLN A 32  ? 0.3947 0.3309 0.3467 0.0570  0.1426  0.0300  59  GLN A CD  
254 O OE1 . GLN A 32  ? 0.4898 0.4265 0.4402 0.0606  0.1475  0.0361  59  GLN A OE1 
255 N NE2 . GLN A 32  ? 0.5069 0.4295 0.4316 0.0530  0.1464  0.0150  59  GLN A NE2 
256 N N   . TYR A 33  ? 0.3982 0.4114 0.5123 0.0704  0.1370  0.0832  60  TYR A N   
257 C CA  . TYR A 33  ? 0.4193 0.4517 0.5735 0.0767  0.1492  0.0941  60  TYR A CA  
258 C C   . TYR A 33  ? 0.3965 0.4628 0.5913 0.0724  0.1307  0.0988  60  TYR A C   
259 O O   . TYR A 33  ? 0.3687 0.4391 0.5588 0.0619  0.1130  0.0938  60  TYR A O   
260 C CB  . TYR A 33  ? 0.4727 0.4978 0.6242 0.0740  0.1682  0.0966  60  TYR A CB  
261 C CG  . TYR A 33  ? 0.4588 0.4509 0.5655 0.0777  0.1835  0.0900  60  TYR A CG  
262 C CD1 . TYR A 33  ? 0.4985 0.4769 0.6000 0.0858  0.1969  0.0906  60  TYR A CD1 
263 C CD2 . TYR A 33  ? 0.3963 0.3704 0.4625 0.0724  0.1784  0.0809  60  TYR A CD2 
264 C CE1 . TYR A 33  ? 0.4613 0.4094 0.5208 0.0872  0.2060  0.0819  60  TYR A CE1 
265 C CE2 . TYR A 33  ? 0.5046 0.4525 0.5297 0.0750  0.1873  0.0722  60  TYR A CE2 
266 C CZ  . TYR A 33  ? 0.4475 0.3823 0.4702 0.0813  0.2000  0.0723  60  TYR A CZ  
267 O OH  . TYR A 33  ? 0.5634 0.4736 0.5463 0.0823  0.2056  0.0620  60  TYR A OH  
268 N N   . GLN A 34  ? 0.5707 0.6638 0.8068 0.0812  0.1351  0.1073  61  GLN A N   
269 C CA  . GLN A 34  ? 0.5271 0.6582 0.8059 0.0756  0.1174  0.1095  61  GLN A CA  
270 C C   . GLN A 34  ? 0.3582 0.4923 0.6468 0.0585  0.1180  0.1067  61  GLN A C   
271 O O   . GLN A 34  ? 0.5109 0.6588 0.8111 0.0473  0.0982  0.1021  61  GLN A O   
272 C CB  . GLN A 34  ? 0.6465 0.8050 0.9615 0.0855  0.1198  0.1158  61  GLN A CB  
273 C CG  . GLN A 34  ? 0.7059 0.8470 1.0128 0.0924  0.1442  0.1189  61  GLN A CG  
274 C CD  . GLN A 34  ? 0.7116 0.8272 0.9895 0.1080  0.1511  0.1207  61  GLN A CD  
275 O OE1 . GLN A 34  ? 0.7061 0.7887 0.9452 0.1077  0.1566  0.1163  61  GLN A OE1 
276 N NE2 . GLN A 34  ? 0.7163 0.8462 1.0122 0.1214  0.1512  0.1261  61  GLN A NE2 
277 N N   . SER A 35  ? 0.4142 0.5305 0.6929 0.0564  0.1413  0.1092  62  SER A N   
278 C CA  . SER A 35  ? 0.4695 0.5810 0.7527 0.0410  0.1458  0.1088  62  SER A CA  
279 C C   . SER A 35  ? 0.4401 0.5265 0.6839 0.0329  0.1294  0.1010  62  SER A C   
280 O O   . SER A 35  ? 0.4452 0.5266 0.6930 0.0205  0.1273  0.1001  62  SER A O   
281 C CB  . SER A 35  ? 0.4673 0.5572 0.7351 0.0430  0.1735  0.1134  62  SER A CB  
282 O OG  . SER A 35  ? 0.5136 0.5705 0.7305 0.0524  0.1811  0.1104  62  SER A OG  
283 N N   . ASP A 36  ? 0.4144 0.4845 0.6209 0.0399  0.1193  0.0951  63  ASP A N   
284 C CA  . ASP A 36  ? 0.4189 0.4704 0.5902 0.0345  0.1038  0.0868  63  ASP A CA  
285 C C   . ASP A 36  ? 0.4101 0.4790 0.6010 0.0254  0.0808  0.0824  63  ASP A C   
286 O O   . ASP A 36  ? 0.3308 0.3848 0.4993 0.0201  0.0706  0.0763  63  ASP A O   
287 C CB  . ASP A 36  ? 0.3807 0.4188 0.5158 0.0420  0.0984  0.0799  63  ASP A CB  
288 C CG  . ASP A 36  ? 0.4963 0.5098 0.5978 0.0481  0.1172  0.0787  63  ASP A CG  
289 O OD1 . ASP A 36  ? 0.3629 0.3659 0.4599 0.0477  0.1327  0.0835  63  ASP A OD1 
290 O OD2 . ASP A 36  ? 0.3966 0.4005 0.4743 0.0526  0.1169  0.0721  63  ASP A OD2 
291 N N   . THR A 37  ? 0.3606 0.4608 0.5908 0.0251  0.0714  0.0843  64  THR A N   
292 C CA  . THR A 37  ? 0.3707 0.4879 0.6160 0.0165  0.0480  0.0778  64  THR A CA  
293 C C   . THR A 37  ? 0.3774 0.5008 0.6516 0.0012  0.0497  0.0766  64  THR A C   
294 O O   . THR A 37  ? 0.3389 0.4693 0.6202 -0.0082 0.0310  0.0685  64  THR A O   
295 C CB  . THR A 37  ? 0.3888 0.5386 0.6600 0.0239  0.0340  0.0792  64  THR A CB  
296 O OG1 . THR A 37  ? 0.3905 0.5674 0.7058 0.0266  0.0455  0.0868  64  THR A OG1 
297 C CG2 . THR A 37  ? 0.4901 0.6266 0.7297 0.0374  0.0343  0.0809  64  THR A CG2 
298 N N   . GLN A 38  ? 0.3588 0.4774 0.6480 -0.0027 0.0727  0.0838  65  GLN A N   
299 C CA  . GLN A 38  ? 0.3732 0.4965 0.6932 -0.0202 0.0780  0.0831  65  GLN A CA  
300 C C   . GLN A 38  ? 0.4009 0.4879 0.6871 -0.0286 0.0727  0.0775  65  GLN A C   
301 O O   . GLN A 38  ? 0.4482 0.5017 0.6872 -0.0199 0.0781  0.0791  65  GLN A O   
302 C CB  . GLN A 38  ? 0.4407 0.5619 0.7783 -0.0221 0.1083  0.0933  65  GLN A CB  
303 C CG  . GLN A 38  ? 0.6720 0.8160 1.0273 -0.0075 0.1203  0.1003  65  GLN A CG  
304 C CD  . GLN A 38  ? 0.8387 0.9739 1.2012 -0.0080 0.1532  0.1099  65  GLN A CD  
305 O OE1 . GLN A 38  ? 0.8503 1.0073 1.2477 -0.0150 0.1588  0.1092  65  GLN A OE1 
306 N NE2 . GLN A 38  ? 0.9289 1.0248 1.2409 0.0006  0.1684  0.1137  65  GLN A NE2 
307 N N   . GLY A 39  ? 0.3649 0.4587 0.6760 -0.0452 0.0624  0.0703  66  GLY A N   
308 C CA  . GLY A 39  ? 0.4055 0.4622 0.6875 -0.0530 0.0583  0.0647  66  GLY A CA  
309 C C   . GLY A 39  ? 0.3510 0.4018 0.6029 -0.0463 0.0328  0.0539  66  GLY A C   
310 O O   . GLY A 39  ? 0.3825 0.4006 0.6056 -0.0485 0.0294  0.0490  66  GLY A O   
311 N N   . ASN A 40  ? 0.3246 0.4048 0.5815 -0.0374 0.0162  0.0504  67  ASN A N   
312 C CA  . ASN A 40  ? 0.3818 0.4570 0.6081 -0.0307 -0.0049 0.0408  67  ASN A CA  
313 C C   . ASN A 40  ? 0.4131 0.4935 0.6539 -0.0440 -0.0230 0.0280  67  ASN A C   
314 O O   . ASN A 40  ? 0.3644 0.4640 0.6464 -0.0588 -0.0238 0.0252  67  ASN A O   
315 C CB  . ASN A 40  ? 0.2900 0.3913 0.5157 -0.0181 -0.0143 0.0424  67  ASN A CB  
316 C CG  . ASN A 40  ? 0.2813 0.4222 0.5458 -0.0219 -0.0298 0.0394  67  ASN A CG  
317 O OD1 . ASN A 40  ? 0.3480 0.4982 0.6110 -0.0258 -0.0506 0.0288  67  ASN A OD1 
318 N ND2 . ASN A 40  ? 0.2592 0.4259 0.5573 -0.0186 -0.0206 0.0480  67  ASN A ND2 
319 N N   . ILE A 41  ? 0.3205 0.3848 0.5275 -0.0391 -0.0374 0.0187  68  ILE A N   
320 C CA  . ILE A 41  ? 0.3771 0.4412 0.5890 -0.0497 -0.0554 0.0042  68  ILE A CA  
321 C C   . ILE A 41  ? 0.3237 0.4159 0.5310 -0.0430 -0.0781 -0.0038 68  ILE A C   
322 O O   . ILE A 41  ? 0.4466 0.5402 0.6516 -0.0493 -0.0951 -0.0175 68  ILE A O   
323 C CB  . ILE A 41  ? 0.4494 0.4689 0.6253 -0.0491 -0.0528 -0.0014 68  ILE A CB  
324 C CG1 . ILE A 41  ? 0.4082 0.4169 0.5403 -0.0300 -0.0554 -0.0007 68  ILE A CG1 
325 C CG2 . ILE A 41  ? 0.5061 0.4939 0.6852 -0.0567 -0.0298 0.0075  68  ILE A CG2 
326 C CD1 . ILE A 41  ? 0.5039 0.4756 0.6005 -0.0246 -0.0573 -0.0081 68  ILE A CD1 
327 N N   . GLY A 42  ? 0.3653 0.4769 0.5688 -0.0301 -0.0777 0.0045  69  GLY A N   
328 C CA  . GLY A 42  ? 0.3919 0.5254 0.5858 -0.0222 -0.0962 -0.0002 69  GLY A CA  
329 C C   . GLY A 42  ? 0.3495 0.4872 0.5276 -0.0075 -0.0883 0.0109  69  GLY A C   
330 O O   . GLY A 42  ? 0.3065 0.4280 0.4755 -0.0033 -0.0702 0.0190  69  GLY A O   
331 N N   . GLN A 43  ? 0.3345 0.4925 0.5075 0.0003  -0.1015 0.0108  70  GLN A N   
332 C CA  . GLN A 43  ? 0.3463 0.5034 0.5003 0.0132  -0.0942 0.0203  70  GLN A CA  
333 C C   . GLN A 43  ? 0.3758 0.5237 0.4919 0.0179  -0.1022 0.0132  70  GLN A C   
334 O O   . GLN A 43  ? 0.3860 0.5367 0.4932 0.0144  -0.1175 0.0020  70  GLN A O   
335 C CB  . GLN A 43  ? 0.3788 0.5639 0.5558 0.0215  -0.0988 0.0298  70  GLN A CB  
336 C CG  . GLN A 43  ? 0.5788 0.7784 0.7968 0.0191  -0.0883 0.0374  70  GLN A CG  
337 C CD  . GLN A 43  ? 0.6608 0.8876 0.8988 0.0327  -0.0909 0.0482  70  GLN A CD  
338 O OE1 . GLN A 43  ? 0.7025 0.9304 0.9180 0.0449  -0.0984 0.0523  70  GLN A OE1 
339 N NE2 . GLN A 43  ? 0.7199 0.9684 0.9999 0.0318  -0.0837 0.0536  70  GLN A NE2 
340 N N   . VAL A 44  ? 0.3361 0.4726 0.4295 0.0249  -0.0902 0.0189  71  VAL A N   
341 C CA  . VAL A 44  ? 0.3206 0.4511 0.3806 0.0284  -0.0936 0.0129  71  VAL A CA  
342 C C   . VAL A 44  ? 0.3403 0.4696 0.3884 0.0362  -0.0842 0.0235  71  VAL A C   
343 O O   . VAL A 44  ? 0.3316 0.4528 0.3865 0.0381  -0.0688 0.0319  71  VAL A O   
344 C CB  . VAL A 44  ? 0.3456 0.4586 0.3859 0.0254  -0.0868 0.0040  71  VAL A CB  
345 C CG1 . VAL A 44  ? 0.3751 0.4759 0.4151 0.0261  -0.0686 0.0098  71  VAL A CG1 
346 C CG2 . VAL A 44  ? 0.4297 0.5428 0.4409 0.0283  -0.0905 -0.0040 71  VAL A CG2 
347 N N   . ARG A 45  ? 0.3291 0.4638 0.3579 0.0411  -0.0924 0.0235  72  ARG A N   
348 C CA  . ARG A 45  ? 0.2952 0.4229 0.3074 0.0487  -0.0824 0.0345  72  ARG A CA  
349 C C   . ARG A 45  ? 0.3200 0.4401 0.2988 0.0469  -0.0803 0.0277  72  ARG A C   
350 O O   . ARG A 45  ? 0.3553 0.4825 0.3238 0.0460  -0.0935 0.0189  72  ARG A O   
351 C CB  . ARG A 45  ? 0.3626 0.5054 0.3832 0.0599  -0.0934 0.0455  72  ARG A CB  
352 C CG  . ARG A 45  ? 0.4838 0.6448 0.5448 0.0612  -0.0988 0.0497  72  ARG A CG  
353 C CD  . ARG A 45  ? 0.6631 0.8334 0.7325 0.0767  -0.0986 0.0652  72  ARG A CD  
354 N NE  . ARG A 45  ? 0.8505 1.0367 0.9609 0.0780  -0.0957 0.0698  72  ARG A NE  
355 C CZ  . ARG A 45  ? 0.9132 1.0989 1.0351 0.0910  -0.0847 0.0837  72  ARG A CZ  
356 N NH1 . ARG A 45  ? 0.9573 1.1226 1.0506 0.1038  -0.0751 0.0953  72  ARG A NH1 
357 N NH2 . ARG A 45  ? 0.9177 1.1197 1.0779 0.0910  -0.0807 0.0854  72  ARG A NH2 
358 N N   . THR A 46  ? 0.3224 0.4268 0.2859 0.0443  -0.0620 0.0298  73  THR A N   
359 C CA  . THR A 46  ? 0.2903 0.3903 0.2258 0.0407  -0.0561 0.0234  73  THR A CA  
360 C C   . THR A 46  ? 0.3988 0.4804 0.3178 0.0420  -0.0378 0.0347  73  THR A C   
361 O O   . THR A 46  ? 0.3658 0.4350 0.2947 0.0447  -0.0275 0.0445  73  THR A O   
362 C CB  . THR A 46  ? 0.3369 0.4387 0.2714 0.0319  -0.0510 0.0083  73  THR A CB  
363 O OG1 . THR A 46  ? 0.3639 0.4551 0.3061 0.0271  -0.0357 0.0094  73  THR A OG1 
364 C CG2 . THR A 46  ? 0.3225 0.4339 0.2701 0.0324  -0.0666 -0.0011 73  THR A CG2 
365 N N   . SER A 47  ? 0.3808 0.4583 0.2731 0.0401  -0.0320 0.0334  74  SER A N   
366 C CA  . SER A 47  ? 0.3673 0.4220 0.2391 0.0413  -0.0137 0.0460  74  SER A CA  
367 C C   . SER A 47  ? 0.4338 0.4854 0.2816 0.0314  -0.0009 0.0382  74  SER A C   
368 O O   . SER A 47  ? 0.4397 0.5084 0.2792 0.0311  -0.0110 0.0285  74  SER A O   
369 C CB  . SER A 47  ? 0.4088 0.4599 0.2696 0.0579  -0.0227 0.0632  74  SER A CB  
370 O OG  . SER A 47  ? 0.7465 0.7689 0.5827 0.0615  -0.0033 0.0776  74  SER A OG  
371 N N   . THR A 48  ? 0.4118 0.4404 0.2489 0.0226  0.0229  0.0421  75  THR A N   
372 C CA  . THR A 48  ? 0.4074 0.4307 0.2233 0.0107  0.0406  0.0367  75  THR A CA  
373 C C   . THR A 48  ? 0.4825 0.4676 0.2774 0.0093  0.0644  0.0525  75  THR A C   
374 O O   . THR A 48  ? 0.4431 0.4073 0.2473 0.0088  0.0738  0.0579  75  THR A O   
375 C CB  . THR A 48  ? 0.4122 0.4522 0.2444 -0.0068 0.0482  0.0156  75  THR A CB  
376 O OG1 . THR A 48  ? 0.4348 0.5029 0.2858 -0.0022 0.0271  0.0034  75  THR A OG1 
377 C CG2 . THR A 48  ? 0.4594 0.5060 0.2755 -0.0191 0.0636  0.0072  75  THR A CG2 
378 N N   A HIS A 49  ? 0.5284 0.5012 0.2924 0.0094  0.0755  0.0602  76  HIS A N   
379 N N   B HIS A 49  ? 0.5334 0.5062 0.2975 0.0095  0.0755  0.0601  76  HIS A N   
380 C CA  A HIS A 49  ? 0.5362 0.4663 0.2748 0.0071  0.1019  0.0759  76  HIS A CA  
381 C CA  B HIS A 49  ? 0.5303 0.4603 0.2691 0.0073  0.1016  0.0760  76  HIS A CA  
382 C C   A HIS A 49  ? 0.5429 0.4597 0.2930 -0.0171 0.1264  0.0630  76  HIS A C   
383 C C   B HIS A 49  ? 0.5401 0.4567 0.2898 -0.0170 0.1265  0.0632  76  HIS A C   
384 O O   A HIS A 49  ? 0.5356 0.4813 0.3043 -0.0337 0.1263  0.0416  76  HIS A O   
385 O O   B HIS A 49  ? 0.5359 0.4813 0.3037 -0.0336 0.1266  0.0418  76  HIS A O   
386 C CB  A HIS A 49  ? 0.5993 0.5192 0.2995 0.0099  0.1114  0.0853  76  HIS A CB  
387 C CB  B HIS A 49  ? 0.6018 0.5211 0.3020 0.0110  0.1108  0.0862  76  HIS A CB  
388 C CG  A HIS A 49  ? 0.6604 0.5871 0.3413 0.0351  0.0890  0.0996  76  HIS A CG  
389 C CG  B HIS A 49  ? 0.5894 0.4635 0.2671 0.0055  0.1390  0.1002  76  HIS A CG  
390 N ND1 A HIS A 49  ? 0.7576 0.6570 0.4202 0.0549  0.0878  0.1224  76  HIS A ND1 
391 N ND1 B HIS A 49  ? 0.6170 0.4583 0.2815 0.0240  0.1391  0.1214  76  HIS A ND1 
392 C CD2 A HIS A 49  ? 0.6692 0.6287 0.3478 0.0434  0.0654  0.0921  76  HIS A CD2 
393 C CD2 B HIS A 49  ? 0.6259 0.4881 0.3055 -0.0166 0.1628  0.0920  76  HIS A CD2 
394 C CE1 A HIS A 49  ? 0.7461 0.6662 0.4013 0.0725  0.0624  0.1263  76  HIS A CE1 
395 C CE1 B HIS A 49  ? 0.6396 0.4451 0.2930 0.0142  0.1632  0.1262  76  HIS A CE1 
396 N NE2 A HIS A 49  ? 0.7311 0.6850 0.3924 0.0657  0.0494  0.1086  76  HIS A NE2 
397 N NE2 B HIS A 49  ? 0.6636 0.4811 0.3266 -0.0113 0.1778  0.1088  76  HIS A NE2 
398 N N   . VAL A 50  ? 0.6334 0.5064 0.3718 -0.0184 0.1475  0.0753  77  VAL A N   
399 C CA  . VAL A 50  ? 0.5897 0.4457 0.3391 -0.0422 0.1703  0.0618  77  VAL A CA  
400 C C   . VAL A 50  ? 0.7062 0.5198 0.4379 -0.0457 0.1909  0.0725  77  VAL A C   
401 O O   . VAL A 50  ? 0.7082 0.4908 0.4197 -0.0257 0.1913  0.0942  77  VAL A O   
402 C CB  . VAL A 50  ? 0.6479 0.4976 0.4187 -0.0401 0.1667  0.0575  77  VAL A CB  
403 C CG1 . VAL A 50  ? 0.6586 0.4773 0.4189 -0.0150 0.1640  0.0816  77  VAL A CG1 
404 C CG2 . VAL A 50  ? 0.7426 0.5773 0.5250 -0.0644 0.1862  0.0400  77  VAL A CG2 
405 N N   . SER A 51  ? 0.7381 0.5516 0.4774 -0.0699 0.2071  0.0568  78  SER A N   
406 C CA  . SER A 51  ? 0.8370 0.6060 0.5594 -0.0766 0.2298  0.0640  78  SER A CA  
407 C C   . SER A 51  ? 0.8752 0.6226 0.6125 -0.0987 0.2469  0.0462  78  SER A C   
408 O O   . SER A 51  ? 0.8671 0.5726 0.5895 -0.1059 0.2680  0.0494  78  SER A O   
409 C CB  . SER A 51  ? 0.8077 0.5883 0.5181 -0.0848 0.2376  0.0640  78  SER A CB  
410 O OG  . SER A 51  ? 0.8010 0.6359 0.5279 -0.0903 0.2239  0.0494  78  SER A OG  
411 N N   . ASN A 52  ? 0.7723 0.5445 0.5351 -0.1089 0.2387  0.0269  79  ASN A N   
412 C CA  . ASN A 52  ? 0.8956 0.6506 0.6706 -0.1304 0.2528  0.0065  79  ASN A CA  
413 C C   . ASN A 52  ? 0.8522 0.6193 0.6434 -0.1263 0.2410  -0.0021 79  ASN A C   
414 O O   . ASN A 52  ? 0.8204 0.6312 0.6261 -0.1204 0.2215  -0.0062 79  ASN A O   
415 C CB  . ASN A 52  ? 0.9279 0.7141 0.7206 -0.1585 0.2586  -0.0187 79  ASN A CB  
416 C CG  . ASN A 52  ? 0.9151 0.6750 0.7124 -0.1828 0.2777  -0.0394 79  ASN A CG  
417 O OD1 . ASN A 52  ? 0.9020 0.6341 0.6967 -0.1806 0.2817  -0.0422 79  ASN A OD1 
418 N ND2 . ASN A 52  ? 0.9377 0.7073 0.7415 -0.2062 0.2905  -0.0554 79  ASN A ND2 
419 N N   . GLU A 53  ? 0.8479 0.5748 0.6346 -0.1289 0.2542  -0.0056 80  GLU A N   
420 C CA  . GLU A 53  ? 0.9702 0.7033 0.7690 -0.1244 0.2463  -0.0129 80  GLU A CA  
421 C C   . GLU A 53  ? 0.8966 0.6768 0.7190 -0.1452 0.2370  -0.0417 80  GLU A C   
422 O O   . GLU A 53  ? 0.8173 0.6228 0.6514 -0.1380 0.2229  -0.0460 80  GLU A O   
423 C CB  . GLU A 53  ? 1.1655 0.8440 0.9518 -0.1236 0.2654  -0.0134 80  GLU A CB  
424 C CG  . GLU A 53  ? 1.3183 0.9540 1.0838 -0.0959 0.2715  0.0150  80  GLU A CG  
425 C CD  . GLU A 53  ? 1.4660 1.0519 1.2205 -0.0925 0.2903  0.0122  80  GLU A CD  
426 O OE1 . GLU A 53  ? 1.4720 1.0600 1.2357 -0.1076 0.2945  -0.0095 80  GLU A OE1 
427 O OE2 . GLU A 53  ? 1.5384 1.0844 1.2734 -0.0740 0.3014  0.0309  80  GLU A OE2 
428 N N   . LYS A 54  ? 0.8549 0.6495 0.6846 -0.1698 0.2445  -0.0618 81  LYS A N   
429 C CA  . LYS A 54  ? 0.8016 0.6462 0.6548 -0.1883 0.2344  -0.0908 81  LYS A CA  
430 C C   . LYS A 54  ? 0.7772 0.6784 0.6457 -0.1750 0.2091  -0.0892 81  LYS A C   
431 O O   . LYS A 54  ? 0.8355 0.7801 0.7226 -0.1822 0.1962  -0.1104 81  LYS A O   
432 C CB  . LYS A 54  ? 0.8221 0.6766 0.6820 -0.2149 0.2467  -0.1114 81  LYS A CB  
433 C CG  . LYS A 54  ? 0.8613 0.7514 0.7283 -0.2138 0.2396  -0.1069 81  LYS A CG  
434 C CD  . LYS A 54  ? 0.9031 0.8152 0.7835 -0.2412 0.2500  -0.1322 81  LYS A CD  
435 C CE  . LYS A 54  ? 0.8895 0.8636 0.7899 -0.2399 0.2337  -0.1395 81  LYS A CE  
436 N NZ  . LYS A 54  ? 0.9064 0.8729 0.7927 -0.2231 0.2338  -0.1136 81  LYS A NZ  
437 N N   . ASP A 55  ? 0.6491 0.5507 0.5081 -0.1544 0.2013  -0.0658 82  ASP A N   
438 C CA  . ASP A 55  ? 0.5744 0.5247 0.4438 -0.1411 0.1790  -0.0654 82  ASP A CA  
439 C C   . ASP A 55  ? 0.5400 0.4903 0.4065 -0.1190 0.1653  -0.0528 82  ASP A C   
440 O O   . ASP A 55  ? 0.5257 0.5104 0.3997 -0.1054 0.1444  -0.0518 82  ASP A O   
441 C CB  . ASP A 55  ? 0.5872 0.5428 0.4461 -0.1347 0.1790  -0.0519 82  ASP A CB  
442 C CG  . ASP A 55  ? 0.7182 0.6733 0.5795 -0.1558 0.1946  -0.0627 82  ASP A CG  
443 O OD1 . ASP A 55  ? 0.7336 0.7216 0.6161 -0.1735 0.1925  -0.0876 82  ASP A OD1 
444 O OD2 . ASP A 55  ? 0.6999 0.6232 0.5415 -0.1538 0.2087  -0.0465 82  ASP A OD2 
445 N N   . PHE A 56  ? 0.6057 0.5170 0.4640 -0.1131 0.1746  -0.0434 83  PHE A N   
446 C CA  . PHE A 56  ? 0.5708 0.4822 0.4339 -0.0879 0.1565  -0.0292 83  PHE A CA  
447 C C   . PHE A 56  ? 0.5613 0.5182 0.4435 -0.0829 0.1329  -0.0430 83  PHE A C   
448 O O   . PHE A 56  ? 0.4928 0.4694 0.3811 -0.0658 0.1133  -0.0336 83  PHE A O   
449 C CB  . PHE A 56  ? 0.5590 0.4278 0.4158 -0.0836 0.1704  -0.0227 83  PHE A CB  
450 C CG  . PHE A 56  ? 0.6561 0.4765 0.4928 -0.0739 0.1872  0.0004  83  PHE A CG  
451 C CD1 . PHE A 56  ? 0.6635 0.4788 0.4856 -0.0709 0.1901  0.0144  83  PHE A CD1 
452 C CD2 . PHE A 56  ? 0.7210 0.4998 0.5506 -0.0654 0.2008  0.0089  83  PHE A CD2 
453 C CE1 . PHE A 56  ? 0.7596 0.5309 0.5615 -0.0574 0.2020  0.0363  83  PHE A CE1 
454 C CE2 . PHE A 56  ? 0.7815 0.5162 0.5929 -0.0516 0.2141  0.0305  83  PHE A CE2 
455 C CZ  . PHE A 56  ? 0.7489 0.4813 0.5472 -0.0465 0.2124  0.0439  83  PHE A CZ  
456 N N   A GLN A 57  ? 0.5839 0.5574 0.4740 -0.0979 0.1346  -0.0660 84  GLN A N   
457 N N   B GLN A 57  ? 0.5966 0.5677 0.4863 -0.0968 0.1346  -0.0651 84  GLN A N   
458 C CA  A GLN A 57  ? 0.5823 0.5937 0.4850 -0.0903 0.1134  -0.0777 84  GLN A CA  
459 C CA  B GLN A 57  ? 0.5805 0.5868 0.4826 -0.0875 0.1134  -0.0748 84  GLN A CA  
460 C C   A GLN A 57  ? 0.5159 0.5683 0.4265 -0.0869 0.0976  -0.0824 84  GLN A C   
461 C C   B GLN A 57  ? 0.5153 0.5650 0.4260 -0.0858 0.0973  -0.0824 84  GLN A C   
462 O O   A GLN A 57  ? 0.4608 0.5310 0.3767 -0.0702 0.0784  -0.0775 84  GLN A O   
463 O O   B GLN A 57  ? 0.4627 0.5332 0.3794 -0.0703 0.0779  -0.0802 84  GLN A O   
464 C CB  A GLN A 57  ? 0.6023 0.6229 0.5080 -0.1057 0.1184  -0.1020 84  GLN A CB  
465 C CB  B GLN A 57  ? 0.5810 0.5912 0.4845 -0.0996 0.1178  -0.0962 84  GLN A CB  
466 C CG  A GLN A 57  ? 0.5745 0.6284 0.4889 -0.0947 0.0966  -0.1114 84  GLN A CG  
467 C CG  B GLN A 57  ? 0.6187 0.6337 0.5234 -0.0835 0.1048  -0.0949 84  GLN A CG  
468 C CD  A GLN A 57  ? 0.6532 0.7186 0.5749 -0.1073 0.0956  -0.1308 84  GLN A CD  
469 C CD  B GLN A 57  ? 0.6175 0.5922 0.5163 -0.0714 0.1141  -0.0761 84  GLN A CD  
470 O OE1 A GLN A 57  ? 0.7147 0.7604 0.6328 -0.1269 0.1137  -0.1408 84  GLN A OE1 
471 O OE1 B GLN A 57  ? 0.7104 0.6545 0.6039 -0.0704 0.1271  -0.0613 84  GLN A OE1 
472 N NE2 A GLN A 57  ? 0.6452 0.7411 0.5761 -0.0954 0.0756  -0.1349 84  GLN A NE2 
473 N NE2 B GLN A 57  ? 0.7527 0.7276 0.6511 -0.0606 0.1086  -0.0763 84  GLN A NE2 
474 N N   A LYS A 58  ? 0.4780 0.5434 0.3888 -0.1027 0.1075  -0.0921 85  LYS A N   
475 N N   B LYS A 58  ? 0.4992 0.5606 0.4097 -0.1010 0.1069  -0.0908 85  LYS A N   
476 C CA  A LYS A 58  ? 0.4501 0.5521 0.3692 -0.0975 0.0935  -0.0956 85  LYS A CA  
477 C CA  B LYS A 58  ? 0.4443 0.5429 0.3625 -0.0960 0.0929  -0.0947 85  LYS A CA  
478 C C   A LYS A 58  ? 0.4103 0.5029 0.3186 -0.0798 0.0853  -0.0753 85  LYS A C   
479 C C   B LYS A 58  ? 0.4007 0.4907 0.3101 -0.0772 0.0830  -0.0743 85  LYS A C   
480 O O   A LYS A 58  ? 0.3909 0.5106 0.3034 -0.0686 0.0686  -0.0775 85  LYS A O   
481 O O   B LYS A 58  ? 0.3353 0.4492 0.2500 -0.0636 0.0638  -0.0752 85  LYS A O   
482 C CB  A LYS A 58  ? 0.4766 0.5890 0.4019 -0.1173 0.1062  -0.1062 85  LYS A CB  
483 C CB  B LYS A 58  ? 0.4921 0.6002 0.4157 -0.1151 0.1056  -0.1043 85  LYS A CB  
484 C CG  A LYS A 58  ? 0.4964 0.6320 0.4397 -0.1359 0.1079  -0.1304 85  LYS A CG  
485 C CG  B LYS A 58  ? 0.4698 0.6168 0.4042 -0.1095 0.0925  -0.1093 85  LYS A CG  
486 C CD  A LYS A 58  ? 0.5611 0.6907 0.5066 -0.1620 0.1290  -0.1410 85  LYS A CD  
487 C CD  B LYS A 58  ? 0.5674 0.7283 0.5105 -0.1306 0.1064  -0.1221 85  LYS A CD  
488 C CE  A LYS A 58  ? 0.5728 0.7325 0.5262 -0.1624 0.1261  -0.1432 85  LYS A CE  
489 C CE  B LYS A 58  ? 0.5920 0.7954 0.5485 -0.1234 0.0936  -0.1290 85  LYS A CE  
490 N NZ  A LYS A 58  ? 0.5735 0.7335 0.5326 -0.1889 0.1449  -0.1582 85  LYS A NZ  
491 N NZ  B LYS A 58  ? 0.6328 0.8566 0.6010 -0.1443 0.1066  -0.1443 85  LYS A NZ  
492 N N   . LEU A 59  ? 0.4121 0.4657 0.3074 -0.0750 0.0947  -0.0554 86  LEU A N   
493 C CA  . LEU A 59  ? 0.4440 0.4916 0.3317 -0.0570 0.0829  -0.0365 86  LEU A CA  
494 C C   . LEU A 59  ? 0.4195 0.4681 0.3173 -0.0400 0.0648  -0.0290 86  LEU A C   
495 O O   . LEU A 59  ? 0.3843 0.4467 0.2848 -0.0272 0.0473  -0.0238 86  LEU A O   
496 C CB  . LEU A 59  ? 0.4188 0.4282 0.2868 -0.0565 0.0996  -0.0178 86  LEU A CB  
497 C CG  . LEU A 59  ? 0.4861 0.4952 0.3402 -0.0710 0.1167  -0.0215 86  LEU A CG  
498 C CD1 . LEU A 59  ? 0.4725 0.4366 0.3017 -0.0690 0.1355  -0.0011 86  LEU A CD1 
499 C CD2 . LEU A 59  ? 0.4913 0.5330 0.3438 -0.0639 0.1022  -0.0250 86  LEU A CD2 
500 N N   . CYS A 60  ? 0.3700 0.4037 0.2737 -0.0408 0.0701  -0.0295 87  CYS A N   
501 C CA  . CYS A 60  ? 0.3629 0.4017 0.2781 -0.0271 0.0555  -0.0247 87  CYS A CA  
502 C C   . CYS A 60  ? 0.4074 0.4785 0.3302 -0.0244 0.0387  -0.0380 87  CYS A C   
503 O O   . CYS A 60  ? 0.3149 0.3938 0.2437 -0.0124 0.0233  -0.0320 87  CYS A O   
504 C CB  . CYS A 60  ? 0.3934 0.4115 0.3105 -0.0287 0.0667  -0.0249 87  CYS A CB  
505 S SG  . CYS A 60  ? 0.3844 0.4060 0.3153 -0.0131 0.0540  -0.0176 87  CYS A SG  
506 N N   . ASP A 61  ? 0.4140 0.5048 0.3368 -0.0351 0.0416  -0.0567 88  ASP A N   
507 C CA  . ASP A 61  ? 0.3461 0.4675 0.2741 -0.0287 0.0256  -0.0686 88  ASP A CA  
508 C C   . ASP A 61  ? 0.3584 0.4927 0.2848 -0.0214 0.0149  -0.0655 88  ASP A C   
509 O O   . ASP A 61  ? 0.3040 0.4455 0.2356 -0.0091 -0.0004 -0.0643 88  ASP A O   
510 C CB  . ASP A 61  ? 0.3939 0.5358 0.3302 -0.0390 0.0283  -0.0861 88  ASP A CB  
511 C CG  . ASP A 61  ? 0.6196 0.7559 0.5576 -0.0397 0.0292  -0.0914 88  ASP A CG  
512 O OD1 . ASP A 61  ? 0.6184 0.7440 0.5514 -0.0276 0.0230  -0.0842 88  ASP A OD1 
513 O OD2 . ASP A 61  ? 0.6423 0.7857 0.5860 -0.0530 0.0365  -0.1035 88  ASP A OD2 
514 N N   . LYS A 62  ? 0.3219 0.4532 0.2410 -0.0283 0.0241  -0.0624 89  LYS A N   
515 C CA  . LYS A 62  ? 0.3017 0.4427 0.2146 -0.0207 0.0150  -0.0594 89  LYS A CA  
516 C C   . LYS A 62  ? 0.2693 0.3955 0.1821 -0.0073 0.0013  -0.0443 89  LYS A C   
517 O O   . LYS A 62  ? 0.3133 0.4500 0.2261 0.0021  -0.0138 -0.0469 89  LYS A O   
518 C CB  . LYS A 62  ? 0.3451 0.4797 0.2454 -0.0305 0.0305  -0.0560 89  LYS A CB  
519 C CG  . LYS A 62  ? 0.5424 0.6917 0.4339 -0.0248 0.0243  -0.0577 89  LYS A CG  
520 C CD  . LYS A 62  ? 0.6235 0.7722 0.5054 -0.0380 0.0443  -0.0594 89  LYS A CD  
521 C CE  . LYS A 62  ? 0.7271 0.8747 0.5910 -0.0302 0.0416  -0.0526 89  LYS A CE  
522 N NZ  . LYS A 62  ? 0.7816 0.9460 0.6580 -0.0174 0.0222  -0.0597 89  LYS A NZ  
523 N N   . ASN A 63  ? 0.2769 0.3793 0.1901 -0.0063 0.0071  -0.0296 90  ASN A N   
524 C CA  . ASN A 63  ? 0.2819 0.3762 0.2019 0.0052  -0.0055 -0.0168 90  ASN A CA  
525 C C   . ASN A 63  ? 0.2892 0.3914 0.2223 0.0103  -0.0175 -0.0224 90  ASN A C   
526 O O   . ASN A 63  ? 0.2787 0.3851 0.2168 0.0173  -0.0319 -0.0204 90  ASN A O   
527 C CB  . ASN A 63  ? 0.2624 0.3338 0.1854 0.0065  0.0050  -0.0023 90  ASN A CB  
528 C CG  . ASN A 63  ? 0.4051 0.4612 0.3115 0.0070  0.0149  0.0092  90  ASN A CG  
529 O OD1 . ASN A 63  ? 0.4920 0.5260 0.3965 0.0096  0.0261  0.0213  90  ASN A OD1 
530 N ND2 . ASN A 63  ? 0.3691 0.4347 0.2613 0.0065  0.0113  0.0064  90  ASN A ND2 
531 N N   . LEU A 64  ? 0.2705 0.3728 0.2074 0.0066  -0.0109 -0.0294 91  LEU A N   
532 C CA  . LEU A 64  ? 0.3201 0.4247 0.2641 0.0130  -0.0195 -0.0321 91  LEU A CA  
533 C C   . LEU A 64  ? 0.3118 0.4322 0.2516 0.0186  -0.0323 -0.0429 91  LEU A C   
534 O O   . LEU A 64  ? 0.2816 0.3953 0.2267 0.0255  -0.0414 -0.0400 91  LEU A O   
535 C CB  . LEU A 64  ? 0.3295 0.4308 0.2723 0.0095  -0.0097 -0.0378 91  LEU A CB  
536 C CG  . LEU A 64  ? 0.3137 0.4136 0.2575 0.0175  -0.0157 -0.0391 91  LEU A CG  
537 C CD1 . LEU A 64  ? 0.2381 0.3232 0.1936 0.0227  -0.0190 -0.0243 91  LEU A CD1 
538 C CD2 . LEU A 64  ? 0.3317 0.4289 0.2691 0.0142  -0.0056 -0.0456 91  LEU A CD2 
539 N N   . LYS A 65  ? 0.2838 0.4134 0.2231 0.0145  -0.0276 -0.0507 92  LYS A N   
540 C CA  . LYS A 65  ? 0.2426 0.3741 0.1881 0.0205  -0.0326 -0.0543 92  LYS A CA  
541 C C   . LYS A 65  ? 0.2930 0.4143 0.2361 0.0247  -0.0411 -0.0491 92  LYS A C   
542 O O   . LYS A 65  ? 0.2856 0.3988 0.2309 0.0307  -0.0472 -0.0498 92  LYS A O   
543 C CB  . LYS A 65  ? 0.2658 0.4156 0.2140 0.0158  -0.0257 -0.0628 92  LYS A CB  
544 C CG  . LYS A 65  ? 0.2531 0.4111 0.2076 0.0244  -0.0295 -0.0679 92  LYS A CG  
545 C CD  . LYS A 65  ? 0.3396 0.5243 0.3001 0.0194  -0.0227 -0.0773 92  LYS A CD  
546 C CE  . LYS A 65  ? 0.4220 0.6211 0.3899 0.0306  -0.0263 -0.0838 92  LYS A CE  
547 N NZ  . LYS A 65  ? 0.4939 0.7270 0.4715 0.0247  -0.0195 -0.0945 92  LYS A NZ  
548 N N   . GLU A 66  ? 0.2879 0.4092 0.2239 0.0216  -0.0420 -0.0441 93  GLU A N   
549 C CA  . GLU A 66  ? 0.2741 0.3872 0.2085 0.0246  -0.0515 -0.0399 93  GLU A CA  
550 C C   . GLU A 66  ? 0.2971 0.4009 0.2411 0.0268  -0.0604 -0.0342 93  GLU A C   
551 O O   . GLU A 66  ? 0.3471 0.4433 0.2939 0.0280  -0.0683 -0.0353 93  GLU A O   
552 C CB  . GLU A 66  ? 0.3222 0.4391 0.2440 0.0232  -0.0511 -0.0344 93  GLU A CB  
553 C CG  . GLU A 66  ? 0.4229 0.5330 0.3427 0.0263  -0.0624 -0.0297 93  GLU A CG  
554 C CD  . GLU A 66  ? 0.5167 0.6233 0.4323 0.0273  -0.0652 -0.0375 93  GLU A CD  
555 O OE1 . GLU A 66  ? 0.4721 0.5842 0.3866 0.0278  -0.0579 -0.0452 93  GLU A OE1 
556 O OE2 . GLU A 66  ? 0.5275 0.6287 0.4418 0.0280  -0.0750 -0.0365 93  GLU A OE2 
557 N N   . ALA A 67  ? 0.2946 0.4017 0.2438 0.0269  -0.0588 -0.0289 94  ALA A N   
558 C CA  . ALA A 67  ? 0.2797 0.3832 0.2427 0.0294  -0.0666 -0.0232 94  ALA A CA  
559 C C   . ALA A 67  ? 0.3381 0.4320 0.3018 0.0320  -0.0682 -0.0290 94  ALA A C   
560 O O   . ALA A 67  ? 0.3642 0.4518 0.3359 0.0329  -0.0770 -0.0284 94  ALA A O   
561 C CB  . ALA A 67  ? 0.2396 0.3371 0.2135 0.0274  -0.0551 -0.0120 94  ALA A CB  
562 N N   . ILE A 68  ? 0.3436 0.4375 0.2986 0.0339  -0.0604 -0.0348 95  ILE A N   
563 C CA  . ILE A 68  ? 0.3680 0.4526 0.3186 0.0405  -0.0624 -0.0388 95  ILE A CA  
564 C C   . ILE A 68  ? 0.3873 0.4653 0.3354 0.0427  -0.0678 -0.0439 95  ILE A C   
565 O O   . ILE A 68  ? 0.3751 0.4405 0.3202 0.0481  -0.0753 -0.0457 95  ILE A O   
566 C CB  . ILE A 68  ? 0.3156 0.4064 0.2604 0.0434  -0.0538 -0.0437 95  ILE A CB  
567 C CG1 . ILE A 68  ? 0.2444 0.3380 0.1868 0.0421  -0.0491 -0.0404 95  ILE A CG1 
568 C CG2 . ILE A 68  ? 0.3246 0.4079 0.2622 0.0542  -0.0564 -0.0480 95  ILE A CG2 
569 C CD1 . ILE A 68  ? 0.2668 0.3696 0.2056 0.0407  -0.0405 -0.0471 95  ILE A CD1 
570 N N   . LYS A 69  ? 0.3786 0.4639 0.3252 0.0397  -0.0651 -0.0467 96  LYS A N   
571 C CA  . LYS A 69  ? 0.3862 0.4667 0.3281 0.0431  -0.0699 -0.0523 96  LYS A CA  
572 C C   . LYS A 69  ? 0.4157 0.4865 0.3602 0.0399  -0.0806 -0.0511 96  LYS A C   
573 O O   . LYS A 69  ? 0.3844 0.4434 0.3244 0.0446  -0.0876 -0.0574 96  LYS A O   
574 C CB  . LYS A 69  ? 0.3394 0.4308 0.2778 0.0411  -0.0652 -0.0551 96  LYS A CB  
575 C CG  . LYS A 69  ? 0.4581 0.5460 0.3900 0.0461  -0.0698 -0.0620 96  LYS A CG  
576 C CD  . LYS A 69  ? 0.5825 0.6837 0.5096 0.0457  -0.0648 -0.0652 96  LYS A CD  
577 C CE  . LYS A 69  ? 0.6537 0.7541 0.5748 0.0384  -0.0669 -0.0598 96  LYS A CE  
578 N NZ  . LYS A 69  ? 0.6920 0.8033 0.6030 0.0394  -0.0624 -0.0637 96  LYS A NZ  
579 N N   . LEU A 70  ? 0.3276 0.4037 0.2796 0.0328  -0.0834 -0.0442 97  LEU A N   
580 C CA  . LEU A 70  ? 0.3034 0.3772 0.2639 0.0287  -0.0949 -0.0438 97  LEU A CA  
581 C C   . LEU A 70  ? 0.3701 0.4349 0.3417 0.0297  -0.1021 -0.0451 97  LEU A C   
582 O O   . LEU A 70  ? 0.3959 0.4508 0.3719 0.0273  -0.1130 -0.0521 97  LEU A O   
583 C CB  . LEU A 70  ? 0.3199 0.4057 0.2888 0.0240  -0.0968 -0.0348 97  LEU A CB  
584 C CG  . LEU A 70  ? 0.3636 0.4539 0.3186 0.0239  -0.0941 -0.0339 97  LEU A CG  
585 C CD1 . LEU A 70  ? 0.4503 0.5500 0.4100 0.0238  -0.0972 -0.0240 97  LEU A CD1 
586 C CD2 . LEU A 70  ? 0.4399 0.5261 0.3858 0.0234  -0.1004 -0.0419 97  LEU A CD2 
587 N N   . ALA A 71  ? 0.3444 0.4105 0.3205 0.0327  -0.0975 -0.0394 98  ALA A N   
588 C CA  . ALA A 71  ? 0.3349 0.3826 0.3227 0.0302  -0.0928 -0.0339 98  ALA A CA  
589 C C   . ALA A 71  ? 0.4244 0.4489 0.3952 0.0370  -0.0943 -0.0415 98  ALA A C   
590 O O   . ALA A 71  ? 0.4193 0.4226 0.3970 0.0319  -0.0952 -0.0417 98  ALA A O   
591 C CB  . ALA A 71  ? 0.3840 0.4319 0.3758 0.0312  -0.0785 -0.0232 98  ALA A CB  
592 N N   . ALA A 72  ? 0.3433 0.3715 0.2921 0.0488  -0.0939 -0.0480 99  ALA A N   
593 C CA  . ALA A 72  ? 0.3334 0.3401 0.2635 0.0603  -0.0958 -0.0547 99  ALA A CA  
594 C C   . ALA A 72  ? 0.4300 0.4237 0.3576 0.0578  -0.1061 -0.0652 99  ALA A C   
595 O O   . ALA A 72  ? 0.5394 0.5016 0.4588 0.0611  -0.1056 -0.0675 99  ALA A O   
596 C CB  . ALA A 72  ? 0.3847 0.4069 0.3001 0.0728  -0.0915 -0.0598 99  ALA A CB  
597 N N   . GLN A 73  ? 0.4614 0.4749 0.3943 0.0514  -0.1121 -0.0704 100 GLN A N   
598 C CA  . GLN A 73  ? 0.5034 0.5057 0.4329 0.0480  -0.1209 -0.0810 100 GLN A CA  
599 C C   . GLN A 73  ? 0.5682 0.5517 0.5143 0.0347  -0.1278 -0.0820 100 GLN A C   
600 O O   . GLN A 73  ? 0.5728 0.5320 0.5131 0.0320  -0.1331 -0.0927 100 GLN A O   
601 C CB  . GLN A 73  ? 0.5370 0.5625 0.4709 0.0416  -0.1161 -0.0783 100 GLN A CB  
602 C CG  . GLN A 73  ? 0.5843 0.6200 0.5070 0.0499  -0.1053 -0.0787 100 GLN A CG  
603 C CD  . GLN A 73  ? 0.7021 0.7549 0.6251 0.0433  -0.1009 -0.0743 100 GLN A CD  
604 O OE1 . GLN A 73  ? 0.6741 0.7317 0.6026 0.0345  -0.1065 -0.0705 100 GLN A OE1 
605 N NE2 . GLN A 73  ? 0.7150 0.7775 0.6320 0.0484  -0.0922 -0.0753 100 GLN A NE2 
606 N N   . HIS A 74  ? 0.4846 0.4783 0.4552 0.0246  -0.1224 -0.0695 101 HIS A N   
607 C CA  . HIS A 74  ? 0.5273 0.5094 0.5233 0.0088  -0.1222 -0.0673 101 HIS A CA  
608 C C   . HIS A 74  ? 0.5216 0.4724 0.5188 0.0084  -0.1068 -0.0579 101 HIS A C   
609 O O   . HIS A 74  ? 0.6192 0.5612 0.6406 -0.0063 -0.1018 -0.0540 101 HIS A O   
610 C CB  . HIS A 74  ? 0.4273 0.4422 0.4524 -0.0006 -0.1252 -0.0595 101 HIS A CB  
611 C CG  . HIS A 74  ? 0.4890 0.5287 0.5131 -0.0020 -0.1420 -0.0688 101 HIS A CG  
612 N ND1 . HIS A 74  ? 0.4888 0.5445 0.4928 0.0077  -0.1381 -0.0650 101 HIS A ND1 
613 C CD2 . HIS A 74  ? 0.5057 0.5544 0.5433 -0.0126 -0.1562 -0.0792 101 HIS A CD2 
614 C CE1 . HIS A 74  ? 0.4810 0.5496 0.4825 0.0038  -0.1420 -0.0669 101 HIS A CE1 
615 N NE2 . HIS A 74  ? 0.5368 0.6037 0.5563 -0.0070 -0.1534 -0.0757 101 HIS A NE2 
616 N N   . GLY A 75  ? 0.4995 0.4350 0.4708 0.0244  -0.0989 -0.0543 102 GLY A N   
617 C CA  . GLY A 75  ? 0.5432 0.4427 0.5052 0.0281  -0.0852 -0.0457 102 GLY A CA  
618 C C   . GLY A 75  ? 0.5499 0.4554 0.5196 0.0283  -0.0712 -0.0296 102 GLY A C   
619 O O   . GLY A 75  ? 0.5653 0.4398 0.5240 0.0320  -0.0582 -0.0206 102 GLY A O   
620 N N   . ALA A 76  ? 0.4127 0.3534 0.3974 0.0255  -0.0722 -0.0257 103 ALA A N   
621 C CA  . ALA A 76  ? 0.4224 0.3668 0.4136 0.0256  -0.0580 -0.0120 103 ALA A CA  
622 C C   . ALA A 76  ? 0.5101 0.4469 0.4698 0.0432  -0.0525 -0.0097 103 ALA A C   
623 O O   . ALA A 76  ? 0.5922 0.5403 0.5338 0.0544  -0.0614 -0.0188 103 ALA A O   
624 C CB  . ALA A 76  ? 0.3914 0.3712 0.4056 0.0193  -0.0599 -0.0090 103 ALA A CB  
625 N N   . HIS A 77  ? 0.4206 0.3405 0.3735 0.0462  -0.0378 0.0019  104 HIS A N   
626 C CA  . HIS A 77  ? 0.5163 0.4346 0.4396 0.0632  -0.0339 0.0038  104 HIS A CA  
627 C C   . HIS A 77  ? 0.4088 0.3500 0.3386 0.0611  -0.0268 0.0081  104 HIS A C   
628 O O   . HIS A 77  ? 0.4181 0.3600 0.3248 0.0729  -0.0228 0.0086  104 HIS A O   
629 C CB  . HIS A 77  ? 0.6232 0.5012 0.5224 0.0726  -0.0227 0.0132  104 HIS A CB  
630 C CG  . HIS A 77  ? 0.6857 0.5347 0.5694 0.0796  -0.0287 0.0082  104 HIS A CG  
631 N ND1 . HIS A 77  ? 0.6947 0.5268 0.5974 0.0644  -0.0300 0.0052  104 HIS A ND1 
632 C CD2 . HIS A 77  ? 0.7173 0.5517 0.5684 0.1010  -0.0342 0.0044  104 HIS A CD2 
633 C CE1 . HIS A 77  ? 0.7581 0.5608 0.6382 0.0754  -0.0343 -0.0004 104 HIS A CE1 
634 N NE2 . HIS A 77  ? 0.7414 0.5450 0.5901 0.0991  -0.0368 0.0000  104 HIS A NE2 
635 N N   . GLU A 78  ? 0.4111 0.3712 0.3702 0.0477  -0.0256 0.0101  105 GLU A N   
636 C CA  . GLU A 78  ? 0.3242 0.2987 0.2889 0.0462  -0.0160 0.0149  105 GLU A CA  
637 C C   . GLU A 78  ? 0.3110 0.3103 0.3028 0.0364  -0.0211 0.0135  105 GLU A C   
638 O O   . GLU A 78  ? 0.3790 0.3822 0.3930 0.0281  -0.0275 0.0137  105 GLU A O   
639 C CB  . GLU A 78  ? 0.3979 0.3538 0.3668 0.0440  0.0021  0.0279  105 GLU A CB  
640 C CG  . GLU A 78  ? 0.3795 0.3466 0.3532 0.0434  0.0141  0.0325  105 GLU A CG  
641 C CD  . GLU A 78  ? 0.5155 0.4667 0.4979 0.0403  0.0337  0.0455  105 GLU A CD  
642 O OE1 . GLU A 78  ? 0.6030 0.5361 0.5919 0.0356  0.0379  0.0510  105 GLU A OE1 
643 O OE2 . GLU A 78  ? 0.5197 0.4749 0.5017 0.0420  0.0463  0.0495  105 GLU A OE2 
644 N N   . ILE A 79  ? 0.3420 0.3565 0.3299 0.0379  -0.0184 0.0116  106 ILE A N   
645 C CA  . ILE A 79  ? 0.2962 0.3282 0.3047 0.0319  -0.0195 0.0137  106 ILE A CA  
646 C C   . ILE A 79  ? 0.3240 0.3549 0.3325 0.0329  -0.0042 0.0195  106 ILE A C   
647 O O   . ILE A 79  ? 0.3035 0.3278 0.2899 0.0375  0.0024  0.0156  106 ILE A O   
648 C CB  . ILE A 79  ? 0.3320 0.3794 0.3322 0.0321  -0.0314 0.0041  106 ILE A CB  
649 C CG1 . ILE A 79  ? 0.4162 0.4766 0.4325 0.0283  -0.0320 0.0091  106 ILE A CG1 
650 C CG2 . ILE A 79  ? 0.3935 0.4445 0.3698 0.0366  -0.0285 -0.0046 106 ILE A CG2 
651 C CD1 . ILE A 79  ? 0.4064 0.4781 0.4099 0.0284  -0.0392 0.0017  106 ILE A CD1 
652 N N   . LYS A 80  ? 0.3272 0.3647 0.3605 0.0298  0.0015  0.0282  107 LYS A N   
653 C CA  . LYS A 80  ? 0.2603 0.2956 0.2940 0.0321  0.0162  0.0328  107 LYS A CA  
654 C C   . LYS A 80  ? 0.1928 0.2402 0.2361 0.0320  0.0116  0.0342  107 LYS A C   
655 O O   . LYS A 80  ? 0.2930 0.3534 0.3576 0.0309  0.0018  0.0383  107 LYS A O   
656 C CB  . LYS A 80  ? 0.3081 0.3390 0.3619 0.0326  0.0308  0.0437  107 LYS A CB  
657 C CG  . LYS A 80  ? 0.3309 0.3466 0.3771 0.0320  0.0368  0.0459  107 LYS A CG  
658 C CD  . LYS A 80  ? 0.3206 0.3352 0.3920 0.0302  0.0535  0.0575  107 LYS A CD  
659 C CE  . LYS A 80  ? 0.3618 0.3570 0.4248 0.0281  0.0618  0.0616  107 LYS A CE  
660 N NZ  . LYS A 80  ? 0.3489 0.3459 0.4403 0.0240  0.0807  0.0726  107 LYS A NZ  
661 N N   . TYR A 81  ? 0.2072 0.2491 0.2335 0.0327  0.0184  0.0303  108 TYR A N   
662 C CA  . TYR A 81  ? 0.2769 0.3245 0.3032 0.0327  0.0141  0.0314  108 TYR A CA  
663 C C   . TYR A 81  ? 0.3290 0.3625 0.3476 0.0344  0.0304  0.0341  108 TYR A C   
664 O O   . TYR A 81  ? 0.3163 0.3370 0.3246 0.0338  0.0435  0.0305  108 TYR A O   
665 C CB  . TYR A 81  ? 0.3094 0.3628 0.3169 0.0287  0.0033  0.0200  108 TYR A CB  
666 C CG  . TYR A 81  ? 0.3354 0.3822 0.3212 0.0245  0.0123  0.0094  108 TYR A CG  
667 C CD1 . TYR A 81  ? 0.2921 0.3373 0.2661 0.0248  0.0138  0.0010  108 TYR A CD1 
668 C CD2 . TYR A 81  ? 0.3761 0.4181 0.3524 0.0202  0.0197  0.0075  108 TYR A CD2 
669 C CE1 . TYR A 81  ? 0.3448 0.3901 0.3012 0.0202  0.0199  -0.0115 108 TYR A CE1 
670 C CE2 . TYR A 81  ? 0.4033 0.4415 0.3635 0.0129  0.0284  -0.0048 108 TYR A CE2 
671 C CZ  . TYR A 81  ? 0.4374 0.4802 0.3893 0.0128  0.0274  -0.0154 108 TYR A CZ  
672 O OH  . TYR A 81  ? 0.4706 0.5158 0.4086 0.0047  0.0337  -0.0304 108 TYR A OH  
673 N N   . ILE A 82  ? 0.2524 0.2854 0.2723 0.0372  0.0299  0.0402  109 ILE A N   
674 C CA  . ILE A 82  ? 0.2298 0.2429 0.2369 0.0381  0.0459  0.0422  109 ILE A CA  
675 C C   . ILE A 82  ? 0.2936 0.3054 0.2871 0.0361  0.0412  0.0426  109 ILE A C   
676 O O   . ILE A 82  ? 0.3346 0.3617 0.3351 0.0401  0.0266  0.0477  109 ILE A O   
677 C CB  . ILE A 82  ? 0.3937 0.4002 0.4184 0.0494  0.0565  0.0559  109 ILE A CB  
678 C CG1 . ILE A 82  ? 0.3775 0.3555 0.3856 0.0516  0.0754  0.0577  109 ILE A CG1 
679 C CG2 . ILE A 82  ? 0.4053 0.4314 0.4512 0.0585  0.0428  0.0676  109 ILE A CG2 
680 C CD1 . ILE A 82  ? 0.5138 0.4836 0.5376 0.0649  0.0888  0.0691  109 ILE A CD1 
681 N N   . CYS A 83  ? 0.2894 0.2829 0.2620 0.0284  0.0541  0.0358  110 CYS A N   
682 C CA  . CYS A 83  ? 0.2987 0.2844 0.2557 0.0257  0.0561  0.0382  110 CYS A CA  
683 C C   . CYS A 83  ? 0.3968 0.3564 0.3495 0.0354  0.0703  0.0530  110 CYS A C   
684 O O   . CYS A 83  ? 0.4135 0.3532 0.3670 0.0375  0.0856  0.0540  110 CYS A O   
685 C CB  . CYS A 83  ? 0.3533 0.3347 0.2926 0.0097  0.0643  0.0218  110 CYS A CB  
686 S SG  . CYS A 83  ? 0.3758 0.3911 0.3162 0.0039  0.0450  0.0078  110 CYS A SG  
687 N N   . LEU A 84  ? 0.3219 0.2800 0.2672 0.0431  0.0655  0.0646  111 LEU A N   
688 C CA  . LEU A 84  ? 0.3847 0.3164 0.3216 0.0566  0.0776  0.0813  111 LEU A CA  
689 C C   . LEU A 84  ? 0.4389 0.3430 0.3453 0.0483  0.0916  0.0816  111 LEU A C   
690 O O   . LEU A 84  ? 0.4586 0.3753 0.3540 0.0415  0.0834  0.0777  111 LEU A O   
691 C CB  . LEU A 84  ? 0.4370 0.3894 0.3885 0.0759  0.0604  0.0969  111 LEU A CB  
692 C CG  . LEU A 84  ? 0.4295 0.4134 0.4154 0.0810  0.0466  0.0959  111 LEU A CG  
693 C CD1 . LEU A 84  ? 0.5996 0.6106 0.6010 0.0963  0.0268  0.1072  111 LEU A CD1 
694 C CD2 . LEU A 84  ? 0.4633 0.4317 0.4611 0.0873  0.0637  0.0997  111 LEU A CD2 
695 N N   . TYR A 85  ? 0.5623 0.4274 0.4549 0.0477  0.1145  0.0852  112 TYR A N   
696 C CA  . TYR A 85  ? 0.5720 0.4059 0.4364 0.0348  0.1325  0.0832  112 TYR A CA  
697 C C   . TYR A 85  ? 0.6419 0.4392 0.4850 0.0525  0.1444  0.1059  112 TYR A C   
698 O O   . TYR A 85  ? 0.6253 0.4123 0.4761 0.0733  0.1457  0.1196  112 TYR A O   
699 C CB  . TYR A 85  ? 0.5478 0.3595 0.4081 0.0148  0.1525  0.0653  112 TYR A CB  
700 C CG  . TYR A 85  ? 0.5948 0.4430 0.4709 -0.0002 0.1402  0.0436  112 TYR A CG  
701 C CD1 . TYR A 85  ? 0.6416 0.5104 0.5137 -0.0180 0.1362  0.0288  112 TYR A CD1 
702 C CD2 . TYR A 85  ? 0.6031 0.4664 0.4975 0.0057  0.1328  0.0388  112 TYR A CD2 
703 C CE1 . TYR A 85  ? 0.5591 0.4624 0.4447 -0.0274 0.1236  0.0098  112 TYR A CE1 
704 C CE2 . TYR A 85  ? 0.5924 0.4858 0.4966 -0.0047 0.1213  0.0212  112 TYR A CE2 
705 C CZ  . TYR A 85  ? 0.6277 0.5412 0.5273 -0.0200 0.1159  0.0068  112 TYR A CZ  
706 O OH  . TYR A 85  ? 0.5376 0.4814 0.4457 -0.0260 0.1037  -0.0096 112 TYR A OH  
707 N N   . PRO A 86  ? 0.6783 0.4553 0.4934 0.0468  0.1539  0.1113  113 PRO A N   
708 C CA  . PRO A 86  ? 0.7611 0.5003 0.5513 0.0665  0.1649  0.1343  113 PRO A CA  
709 C C   . PRO A 86  ? 0.8038 0.5038 0.5943 0.0696  0.1849  0.1324  113 PRO A C   
710 O O   . PRO A 86  ? 0.8154 0.4979 0.6069 0.0486  0.2009  0.1147  113 PRO A O   
711 C CB  . PRO A 86  ? 0.7694 0.4977 0.5343 0.0519  0.1727  0.1314  113 PRO A CB  
712 C CG  . PRO A 86  ? 0.7859 0.5295 0.5582 0.0213  0.1788  0.1082  113 PRO A CG  
713 C CD  . PRO A 86  ? 0.6594 0.4483 0.4648 0.0234  0.1560  0.0967  113 PRO A CD  
714 N N   . GLU A 87  ? 0.8032 0.4939 0.5933 0.0969  0.1827  0.1490  114 GLU A N   
715 C CA  . GLU A 87  ? 0.8988 0.5526 0.6851 0.1056  0.2021  0.1497  114 GLU A CA  
716 C C   . GLU A 87  ? 1.0162 0.6288 0.7709 0.1069  0.2188  0.1561  114 GLU A C   
717 O O   . GLU A 87  ? 1.0757 0.6915 0.8176 0.1263  0.2101  0.1731  114 GLU A O   
718 C CB  . GLU A 87  ? 0.8390 0.5136 0.6463 0.1351  0.1904  0.1630  114 GLU A CB  
719 C CG  . GLU A 87  ? 0.8731 0.5908 0.7144 0.1354  0.1733  0.1585  114 GLU A CG  
720 C CD  . GLU A 87  ? 0.8677 0.5828 0.7291 0.1455  0.1824  0.1562  114 GLU A CD  
721 O OE1 . GLU A 87  ? 0.8089 0.5443 0.6927 0.1384  0.1784  0.1474  114 GLU A OE1 
722 O OE2 . GLU A 87  ? 1.0100 0.7016 0.8625 0.1610  0.1949  0.1636  114 GLU A OE2 
723 N N   . GLY A 88  ? 0.9230 0.4970 0.6644 0.0862  0.2427  0.1418  115 GLY A N   
724 C CA  . GLY A 88  ? 1.0286 0.5572 0.7404 0.0876  0.2626  0.1476  115 GLY A CA  
725 C C   . GLY A 88  ? 1.0451 0.5671 0.7409 0.0639  0.2685  0.1409  115 GLY A C   
726 O O   . GLY A 88  ? 0.9652 0.5078 0.6729 0.0375  0.2659  0.1229  115 GLY A O   
727 N N   . GLN A 89  ? 1.2200 0.7150 0.8884 0.0733  0.2773  0.1549  116 GLN A N   
728 C CA  . GLN A 89  ? 1.2255 0.7126 0.8778 0.0512  0.2859  0.1497  116 GLN A CA  
729 C C   . GLN A 89  ? 1.0990 0.6357 0.7594 0.0490  0.2621  0.1523  116 GLN A C   
730 O O   . GLN A 89  ? 1.0205 0.5818 0.6811 0.0738  0.2416  0.1684  116 GLN A O   
731 C CB  . GLN A 89  ? 1.3316 0.7733 0.9493 0.0640  0.3032  0.1660  116 GLN A CB  
732 C CG  . GLN A 89  ? 1.4146 0.8688 1.0180 0.0978  0.2861  0.1915  116 GLN A CG  
733 C CD  . GLN A 89  ? 1.5933 1.0034 1.1583 0.1078  0.3037  0.2069  116 GLN A CD  
734 O OE1 . GLN A 89  ? 1.6724 1.0333 1.2209 0.1115  0.3272  0.2090  116 GLN A OE1 
735 N NE2 . GLN A 89  ? 1.5927 1.0184 1.1410 0.1122  0.2934  0.2176  116 GLN A NE2 
736 N N   . ILE A 90  ? 1.0778 0.6323 0.7462 0.0192  0.2647  0.1345  117 ILE A N   
737 C CA  . ILE A 90  ? 0.9705 0.5721 0.6452 0.0145  0.2452  0.1337  117 ILE A CA  
738 C C   . ILE A 90  ? 1.0396 0.6315 0.6855 0.0210  0.2485  0.1480  117 ILE A C   
739 O O   . ILE A 90  ? 1.0581 0.6143 0.6863 0.0094  0.2709  0.1470  117 ILE A O   
740 C CB  . ILE A 90  ? 0.9048 0.5334 0.6005 -0.0184 0.2476  0.1077  117 ILE A CB  
741 C CG1 . ILE A 90  ? 0.8929 0.5345 0.6142 -0.0223 0.2419  0.0943  117 ILE A CG1 
742 C CG2 . ILE A 90  ? 0.8253 0.5005 0.5239 -0.0231 0.2314  0.1059  117 ILE A CG2 
743 C CD1 . ILE A 90  ? 0.8737 0.5493 0.6163 -0.0512 0.2399  0.0681  117 ILE A CD1 
744 N N   . ASN A 91  ? 0.9976 0.6202 0.6374 0.0398  0.2263  0.1608  118 ASN A N   
745 C CA  . ASN A 91  ? 1.0993 0.7163 0.7091 0.0476  0.2270  0.1739  118 ASN A CA  
746 C C   . ASN A 91  ? 1.0135 0.6811 0.6272 0.0461  0.2051  0.1698  118 ASN A C   
747 O O   . ASN A 91  ? 0.8688 0.5720 0.5076 0.0353  0.1934  0.1554  118 ASN A O   
748 C CB  . ASN A 91  ? 1.1879 0.7795 0.7750 0.0810  0.2237  0.1971  118 ASN A CB  
749 C CG  . ASN A 91  ? 1.1943 0.8197 0.7975 0.1072  0.1951  0.2048  118 ASN A CG  
750 O OD1 . ASN A 91  ? 1.0464 0.7157 0.6695 0.1035  0.1746  0.1965  118 ASN A OD1 
751 N ND2 . ASN A 91  ? 1.2842 0.8908 0.8798 0.1343  0.1940  0.2202  118 ASN A ND2 
752 N N   . GLU A 92  ? 0.9801 0.6496 0.5662 0.0583  0.1998  0.1821  119 GLU A N   
753 C CA  . GLU A 92  ? 0.9438 0.6566 0.5269 0.0569  0.1816  0.1768  119 GLU A CA  
754 C C   . GLU A 92  ? 0.9156 0.6667 0.5126 0.0768  0.1492  0.1782  119 GLU A C   
755 O O   . GLU A 92  ? 0.8557 0.6435 0.4516 0.0765  0.1317  0.1709  119 GLU A O   
756 C CB  . GLU A 92  ? 0.9156 0.6154 0.4621 0.0646  0.1871  0.1890  119 GLU A CB  
757 C CG  . GLU A 92  ? 1.0198 0.7040 0.5427 0.0977  0.1750  0.2104  119 GLU A CG  
758 C CD  . GLU A 92  ? 0.9697 0.6005 0.4795 0.1065  0.1966  0.2237  119 GLU A CD  
759 O OE1 . GLU A 92  ? 0.9931 0.5990 0.5177 0.0886  0.2174  0.2152  119 GLU A OE1 
760 O OE2 . GLU A 92  ? 1.0515 0.6662 0.5358 0.1325  0.1919  0.2415  119 GLU A OE2 
761 N N   . LEU A 93  ? 0.8763 0.6219 0.4887 0.0936  0.1410  0.1855  120 LEU A N   
762 C CA  . LEU A 93  ? 0.8627 0.6480 0.4972 0.1091  0.1111  0.1843  120 LEU A CA  
763 C C   . LEU A 93  ? 0.8142 0.6089 0.4817 0.0987  0.1121  0.1735  120 LEU A C   
764 O O   . LEU A 93  ? 0.7920 0.6189 0.4828 0.1101  0.0894  0.1722  120 LEU A O   
765 C CB  . LEU A 93  ? 0.9082 0.6914 0.5389 0.1396  0.0968  0.2009  120 LEU A CB  
766 C CG  . LEU A 93  ? 0.9724 0.7420 0.5665 0.1529  0.0969  0.2134  120 LEU A CG  
767 C CD1 . LEU A 93  ? 1.0738 0.8248 0.6611 0.1799  0.0955  0.2304  120 LEU A CD1 
768 C CD2 . LEU A 93  ? 0.9273 0.7392 0.5169 0.1570  0.0699  0.2072  120 LEU A CD2 
769 N N   . SER A 94  ? 0.8675 0.6369 0.5397 0.0762  0.1374  0.1639  121 SER A N   
770 C CA  . SER A 94  ? 0.7485 0.5239 0.4493 0.0657  0.1402  0.1524  121 SER A CA  
771 C C   . SER A 94  ? 0.6846 0.5029 0.4002 0.0526  0.1266  0.1361  121 SER A C   
772 O O   . SER A 94  ? 0.6630 0.4967 0.3685 0.0392  0.1279  0.1261  121 SER A O   
773 C CB  . SER A 94  ? 0.7077 0.4464 0.4098 0.0438  0.1690  0.1423  121 SER A CB  
774 O OG  . SER A 94  ? 0.8002 0.4961 0.4862 0.0572  0.1826  0.1562  121 SER A OG  
775 N N   . SER A 95  ? 0.6834 0.5288 0.4352 0.0554  0.1095  0.1270  122 SER A N   
776 C CA  . SER A 95  ? 0.5750 0.4650 0.3537 0.0428  0.0916  0.1053  122 SER A CA  
777 C C   . SER A 95  ? 0.5602 0.4559 0.3707 0.0365  0.0915  0.0943  122 SER A C   
778 O O   . SER A 95  ? 0.5909 0.4689 0.4084 0.0489  0.0957  0.1052  122 SER A O   
779 C CB  . SER A 95  ? 0.6282 0.5543 0.4123 0.0585  0.0615  0.1075  122 SER A CB  
780 O OG  . SER A 95  ? 0.7651 0.7013 0.5713 0.0760  0.0463  0.1163  122 SER A OG  
781 N N   . VAL A 96  ? 0.4345 0.3546 0.2615 0.0189  0.0881  0.0729  123 VAL A N   
782 C CA  . VAL A 96  ? 0.4140 0.3492 0.2695 0.0161  0.0810  0.0620  123 VAL A CA  
783 C C   . VAL A 96  ? 0.4286 0.3992 0.3026 0.0272  0.0535  0.0612  123 VAL A C   
784 O O   . VAL A 96  ? 0.4223 0.4159 0.2928 0.0242  0.0410  0.0531  123 VAL A O   
785 C CB  . VAL A 96  ? 0.4411 0.3855 0.3030 -0.0058 0.0896  0.0395  123 VAL A CB  
786 C CG1 . VAL A 96  ? 0.4591 0.4165 0.3444 -0.0052 0.0817  0.0304  123 VAL A CG1 
787 C CG2 . VAL A 96  ? 0.5454 0.4552 0.3906 -0.0213 0.1177  0.0372  123 VAL A CG2 
788 N N   . GLN A 97  ? 0.3978 0.3721 0.2916 0.0396  0.0456  0.0690  124 GLN A N   
789 C CA  . GLN A 97  ? 0.3756 0.3809 0.2901 0.0481  0.0215  0.0686  124 GLN A CA  
790 C C   . GLN A 97  ? 0.3695 0.3869 0.3081 0.0418  0.0187  0.0574  124 GLN A C   
791 O O   . GLN A 97  ? 0.4216 0.4236 0.3620 0.0358  0.0340  0.0536  124 GLN A O   
792 C CB  . GLN A 97  ? 0.3910 0.3977 0.3132 0.0677  0.0135  0.0865  124 GLN A CB  
793 C CG  . GLN A 97  ? 0.4967 0.4936 0.3910 0.0790  0.0121  0.0998  124 GLN A CG  
794 C CD  . GLN A 97  ? 0.7559 0.7618 0.6608 0.1016  0.0005  0.1164  124 GLN A CD  
795 O OE1 . GLN A 97  ? 0.8935 0.9258 0.8012 0.1103  -0.0216 0.1177  124 GLN A OE1 
796 N NE2 . GLN A 97  ? 0.7793 0.7647 0.6906 0.1117  0.0150  0.1279  124 GLN A NE2 
797 N N   . LEU A 98  ? 0.2934 0.3361 0.2476 0.0428  -0.0003 0.0518  125 LEU A N   
798 C CA  . LEU A 98  ? 0.3082 0.3593 0.2823 0.0388  -0.0028 0.0441  125 LEU A CA  
799 C C   . LEU A 98  ? 0.2987 0.3678 0.2976 0.0466  -0.0183 0.0502  125 LEU A C   
800 O O   . LEU A 98  ? 0.3267 0.4111 0.3257 0.0497  -0.0348 0.0500  125 LEU A O   
801 C CB  . LEU A 98  ? 0.2565 0.3173 0.2235 0.0288  -0.0077 0.0273  125 LEU A CB  
802 C CG  . LEU A 98  ? 0.2714 0.3373 0.2524 0.0270  -0.0107 0.0207  125 LEU A CG  
803 C CD1 . LEU A 98  ? 0.3208 0.3902 0.2886 0.0197  -0.0083 0.0055  125 LEU A CD1 
804 C CD2 . LEU A 98  ? 0.2761 0.3563 0.2728 0.0304  -0.0280 0.0212  125 LEU A CD2 
805 N N   A ARG A 99  ? 0.3071 0.3753 0.3273 0.0491  -0.0120 0.0546  126 ARG A N   
806 N N   B ARG A 99  ? 0.2940 0.3628 0.3146 0.0485  -0.0124 0.0540  126 ARG A N   
807 C CA  A ARG A 99  ? 0.3078 0.3958 0.3576 0.0516  -0.0235 0.0571  126 ARG A CA  
808 C CA  B ARG A 99  ? 0.3156 0.4042 0.3661 0.0520  -0.0240 0.0574  126 ARG A CA  
809 C C   A ARG A 99  ? 0.2618 0.3470 0.3175 0.0432  -0.0201 0.0483  126 ARG A C   
810 C C   B ARG A 99  ? 0.2563 0.3428 0.3165 0.0442  -0.0197 0.0502  126 ARG A C   
811 O O   A ARG A 99  ? 0.2066 0.2760 0.2513 0.0405  -0.0054 0.0455  126 ARG A O   
812 O O   B ARG A 99  ? 0.2587 0.3305 0.3148 0.0434  -0.0035 0.0505  126 ARG A O   
813 C CB  A ARG A 99  ? 0.3319 0.4239 0.4043 0.0628  -0.0170 0.0707  126 ARG A CB  
814 C CB  B ARG A 99  ? 0.3389 0.4316 0.4092 0.0642  -0.0185 0.0718  126 ARG A CB  
815 C CG  A ARG A 99  ? 0.3859 0.4702 0.4448 0.0754  -0.0144 0.0823  126 ARG A CG  
816 C CG  B ARG A 99  ? 0.4002 0.5192 0.5087 0.0657  -0.0283 0.0741  126 ARG A CG  
817 C CD  A ARG A 99  ? 0.4147 0.5120 0.4602 0.0781  -0.0331 0.0818  126 ARG A CD  
818 C CD  B ARG A 99  ? 0.4700 0.6031 0.6004 0.0814  -0.0275 0.0879  126 ARG A CD  
819 N NE  A ARG A 99  ? 0.4517 0.5404 0.4819 0.0935  -0.0308 0.0960  126 ARG A NE  
820 N NE  B ARG A 99  ? 0.4637 0.5764 0.5929 0.0888  -0.0047 0.0959  126 ARG A NE  
821 C CZ  A ARG A 99  ? 0.3763 0.4662 0.3821 0.0980  -0.0409 0.0982  126 ARG A CZ  
822 C CZ  B ARG A 99  ? 0.4574 0.5729 0.6101 0.0880  0.0080  0.0969  126 ARG A CZ  
823 N NH1 A ARG A 99  ? 0.4353 0.5360 0.4310 0.0879  -0.0540 0.0857  126 ARG A NH1 
824 N NH1 B ARG A 99  ? 0.3804 0.5174 0.5607 0.0788  0.0012  0.0920  126 ARG A NH1 
825 N NH2 A ARG A 99  ? 0.4726 0.5505 0.4608 0.1144  -0.0370 0.1136  126 ARG A NH2 
826 N NH2 B ARG A 99  ? 0.6184 0.7128 0.7655 0.0959  0.0291  0.1029  126 ARG A NH2 
827 N N   . GLY A 100 ? 0.2519 0.3503 0.3219 0.0391  -0.0336 0.0435  127 GLY A N   
828 C CA  . GLY A 100 ? 0.3853 0.4764 0.4575 0.0330  -0.0294 0.0376  127 GLY A CA  
829 C C   . GLY A 100 ? 0.2913 0.3941 0.3902 0.0287  -0.0387 0.0376  127 GLY A C   
830 O O   . GLY A 100 ? 0.2973 0.4182 0.4116 0.0288  -0.0529 0.0378  127 GLY A O   
831 N N   . TYR A 101 ? 0.3127 0.4043 0.4156 0.0245  -0.0299 0.0368  128 TYR A N   
832 C CA  . TYR A 101 ? 0.3154 0.4109 0.4421 0.0170  -0.0335 0.0363  128 TYR A CA  
833 C C   . TYR A 101 ? 0.2957 0.3692 0.4006 0.0140  -0.0327 0.0292  128 TYR A C   
834 O O   . TYR A 101 ? 0.2959 0.3533 0.3784 0.0184  -0.0216 0.0298  128 TYR A O   
835 C CB  . TYR A 101 ? 0.3191 0.4189 0.4741 0.0164  -0.0178 0.0464  128 TYR A CB  
836 C CG  . TYR A 101 ? 0.3281 0.4529 0.5092 0.0226  -0.0197 0.0539  128 TYR A CG  
837 C CD1 . TYR A 101 ? 0.3727 0.4929 0.5404 0.0333  -0.0112 0.0598  128 TYR A CD1 
838 C CD2 . TYR A 101 ? 0.4325 0.5854 0.6515 0.0183  -0.0303 0.0542  128 TYR A CD2 
839 C CE1 . TYR A 101 ? 0.4120 0.5513 0.6002 0.0427  -0.0126 0.0683  128 TYR A CE1 
840 C CE2 . TYR A 101 ? 0.3925 0.5721 0.6354 0.0277  -0.0338 0.0616  128 TYR A CE2 
841 C CZ  . TYR A 101 ? 0.4952 0.6660 0.7209 0.0416  -0.0247 0.0696  128 TYR A CZ  
842 O OH  . TYR A 101 ? 0.5970 0.7906 0.8431 0.0547  -0.0276 0.0784  128 TYR A OH  
843 N N   . ALA A 102 ? 0.2738 0.3461 0.3834 0.0075  -0.0451 0.0219  129 ALA A N   
844 C CA  . ALA A 102 ? 0.2935 0.3418 0.3803 0.0073  -0.0457 0.0153  129 ALA A CA  
845 C C   . ALA A 102 ? 0.3656 0.3969 0.4671 -0.0002 -0.0343 0.0204  129 ALA A C   
846 O O   . ALA A 102 ? 0.3474 0.3918 0.4835 -0.0099 -0.0325 0.0239  129 ALA A O   
847 C CB  . ALA A 102 ? 0.3198 0.3704 0.3978 0.0057  -0.0641 0.0030  129 ALA A CB  
848 N N   . PHE A 103 ? 0.3322 0.3350 0.4071 0.0047  -0.0259 0.0211  130 PHE A N   
849 C CA  . PHE A 103 ? 0.3707 0.3496 0.4516 -0.0012 -0.0108 0.0285  130 PHE A CA  
850 C C   . PHE A 103 ? 0.4524 0.3978 0.5052 0.0024  -0.0133 0.0236  130 PHE A C   
851 O O   . PHE A 103 ? 0.4246 0.3645 0.4459 0.0155  -0.0206 0.0180  130 PHE A O   
852 C CB  . PHE A 103 ? 0.3413 0.3126 0.4124 0.0055  0.0092  0.0400  130 PHE A CB  
853 C CG  . PHE A 103 ? 0.3506 0.3490 0.4498 0.0035  0.0156  0.0459  130 PHE A CG  
854 C CD1 . PHE A 103 ? 0.3185 0.3356 0.4119 0.0105  0.0087  0.0429  130 PHE A CD1 
855 C CD2 . PHE A 103 ? 0.3808 0.3843 0.5121 -0.0050 0.0305  0.0546  130 PHE A CD2 
856 C CE1 . PHE A 103 ? 0.3298 0.3664 0.4456 0.0115  0.0156  0.0491  130 PHE A CE1 
857 C CE2 . PHE A 103 ? 0.3445 0.3738 0.5019 -0.0035 0.0368  0.0600  130 PHE A CE2 
858 C CZ  . PHE A 103 ? 0.3132 0.3567 0.4609 0.0061  0.0291  0.0577  130 PHE A CZ  
859 N N   . ARG A 104 ? 0.4352 0.3581 0.5005 -0.0092 -0.0060 0.0256  131 ARG A N   
860 C CA  . ARG A 104 ? 0.5307 0.4139 0.5676 -0.0050 -0.0062 0.0221  131 ARG A CA  
861 C C   . ARG A 104 ? 0.5963 0.4560 0.5905 0.0148  0.0029  0.0296  131 ARG A C   
862 O O   . ARG A 104 ? 0.6535 0.4994 0.6165 0.0292  -0.0061 0.0234  131 ARG A O   
863 C CB  . ARG A 104 ? 0.6015 0.4584 0.6582 -0.0228 0.0057  0.0250  131 ARG A CB  
864 C CG  . ARG A 104 ? 0.6778 0.4842 0.7014 -0.0174 0.0085  0.0228  131 ARG A CG  
865 C CD  . ARG A 104 ? 0.8189 0.6090 0.8676 -0.0397 0.0076  0.0137  131 ARG A CD  
866 N NE  . ARG A 104 ? 0.8463 0.6331 0.9284 -0.0601 0.0273  0.0227  131 ARG A NE  
867 C CZ  . ARG A 104 ? 0.9707 0.7127 1.0521 -0.0737 0.0442  0.0257  131 ARG A CZ  
868 N NH1 . ARG A 104 ? 1.0269 0.7202 1.0733 -0.0670 0.0427  0.0208  131 ARG A NH1 
869 N NH2 . ARG A 104 ? 1.0520 0.7967 1.1678 -0.0937 0.0642  0.0336  131 ARG A NH2 
870 N N   . ASP A 105 ? 0.6182 0.4755 0.6099 0.0172  0.0201  0.0422  132 ASP A N   
871 C CA  . ASP A 105 ? 0.7766 0.6232 0.7280 0.0371  0.0251  0.0471  132 ASP A CA  
872 C C   . ASP A 105 ? 0.8446 0.7172 0.8036 0.0382  0.0327  0.0515  132 ASP A C   
873 O O   . ASP A 105 ? 0.9714 0.8399 0.9438 0.0315  0.0506  0.0621  132 ASP A O   
874 C CB  . ASP A 105 ? 0.9678 0.7667 0.8896 0.0441  0.0415  0.0587  132 ASP A CB  
875 C CG  . ASP A 105 ? 1.0854 0.8666 1.0340 0.0250  0.0613  0.0688  132 ASP A CG  
876 O OD1 . ASP A 105 ? 1.1368 0.8737 1.0683 0.0243  0.0732  0.0757  132 ASP A OD1 
877 O OD2 . ASP A 105 ? 1.0987 0.9102 1.0862 0.0109  0.0658  0.0697  132 ASP A OD2 
# 
